data_7BBJ
#
_entry.id   7BBJ
#
_cell.length_a   133.350
_cell.length_b   67.740
_cell.length_c   150.050
_cell.angle_alpha   90.00
_cell.angle_beta   100.13
_cell.angle_gamma   90.00
#
_symmetry.space_group_name_H-M   'P 1 21 1'
#
loop_
_entity.id
_entity.type
_entity.pdbx_description
1 polymer "5'-nucleotidase"
2 polymer 'heavy chain mAb19'
3 polymer 'light chain mAB19'
4 non-polymer 'ZINC ION'
5 non-polymer 'MAGNESIUM ION'
6 water water
#
loop_
_entity_poly.entity_id
_entity_poly.type
_entity_poly.pdbx_seq_one_letter_code
_entity_poly.pdbx_strand_id
1 'polypeptide(L)'
;MAHHHHHHVGTGSNDDDDKSPDPWELTILHTNDVHSRLEQTSEDSSKCVDASRCMGGVARLFTKVQQIRRAEPNVLLLDA
GDQYQGTIWFTVYKGAEVAHFMNALRYDAMALGNHEFDNGVEGLIEPLLKEAKFPILSANISASGPLASQISGLYLPYKV
LPVGDEVVGIVGYTSKETPFLSNPGTNLVFEDEITALQPEVDKLKTLNVNKIIALGHSGFEMDKLIAQKVRGVDVVVGGH
SNTFLYTGNPPSKEVPAGKYPFIVTSDDGRKVPVVQAYAFGKYLGYLKIEFDERGNVISSHGNPILLDSSIPEDPSIKAD
INKWRIKLDDYSTQELGKTIVYLDGSSQSCRFRECNMGNLICDAMINNNLRHADEMFWNHVSMCILNGGGIRSPIDERND
GTITWENLAAVLPFGGTFDLVQLKGSTLKKAFEHSVHRYGQSTGEFLQVGGIHVVYDLSRKPGDRVVKLDVLCTSCRVPS
YDPLKMDEVYKVILPNFLANGGDGFQMIKDELLRHDSGDQDINVVSTYISKMKVIYPAVEGRIKFS
;
A,B
2 'polypeptide(L)'
;QVQLVQSGAEVKKPGDSVKVSCKASGYTFTTYWMHWVRQAPGQGLEWMGAIYPGLSDTTYNQKFKGKVTMTRDTSTSTVY
MKLSSLRSEDTAVYYCARLLDYAMDYWGQGTLVTVSSASTKGPSVFPLAPSSKSTSGGTAALGCLVKDYFPEPVTVSWNS
GALTSGVHTFPAVLQSSGLYSLSSVVTVPSSSLGTQTYICNVNHKPSNTKVDKRVEPKSCDK
;
H,M
3 'polypeptide(L)'
;DIQMTQSPSSLSASVGDRVTITCRASQDIRSYLNWHQQKPGKAPKLLIWYTSRLHSGVPSRFSGSGSGTDYTLTISSLQP
EDFATYFCQQGETLPWTFGQGTKLEIKRTVAAPSVFIFPPSDEQLKSGTASVVCLLNNFYPREAKVQWKVDNALQSGNSQ
ESVTEQDSKDSTYSLSSTLTLSKADYEKHKVYACEVTHQGLSSPVTKSFNRGEC
;
L,N
#
loop_
_chem_comp.id
_chem_comp.type
_chem_comp.name
_chem_comp.formula
MG non-polymer 'MAGNESIUM ION' 'Mg 2'
ZN non-polymer 'ZINC ION' 'Zn 2'
#
# COMPACT_ATOMS: atom_id res chain seq x y z
N PRO A 23 42.62 25.19 -34.15
CA PRO A 23 41.15 25.25 -34.03
C PRO A 23 40.53 23.98 -33.47
N TRP A 24 39.73 24.11 -32.39
CA TRP A 24 39.05 23.00 -31.72
C TRP A 24 37.64 22.83 -32.27
N GLU A 25 37.38 21.66 -32.87
CA GLU A 25 36.07 21.33 -33.48
C GLU A 25 35.15 20.52 -32.55
N LEU A 26 33.91 21.01 -32.35
CA LEU A 26 32.89 20.38 -31.51
C LEU A 26 31.68 19.96 -32.34
N THR A 27 31.23 18.71 -32.13
CA THR A 27 30.05 18.15 -32.80
C THR A 27 28.88 18.10 -31.80
N ILE A 28 27.86 18.93 -32.05
CA ILE A 28 26.66 18.99 -31.20
C ILE A 28 25.54 18.15 -31.84
N LEU A 29 25.16 17.07 -31.14
CA LEU A 29 24.08 16.18 -31.51
C LEU A 29 22.89 16.54 -30.62
N HIS A 30 21.73 16.83 -31.21
CA HIS A 30 20.60 17.25 -30.39
C HIS A 30 19.24 16.77 -30.85
N THR A 31 18.34 16.59 -29.87
CA THR A 31 16.96 16.18 -30.03
C THR A 31 16.12 17.16 -29.19
N ASN A 32 14.87 17.37 -29.59
CA ASN A 32 13.92 18.24 -28.90
C ASN A 32 12.52 17.74 -29.23
N ASP A 33 11.58 17.91 -28.29
CA ASP A 33 10.17 17.50 -28.44
C ASP A 33 9.97 16.09 -29.00
N VAL A 34 10.65 15.09 -28.40
CA VAL A 34 10.60 13.66 -28.79
C VAL A 34 9.18 13.09 -28.54
N HIS A 35 8.52 13.54 -27.47
CA HIS A 35 7.16 13.21 -27.10
C HIS A 35 6.82 11.73 -27.15
N SER A 36 7.48 10.93 -26.28
CA SER A 36 7.28 9.48 -26.10
C SER A 36 7.29 8.65 -27.40
N ARG A 37 7.83 9.18 -28.50
CA ARG A 37 7.97 8.44 -29.75
C ARG A 37 9.23 7.55 -29.67
N LEU A 38 9.21 6.60 -28.73
CA LEU A 38 10.31 5.66 -28.47
C LEU A 38 10.38 4.57 -29.52
N GLU A 39 9.21 4.04 -29.94
CA GLU A 39 9.09 3.04 -31.00
C GLU A 39 9.18 3.80 -32.32
N GLN A 40 9.62 3.14 -33.41
CA GLN A 40 9.69 3.77 -34.72
C GLN A 40 8.29 4.15 -35.23
N THR A 41 8.21 5.28 -35.93
CA THR A 41 6.96 5.85 -36.43
C THR A 41 6.91 5.86 -37.96
N SER A 42 5.80 6.38 -38.52
CA SER A 42 5.59 6.56 -39.95
C SER A 42 6.31 7.84 -40.37
N GLU A 43 6.23 8.21 -41.67
CA GLU A 43 6.83 9.45 -42.17
C GLU A 43 6.14 10.69 -41.56
N ASP A 44 4.87 10.54 -41.12
CA ASP A 44 4.05 11.58 -40.48
C ASP A 44 4.00 11.49 -38.93
N SER A 45 4.96 10.74 -38.34
CA SER A 45 5.17 10.53 -36.89
C SER A 45 4.02 9.80 -36.15
N SER A 46 3.12 9.13 -36.89
CA SER A 46 2.02 8.32 -36.35
C SER A 46 2.49 6.86 -36.20
N LYS A 47 1.60 5.94 -35.79
CA LYS A 47 1.93 4.51 -35.61
C LYS A 47 2.50 3.88 -36.89
N CYS A 48 3.57 3.08 -36.74
CA CYS A 48 4.28 2.39 -37.84
C CYS A 48 3.38 1.33 -38.47
N VAL A 49 3.23 1.36 -39.81
CA VAL A 49 2.41 0.41 -40.56
C VAL A 49 3.31 -0.40 -41.50
N ASP A 50 3.99 0.27 -42.45
CA ASP A 50 4.92 -0.36 -43.38
C ASP A 50 6.32 -0.23 -42.77
N ALA A 51 6.80 -1.31 -42.11
CA ALA A 51 8.09 -1.37 -41.42
C ALA A 51 9.31 -1.09 -42.30
N SER A 52 9.22 -1.36 -43.61
CA SER A 52 10.30 -1.13 -44.59
C SER A 52 10.55 0.36 -44.86
N ARG A 53 9.51 1.20 -44.68
CA ARG A 53 9.59 2.65 -44.89
C ARG A 53 9.30 3.44 -43.61
N CYS A 54 9.55 2.83 -42.43
CA CYS A 54 9.35 3.48 -41.14
C CYS A 54 10.58 4.25 -40.68
N MET A 55 10.38 5.33 -39.90
CA MET A 55 11.43 6.25 -39.43
C MET A 55 11.44 6.46 -37.92
N GLY A 56 12.46 7.17 -37.44
CA GLY A 56 12.62 7.51 -36.04
C GLY A 56 12.91 6.34 -35.13
N GLY A 57 12.49 6.47 -33.87
CA GLY A 57 12.71 5.43 -32.88
C GLY A 57 13.99 5.63 -32.10
N VAL A 58 13.97 5.24 -30.83
CA VAL A 58 15.07 5.38 -29.90
C VAL A 58 16.24 4.41 -30.22
N ALA A 59 15.93 3.25 -30.84
CA ALA A 59 16.93 2.25 -31.22
C ALA A 59 17.75 2.71 -32.43
N ARG A 60 17.09 3.33 -33.42
CA ARG A 60 17.70 3.86 -34.63
C ARG A 60 18.61 5.05 -34.31
N LEU A 61 18.19 5.89 -33.34
CA LEU A 61 18.95 7.04 -32.86
C LEU A 61 20.25 6.56 -32.23
N PHE A 62 20.17 5.47 -31.43
CA PHE A 62 21.31 4.85 -30.76
C PHE A 62 22.39 4.46 -31.77
N THR A 63 21.98 3.88 -32.92
CA THR A 63 22.84 3.45 -34.01
C THR A 63 23.60 4.66 -34.59
N LYS A 64 22.86 5.73 -34.95
CA LYS A 64 23.44 6.94 -35.54
C LYS A 64 24.35 7.69 -34.57
N VAL A 65 23.95 7.77 -33.28
CA VAL A 65 24.74 8.44 -32.23
C VAL A 65 26.07 7.70 -32.04
N GLN A 66 26.02 6.36 -31.97
CA GLN A 66 27.18 5.50 -31.80
C GLN A 66 28.11 5.56 -33.02
N GLN A 67 27.53 5.73 -34.22
CA GLN A 67 28.28 5.85 -35.47
C GLN A 67 29.11 7.14 -35.47
N ILE A 68 28.49 8.28 -35.07
CA ILE A 68 29.12 9.61 -34.99
C ILE A 68 30.22 9.63 -33.93
N ARG A 69 29.91 9.13 -32.71
CA ARG A 69 30.86 9.03 -31.59
C ARG A 69 32.16 8.31 -31.97
N ARG A 70 32.06 7.27 -32.82
CA ARG A 70 33.20 6.49 -33.30
C ARG A 70 34.04 7.29 -34.30
N ALA A 71 33.41 8.21 -35.05
CA ALA A 71 34.06 9.02 -36.08
C ALA A 71 34.59 10.39 -35.62
N GLU A 72 33.84 11.11 -34.76
CA GLU A 72 34.23 12.44 -34.26
C GLU A 72 34.78 12.38 -32.82
N PRO A 73 35.90 13.08 -32.51
CA PRO A 73 36.47 13.02 -31.15
C PRO A 73 35.74 13.85 -30.09
N ASN A 74 35.14 15.00 -30.49
CA ASN A 74 34.42 15.87 -29.55
C ASN A 74 32.93 15.87 -29.87
N VAL A 75 32.16 15.04 -29.14
CA VAL A 75 30.72 14.86 -29.33
C VAL A 75 29.95 15.19 -28.04
N LEU A 76 28.79 15.84 -28.18
CA LEU A 76 27.87 16.18 -27.10
C LEU A 76 26.44 15.89 -27.54
N LEU A 77 25.74 14.98 -26.82
CA LEU A 77 24.35 14.62 -27.09
C LEU A 77 23.48 15.39 -26.11
N LEU A 78 22.68 16.33 -26.63
CA LEU A 78 21.85 17.19 -25.79
C LEU A 78 20.36 17.09 -26.11
N ASP A 79 19.51 17.23 -25.09
CA ASP A 79 18.06 17.23 -25.30
C ASP A 79 17.52 18.56 -24.83
N ALA A 80 16.67 19.19 -25.66
CA ALA A 80 16.09 20.49 -25.35
C ALA A 80 14.65 20.43 -24.82
N GLY A 81 14.34 19.39 -24.05
CA GLY A 81 13.04 19.18 -23.40
C GLY A 81 11.96 18.51 -24.23
N ASP A 82 10.81 18.29 -23.59
CA ASP A 82 9.57 17.69 -24.09
C ASP A 82 9.74 16.24 -24.56
N GLN A 83 10.31 15.42 -23.68
CA GLN A 83 10.46 13.99 -23.90
C GLN A 83 9.14 13.36 -23.44
N TYR A 84 8.54 13.97 -22.40
CA TYR A 84 7.29 13.63 -21.74
C TYR A 84 6.07 13.94 -22.62
N GLN A 85 5.00 13.11 -22.50
CA GLN A 85 3.68 13.21 -23.17
C GLN A 85 3.74 12.91 -24.65
N GLY A 86 2.95 11.94 -25.11
CA GLY A 86 2.93 11.61 -26.52
C GLY A 86 2.23 10.34 -26.93
N THR A 87 2.51 9.23 -26.21
CA THR A 87 1.95 7.90 -26.52
C THR A 87 1.52 7.15 -25.25
N ILE A 88 1.22 5.84 -25.38
CA ILE A 88 0.85 4.91 -24.30
C ILE A 88 2.07 4.64 -23.38
N TRP A 89 3.30 4.85 -23.90
CA TRP A 89 4.56 4.69 -23.18
C TRP A 89 4.57 5.62 -21.96
N PHE A 90 4.22 6.91 -22.17
CA PHE A 90 4.17 7.91 -21.11
C PHE A 90 3.01 7.65 -20.17
N THR A 91 1.87 7.20 -20.73
CA THR A 91 0.64 6.89 -19.99
C THR A 91 0.90 5.82 -18.93
N VAL A 92 1.64 4.76 -19.31
CA VAL A 92 1.95 3.60 -18.47
C VAL A 92 3.22 3.78 -17.60
N TYR A 93 4.37 4.09 -18.23
CA TYR A 93 5.66 4.21 -17.53
C TYR A 93 5.89 5.56 -16.84
N LYS A 94 5.03 6.56 -17.15
CA LYS A 94 4.97 7.89 -16.52
C LYS A 94 6.33 8.63 -16.32
N GLY A 95 7.27 8.42 -17.24
CA GLY A 95 8.58 9.07 -17.21
C GLY A 95 9.78 8.15 -17.01
N ALA A 96 9.54 6.92 -16.53
CA ALA A 96 10.59 5.92 -16.27
C ALA A 96 11.25 5.42 -17.57
N GLU A 97 10.48 5.46 -18.68
CA GLU A 97 10.90 5.07 -20.01
C GLU A 97 11.89 6.10 -20.57
N VAL A 98 11.64 7.40 -20.27
CA VAL A 98 12.46 8.54 -20.68
C VAL A 98 13.81 8.42 -19.97
N ALA A 99 13.79 8.22 -18.63
CA ALA A 99 14.98 8.06 -17.80
C ALA A 99 15.83 6.90 -18.27
N HIS A 100 15.20 5.72 -18.50
CA HIS A 100 15.86 4.50 -18.94
C HIS A 100 16.51 4.63 -20.31
N PHE A 101 15.75 5.06 -21.33
CA PHE A 101 16.27 5.12 -22.70
C PHE A 101 17.24 6.29 -22.94
N MET A 102 17.09 7.42 -22.23
CA MET A 102 18.03 8.55 -22.37
C MET A 102 19.38 8.21 -21.74
N ASN A 103 19.34 7.35 -20.68
CA ASN A 103 20.51 6.83 -19.95
C ASN A 103 21.26 5.85 -20.86
N ALA A 104 20.50 5.02 -21.59
CA ALA A 104 21.00 4.03 -22.55
C ALA A 104 21.72 4.72 -23.73
N LEU A 105 21.13 5.82 -24.24
CA LEU A 105 21.69 6.60 -25.34
C LEU A 105 22.85 7.52 -24.90
N ARG A 106 23.08 7.60 -23.58
CA ARG A 106 24.13 8.36 -22.91
C ARG A 106 24.12 9.86 -23.24
N TYR A 107 22.96 10.51 -23.05
CA TYR A 107 22.80 11.95 -23.24
C TYR A 107 23.75 12.66 -22.25
N ASP A 108 24.39 13.74 -22.71
CA ASP A 108 25.34 14.52 -21.93
C ASP A 108 24.65 15.52 -20.99
N ALA A 109 23.49 16.10 -21.40
CA ALA A 109 22.69 17.07 -20.64
C ALA A 109 21.29 17.26 -21.23
N MET A 110 20.29 17.53 -20.36
CA MET A 110 18.90 17.78 -20.79
C MET A 110 18.41 19.11 -20.22
N ALA A 111 17.49 19.77 -20.92
CA ALA A 111 16.86 21.00 -20.45
C ALA A 111 15.41 20.65 -20.13
N LEU A 112 14.79 21.34 -19.16
CA LEU A 112 13.41 21.08 -18.80
C LEU A 112 12.46 21.79 -19.75
N GLY A 113 11.45 21.05 -20.21
CA GLY A 113 10.40 21.53 -21.09
C GLY A 113 9.09 21.65 -20.32
N ASN A 114 8.05 22.21 -20.97
CA ASN A 114 6.73 22.37 -20.35
C ASN A 114 6.11 21.04 -19.92
N HIS A 115 6.13 20.04 -20.83
CA HIS A 115 5.55 18.71 -20.63
C HIS A 115 6.26 17.86 -19.56
N GLU A 116 7.39 18.31 -19.03
CA GLU A 116 8.06 17.58 -17.95
C GLU A 116 7.31 17.79 -16.61
N PHE A 117 6.39 18.78 -16.57
CA PHE A 117 5.57 19.12 -15.40
C PHE A 117 4.12 18.61 -15.52
N ASP A 118 3.82 17.80 -16.57
CA ASP A 118 2.50 17.26 -16.87
C ASP A 118 1.90 16.43 -15.74
N ASN A 119 2.73 15.65 -15.03
CA ASN A 119 2.27 14.84 -13.89
C ASN A 119 2.63 15.51 -12.56
N GLY A 120 2.66 16.84 -12.58
CA GLY A 120 2.99 17.65 -11.41
C GLY A 120 4.48 17.67 -11.14
N VAL A 121 4.89 18.36 -10.07
CA VAL A 121 6.29 18.46 -9.70
C VAL A 121 6.82 17.10 -9.15
N GLU A 122 5.93 16.29 -8.53
CA GLU A 122 6.27 14.96 -8.02
C GLU A 122 6.45 13.95 -9.15
N GLY A 123 5.77 14.19 -10.27
CA GLY A 123 5.84 13.34 -11.46
C GLY A 123 7.09 13.60 -12.29
N LEU A 124 7.93 14.57 -11.87
CA LEU A 124 9.19 14.95 -12.50
C LEU A 124 10.37 14.56 -11.59
N ILE A 125 10.24 14.90 -10.29
CA ILE A 125 11.26 14.63 -9.27
C ILE A 125 11.55 13.14 -9.16
N GLU A 126 10.50 12.34 -8.94
CA GLU A 126 10.65 10.90 -8.76
C GLU A 126 11.04 10.12 -10.04
N PRO A 127 10.28 10.11 -11.16
CA PRO A 127 10.72 9.30 -12.31
C PRO A 127 11.98 9.79 -13.03
N LEU A 128 12.02 11.07 -13.47
CA LEU A 128 13.15 11.57 -14.24
C LEU A 128 14.32 12.15 -13.41
N LEU A 129 14.11 13.25 -12.67
CA LEU A 129 15.15 13.97 -11.91
C LEU A 129 16.05 13.09 -11.02
N LYS A 130 15.46 12.04 -10.42
CA LYS A 130 16.19 11.15 -9.53
C LYS A 130 16.84 9.95 -10.23
N GLU A 131 16.31 9.52 -11.39
CA GLU A 131 16.84 8.35 -12.10
C GLU A 131 17.82 8.68 -13.25
N ALA A 132 17.75 9.90 -13.83
CA ALA A 132 18.64 10.32 -14.92
C ALA A 132 20.12 10.37 -14.52
N LYS A 133 21.00 9.78 -15.36
CA LYS A 133 22.46 9.71 -15.15
C LYS A 133 23.22 10.88 -15.82
N PHE A 134 22.51 11.97 -16.10
CA PHE A 134 23.04 13.19 -16.74
C PHE A 134 22.43 14.45 -16.08
N PRO A 135 23.06 15.65 -16.17
CA PRO A 135 22.45 16.85 -15.56
C PRO A 135 21.23 17.37 -16.30
N ILE A 136 20.17 17.72 -15.55
CA ILE A 136 18.94 18.30 -16.09
C ILE A 136 18.96 19.77 -15.70
N LEU A 137 18.91 20.66 -16.70
CA LEU A 137 19.08 22.10 -16.52
C LEU A 137 17.85 22.97 -16.74
N SER A 138 17.87 24.15 -16.08
CA SER A 138 16.91 25.26 -16.11
C SER A 138 17.30 26.34 -15.11
N ALA A 139 17.70 27.53 -15.62
CA ALA A 139 18.13 28.66 -14.78
C ALA A 139 16.98 29.59 -14.36
N ASN A 140 15.90 29.62 -15.16
CA ASN A 140 14.75 30.49 -14.90
C ASN A 140 13.58 29.82 -14.13
N ILE A 141 13.83 28.71 -13.42
CA ILE A 141 12.81 28.12 -12.54
C ILE A 141 13.28 28.36 -11.10
N SER A 142 12.48 29.08 -10.30
CA SER A 142 12.79 29.34 -8.89
C SER A 142 11.71 28.72 -8.00
N ALA A 143 12.11 28.14 -6.86
CA ALA A 143 11.20 27.44 -5.95
C ALA A 143 10.97 28.13 -4.62
N SER A 144 9.74 27.98 -4.08
CA SER A 144 9.30 28.54 -2.80
C SER A 144 8.49 27.51 -2.00
N GLY A 145 8.08 27.91 -0.79
CA GLY A 145 7.28 27.06 0.10
C GLY A 145 8.02 25.84 0.62
N PRO A 146 7.30 24.70 0.81
CA PRO A 146 7.97 23.49 1.33
C PRO A 146 8.80 22.75 0.27
N LEU A 147 8.47 22.96 -1.02
CA LEU A 147 9.15 22.34 -2.17
C LEU A 147 10.59 22.78 -2.31
N ALA A 148 10.87 24.09 -2.09
CA ALA A 148 12.17 24.73 -2.20
C ALA A 148 13.35 23.88 -1.70
N SER A 149 13.22 23.32 -0.49
CA SER A 149 14.25 22.47 0.13
C SER A 149 14.32 21.06 -0.44
N GLN A 150 13.19 20.53 -0.92
CA GLN A 150 13.07 19.19 -1.50
C GLN A 150 13.63 19.10 -2.93
N ILE A 151 13.37 20.13 -3.78
CA ILE A 151 13.78 20.18 -5.18
C ILE A 151 15.20 20.78 -5.39
N SER A 152 15.74 21.48 -4.37
CA SER A 152 17.06 22.13 -4.40
C SER A 152 18.19 21.18 -4.78
N GLY A 153 18.81 21.47 -5.93
CA GLY A 153 19.93 20.70 -6.46
C GLY A 153 19.57 19.60 -7.44
N LEU A 154 18.26 19.26 -7.56
CA LEU A 154 17.79 18.20 -8.45
C LEU A 154 17.87 18.62 -9.93
N TYR A 155 17.72 19.93 -10.17
CA TYR A 155 17.92 20.58 -11.47
C TYR A 155 18.91 21.71 -11.26
N LEU A 156 19.89 21.85 -12.17
CA LEU A 156 20.95 22.86 -12.06
C LEU A 156 20.74 24.03 -13.02
N PRO A 157 21.18 25.26 -12.66
CA PRO A 157 21.03 26.37 -13.63
C PRO A 157 21.97 26.21 -14.82
N TYR A 158 23.17 25.65 -14.57
CA TYR A 158 24.24 25.41 -15.55
C TYR A 158 25.05 24.16 -15.17
N LYS A 159 26.03 23.78 -16.02
CA LYS A 159 26.96 22.67 -15.80
C LYS A 159 28.10 22.73 -16.79
N VAL A 160 29.33 22.61 -16.29
CA VAL A 160 30.56 22.61 -17.09
C VAL A 160 30.85 21.16 -17.47
N LEU A 161 30.81 20.88 -18.77
CA LEU A 161 31.02 19.56 -19.32
C LEU A 161 32.39 19.39 -19.97
N PRO A 162 33.27 18.53 -19.40
CA PRO A 162 34.58 18.32 -20.05
C PRO A 162 34.41 17.52 -21.34
N VAL A 163 34.97 18.06 -22.44
CA VAL A 163 34.94 17.43 -23.77
C VAL A 163 36.40 17.29 -24.21
N GLY A 164 37.03 16.20 -23.74
CA GLY A 164 38.43 15.91 -23.99
C GLY A 164 39.35 16.85 -23.27
N ASP A 165 40.21 17.57 -24.04
CA ASP A 165 41.19 18.54 -23.54
C ASP A 165 40.56 19.90 -23.21
N GLU A 166 39.28 20.11 -23.57
CA GLU A 166 38.58 21.37 -23.35
C GLU A 166 37.35 21.22 -22.46
N VAL A 167 36.75 22.35 -22.05
CA VAL A 167 35.52 22.41 -21.26
C VAL A 167 34.46 23.29 -21.94
N VAL A 168 33.20 22.82 -21.91
CA VAL A 168 32.07 23.51 -22.52
C VAL A 168 30.97 23.70 -21.47
N GLY A 169 30.58 24.95 -21.23
CA GLY A 169 29.53 25.27 -20.30
C GLY A 169 28.17 25.20 -20.95
N ILE A 170 27.19 24.56 -20.27
CA ILE A 170 25.82 24.46 -20.78
C ILE A 170 24.87 25.09 -19.76
N VAL A 171 24.09 26.10 -20.20
CA VAL A 171 23.11 26.80 -19.38
C VAL A 171 21.69 26.51 -19.92
N GLY A 172 20.75 26.27 -19.03
CA GLY A 172 19.38 25.91 -19.40
C GLY A 172 18.30 26.93 -19.13
N TYR A 173 17.16 26.78 -19.83
CA TYR A 173 15.97 27.63 -19.71
C TYR A 173 14.69 26.91 -20.10
N THR A 174 13.57 27.27 -19.46
CA THR A 174 12.26 26.66 -19.69
C THR A 174 11.26 27.76 -20.04
N SER A 175 10.24 27.45 -20.87
CA SER A 175 9.18 28.38 -21.25
C SER A 175 8.55 29.01 -20.02
N LYS A 176 8.39 30.35 -20.06
CA LYS A 176 7.77 31.16 -19.02
C LYS A 176 6.27 30.83 -19.00
N GLU A 177 5.75 30.19 -20.07
CA GLU A 177 4.35 29.81 -20.27
C GLU A 177 3.96 28.42 -19.70
N THR A 178 4.90 27.70 -19.03
CA THR A 178 4.64 26.38 -18.45
C THR A 178 3.42 26.38 -17.49
N PRO A 179 3.20 27.41 -16.61
CA PRO A 179 2.00 27.38 -15.74
C PRO A 179 0.64 27.37 -16.46
N PHE A 180 0.59 27.74 -17.76
CA PHE A 180 -0.64 27.70 -18.58
C PHE A 180 -0.70 26.48 -19.50
N LEU A 181 0.45 25.77 -19.66
CA LEU A 181 0.56 24.61 -20.54
C LEU A 181 0.74 23.28 -19.83
N SER A 182 1.03 23.32 -18.53
CA SER A 182 1.28 22.10 -17.76
C SER A 182 0.90 22.30 -16.31
N ASN A 183 1.31 21.37 -15.42
CA ASN A 183 0.98 21.46 -14.00
C ASN A 183 2.22 21.60 -13.09
N PRO A 184 2.92 22.76 -13.09
CA PRO A 184 4.06 22.91 -12.18
C PRO A 184 3.69 23.20 -10.71
N GLY A 185 2.43 23.54 -10.44
CA GLY A 185 1.97 23.85 -9.09
C GLY A 185 2.24 25.29 -8.68
N THR A 186 1.89 25.63 -7.43
CA THR A 186 2.03 26.99 -6.87
C THR A 186 3.38 27.30 -6.19
N ASN A 187 4.30 26.31 -6.11
CA ASN A 187 5.59 26.52 -5.47
C ASN A 187 6.75 26.77 -6.47
N LEU A 188 6.47 26.85 -7.79
CA LEU A 188 7.49 27.13 -8.81
C LEU A 188 7.18 28.40 -9.60
N VAL A 189 8.20 29.26 -9.76
CA VAL A 189 8.11 30.52 -10.51
C VAL A 189 8.98 30.43 -11.77
N PHE A 190 8.40 30.76 -12.93
CA PHE A 190 9.09 30.76 -14.21
C PHE A 190 9.49 32.19 -14.58
N GLU A 191 10.78 32.53 -14.32
CA GLU A 191 11.35 33.86 -14.55
C GLU A 191 11.60 34.14 -16.04
N ASP A 192 11.83 35.43 -16.39
CA ASP A 192 12.14 35.84 -17.76
C ASP A 192 13.50 35.23 -18.08
N GLU A 193 13.59 34.64 -19.27
CA GLU A 193 14.76 33.92 -19.75
C GLU A 193 16.02 34.79 -19.83
N ILE A 194 16.01 35.90 -20.59
CA ILE A 194 17.17 36.79 -20.74
C ILE A 194 17.63 37.37 -19.36
N THR A 195 16.66 37.78 -18.51
CA THR A 195 16.91 38.33 -17.17
C THR A 195 17.57 37.29 -16.24
N ALA A 196 17.14 36.01 -16.30
CA ALA A 196 17.68 34.93 -15.48
C ALA A 196 18.97 34.28 -16.00
N LEU A 197 19.12 34.21 -17.34
CA LEU A 197 20.28 33.59 -17.99
C LEU A 197 21.58 34.35 -17.84
N GLN A 198 21.55 35.70 -18.04
CA GLN A 198 22.73 36.55 -17.99
C GLN A 198 23.58 36.39 -16.70
N PRO A 199 23.02 36.42 -15.45
CA PRO A 199 23.86 36.20 -14.26
C PRO A 199 24.53 34.83 -14.21
N GLU A 200 23.87 33.80 -14.78
CA GLU A 200 24.37 32.42 -14.83
C GLU A 200 25.44 32.27 -15.92
N VAL A 201 25.29 33.02 -17.04
CA VAL A 201 26.27 33.04 -18.14
C VAL A 201 27.53 33.76 -17.62
N ASP A 202 27.33 34.85 -16.86
CA ASP A 202 28.40 35.64 -16.24
C ASP A 202 29.20 34.83 -15.21
N LYS A 203 28.53 33.91 -14.49
CA LYS A 203 29.16 33.01 -13.51
C LYS A 203 30.09 32.02 -14.22
N LEU A 204 29.71 31.56 -15.41
CA LEU A 204 30.52 30.65 -16.22
C LEU A 204 31.77 31.37 -16.72
N LYS A 205 31.63 32.68 -17.04
CA LYS A 205 32.73 33.53 -17.49
C LYS A 205 33.76 33.71 -16.37
N THR A 206 33.30 33.83 -15.10
CA THR A 206 34.19 33.96 -13.93
C THR A 206 34.94 32.65 -13.68
N LEU A 207 34.32 31.50 -14.02
CA LEU A 207 34.90 30.16 -13.90
C LEU A 207 35.87 29.88 -15.07
N ASN A 208 36.09 30.90 -15.92
CA ASN A 208 36.94 30.94 -17.11
C ASN A 208 36.51 29.90 -18.18
N VAL A 209 35.18 29.78 -18.38
CA VAL A 209 34.57 28.92 -19.39
C VAL A 209 34.34 29.84 -20.60
N ASN A 210 35.08 29.59 -21.69
CA ASN A 210 35.03 30.39 -22.91
C ASN A 210 34.13 29.81 -24.03
N LYS A 211 33.54 28.63 -23.81
CA LYS A 211 32.65 27.97 -24.78
C LYS A 211 31.32 27.68 -24.10
N ILE A 212 30.27 28.48 -24.44
CA ILE A 212 28.96 28.38 -23.78
C ILE A 212 27.81 28.08 -24.76
N ILE A 213 27.03 27.03 -24.44
CA ILE A 213 25.85 26.58 -25.16
C ILE A 213 24.62 26.91 -24.30
N ALA A 214 23.59 27.54 -24.91
CA ALA A 214 22.32 27.82 -24.25
C ALA A 214 21.34 26.76 -24.78
N LEU A 215 21.03 25.76 -23.93
CA LEU A 215 20.15 24.64 -24.24
C LEU A 215 18.83 24.85 -23.48
N GLY A 216 17.73 25.06 -24.21
CA GLY A 216 16.44 25.31 -23.57
C GLY A 216 15.18 24.98 -24.34
N HIS A 217 14.02 25.22 -23.70
CA HIS A 217 12.70 24.91 -24.23
C HIS A 217 11.71 26.09 -24.11
N SER A 218 11.86 27.09 -24.98
CA SER A 218 11.01 28.28 -24.97
C SER A 218 10.47 28.69 -26.34
N GLY A 219 10.94 28.04 -27.41
CA GLY A 219 10.52 28.34 -28.78
C GLY A 219 11.58 29.06 -29.58
N PHE A 220 11.49 28.99 -30.91
CA PHE A 220 12.44 29.61 -31.85
C PHE A 220 12.61 31.14 -31.68
N GLU A 221 11.50 31.87 -31.52
CA GLU A 221 11.52 33.33 -31.35
C GLU A 221 12.33 33.74 -30.12
N MET A 222 12.13 33.04 -28.98
CA MET A 222 12.87 33.26 -27.74
C MET A 222 14.35 32.86 -27.90
N ASP A 223 14.64 31.77 -28.65
CA ASP A 223 16.00 31.29 -28.91
C ASP A 223 16.81 32.41 -29.58
N LYS A 224 16.21 33.05 -30.61
CA LYS A 224 16.77 34.18 -31.37
C LYS A 224 17.06 35.38 -30.46
N LEU A 225 16.17 35.64 -29.47
CA LEU A 225 16.31 36.74 -28.50
C LEU A 225 17.49 36.50 -27.57
N ILE A 226 17.63 35.27 -27.03
CA ILE A 226 18.74 34.88 -26.16
C ILE A 226 20.07 35.02 -26.93
N ALA A 227 20.10 34.57 -28.19
CA ALA A 227 21.26 34.66 -29.09
C ALA A 227 21.68 36.12 -29.32
N GLN A 228 20.70 37.02 -29.47
CA GLN A 228 20.93 38.44 -29.72
C GLN A 228 21.28 39.24 -28.46
N LYS A 229 20.57 38.97 -27.33
CA LYS A 229 20.70 39.76 -26.12
C LYS A 229 21.58 39.17 -24.98
N VAL A 230 21.62 37.84 -24.80
CA VAL A 230 22.43 37.23 -23.73
C VAL A 230 23.92 37.14 -24.16
N ARG A 231 24.73 38.11 -23.70
CA ARG A 231 26.17 38.20 -23.98
C ARG A 231 26.94 37.04 -23.36
N GLY A 232 27.76 36.37 -24.16
CA GLY A 232 28.57 35.24 -23.71
C GLY A 232 28.17 33.90 -24.30
N VAL A 233 26.90 33.78 -24.72
CA VAL A 233 26.31 32.59 -25.34
C VAL A 233 26.90 32.46 -26.77
N ASP A 234 27.50 31.30 -27.07
CA ASP A 234 28.12 31.03 -28.36
C ASP A 234 27.20 30.31 -29.35
N VAL A 235 26.29 29.46 -28.86
CA VAL A 235 25.33 28.70 -29.67
C VAL A 235 24.05 28.41 -28.85
N VAL A 236 22.88 28.50 -29.49
CA VAL A 236 21.56 28.26 -28.91
C VAL A 236 20.94 26.98 -29.53
N VAL A 237 20.61 25.99 -28.67
CA VAL A 237 19.98 24.72 -29.04
C VAL A 237 18.59 24.77 -28.40
N GLY A 238 17.56 24.84 -29.22
CA GLY A 238 16.19 24.98 -28.73
C GLY A 238 15.20 23.88 -29.04
N GLY A 239 13.95 24.17 -28.70
CA GLY A 239 12.79 23.29 -28.88
C GLY A 239 11.48 24.05 -28.77
N HIS A 240 10.41 23.36 -28.31
CA HIS A 240 9.04 23.87 -28.06
C HIS A 240 8.20 24.11 -29.32
N SER A 241 8.74 24.87 -30.28
CA SER A 241 8.11 25.27 -31.53
C SER A 241 8.18 24.23 -32.65
N ASN A 242 8.92 23.12 -32.45
CA ASN A 242 9.11 22.04 -33.43
C ASN A 242 9.66 22.58 -34.77
N THR A 243 10.48 23.64 -34.69
CA THR A 243 11.09 24.32 -35.82
C THR A 243 12.02 23.39 -36.58
N PHE A 244 11.85 23.33 -37.90
CA PHE A 244 12.69 22.54 -38.78
C PHE A 244 13.53 23.50 -39.60
N LEU A 245 14.86 23.40 -39.47
CA LEU A 245 15.81 24.22 -40.21
C LEU A 245 16.67 23.31 -41.08
N TYR A 246 16.85 23.68 -42.37
CA TYR A 246 17.64 22.88 -43.31
C TYR A 246 18.40 23.73 -44.30
N THR A 247 19.70 23.40 -44.47
CA THR A 247 20.58 24.03 -45.45
C THR A 247 20.63 23.08 -46.65
N GLY A 248 19.85 23.43 -47.67
CA GLY A 248 19.75 22.65 -48.90
C GLY A 248 18.38 22.07 -49.15
N ASN A 249 18.35 20.93 -49.84
CA ASN A 249 17.11 20.27 -50.19
C ASN A 249 16.60 19.36 -49.05
N PRO A 250 15.40 19.64 -48.48
CA PRO A 250 14.89 18.80 -47.38
C PRO A 250 14.73 17.33 -47.80
N PRO A 251 15.06 16.37 -46.90
CA PRO A 251 14.97 14.97 -47.28
C PRO A 251 13.57 14.35 -47.16
N SER A 252 12.66 15.02 -46.43
CA SER A 252 11.30 14.53 -46.20
C SER A 252 10.24 15.61 -46.44
N LYS A 253 9.04 15.46 -45.83
CA LYS A 253 7.88 16.32 -45.97
C LYS A 253 7.92 17.64 -45.20
N GLU A 254 8.88 17.80 -44.26
CA GLU A 254 9.01 19.02 -43.45
C GLU A 254 9.54 20.18 -44.26
N VAL A 255 8.89 21.35 -44.08
CA VAL A 255 9.22 22.60 -44.78
C VAL A 255 10.13 23.44 -43.89
N PRO A 256 11.37 23.74 -44.37
CA PRO A 256 12.30 24.54 -43.56
C PRO A 256 11.79 25.94 -43.25
N ALA A 257 12.00 26.38 -42.01
CA ALA A 257 11.63 27.72 -41.50
C ALA A 257 12.82 28.67 -41.71
N GLY A 258 13.98 28.10 -41.98
CA GLY A 258 15.23 28.81 -42.22
C GLY A 258 16.37 27.84 -42.48
N LYS A 259 17.58 28.37 -42.56
CA LYS A 259 18.78 27.56 -42.80
C LYS A 259 19.26 26.95 -41.49
N TYR A 260 20.07 25.89 -41.59
CA TYR A 260 20.67 25.21 -40.44
C TYR A 260 22.19 25.43 -40.50
N PRO A 261 22.77 26.20 -39.54
CA PRO A 261 22.11 26.88 -38.42
C PRO A 261 21.48 28.22 -38.83
N PHE A 262 20.64 28.78 -37.95
CA PHE A 262 20.06 30.09 -38.21
C PHE A 262 21.02 31.09 -37.55
N ILE A 263 21.74 31.89 -38.35
CA ILE A 263 22.73 32.84 -37.82
C ILE A 263 22.06 34.15 -37.35
N VAL A 264 22.22 34.44 -36.04
CA VAL A 264 21.70 35.64 -35.37
C VAL A 264 22.86 36.58 -35.08
N THR A 265 22.72 37.86 -35.45
CA THR A 265 23.75 38.86 -35.18
C THR A 265 23.44 39.47 -33.82
N SER A 266 24.27 39.14 -32.83
CA SER A 266 24.13 39.62 -31.45
C SER A 266 24.41 41.12 -31.33
N ASP A 267 23.91 41.74 -30.24
CA ASP A 267 24.10 43.17 -29.96
C ASP A 267 25.57 43.56 -29.73
N ASP A 268 26.43 42.58 -29.40
CA ASP A 268 27.87 42.79 -29.21
C ASP A 268 28.68 42.61 -30.50
N GLY A 269 28.01 42.21 -31.58
CA GLY A 269 28.62 42.04 -32.90
C GLY A 269 28.79 40.61 -33.40
N ARG A 270 28.88 39.63 -32.47
CA ARG A 270 29.08 38.21 -32.79
C ARG A 270 27.96 37.57 -33.63
N LYS A 271 28.34 36.57 -34.45
CA LYS A 271 27.44 35.78 -35.27
C LYS A 271 27.15 34.52 -34.46
N VAL A 272 25.91 34.38 -33.99
CA VAL A 272 25.49 33.28 -33.12
C VAL A 272 24.60 32.28 -33.86
N PRO A 273 25.05 31.00 -34.00
CA PRO A 273 24.17 29.99 -34.63
C PRO A 273 23.06 29.54 -33.67
N VAL A 274 21.84 29.34 -34.23
CA VAL A 274 20.65 28.87 -33.50
C VAL A 274 20.18 27.59 -34.20
N VAL A 275 19.97 26.51 -33.41
CA VAL A 275 19.56 25.21 -33.97
C VAL A 275 18.34 24.60 -33.29
N GLN A 276 17.58 23.80 -34.07
CA GLN A 276 16.41 23.02 -33.68
C GLN A 276 16.31 21.79 -34.59
N ALA A 277 15.83 20.65 -34.05
CA ALA A 277 15.74 19.38 -34.78
C ALA A 277 14.32 18.82 -34.93
N TYR A 278 13.36 19.71 -35.33
CA TYR A 278 11.95 19.41 -35.57
C TYR A 278 11.29 18.81 -34.28
N ALA A 279 10.78 17.56 -34.32
CA ALA A 279 10.13 16.87 -33.20
C ALA A 279 9.98 15.38 -33.49
N PHE A 280 9.40 14.64 -32.53
CA PHE A 280 9.04 13.22 -32.56
C PHE A 280 10.18 12.24 -32.91
N GLY A 281 11.42 12.67 -32.72
CA GLY A 281 12.60 11.84 -32.98
C GLY A 281 12.79 11.36 -34.40
N LYS A 282 12.34 12.16 -35.39
CA LYS A 282 12.46 11.88 -36.82
C LYS A 282 13.88 12.23 -37.31
N TYR A 283 14.44 13.32 -36.75
CA TYR A 283 15.75 13.84 -37.09
C TYR A 283 16.65 13.96 -35.87
N LEU A 284 17.97 13.77 -36.07
CA LEU A 284 18.96 14.00 -35.04
C LEU A 284 19.74 15.21 -35.51
N GLY A 285 19.68 16.28 -34.71
CA GLY A 285 20.38 17.53 -35.00
C GLY A 285 21.87 17.29 -35.06
N TYR A 286 22.56 17.90 -36.01
CA TYR A 286 24.00 17.72 -36.17
C TYR A 286 24.66 19.04 -36.54
N LEU A 287 25.39 19.66 -35.58
CA LEU A 287 26.09 20.92 -35.82
C LEU A 287 27.56 20.80 -35.49
N LYS A 288 28.43 21.26 -36.40
CA LYS A 288 29.88 21.24 -36.24
C LYS A 288 30.40 22.67 -36.07
N ILE A 289 30.85 23.00 -34.85
CA ILE A 289 31.40 24.31 -34.48
C ILE A 289 32.94 24.25 -34.43
N GLU A 290 33.61 25.26 -35.00
CA GLU A 290 35.06 25.42 -34.92
C GLU A 290 35.30 26.61 -34.00
N PHE A 291 36.11 26.42 -32.96
CA PHE A 291 36.42 27.46 -31.98
C PHE A 291 37.91 27.80 -32.02
N ASP A 292 38.26 29.04 -31.62
CA ASP A 292 39.66 29.43 -31.50
C ASP A 292 40.07 29.21 -30.02
N GLU A 293 41.35 29.44 -29.67
CA GLU A 293 41.86 29.25 -28.30
C GLU A 293 41.10 30.09 -27.24
N ARG A 294 40.53 31.24 -27.65
CA ARG A 294 39.75 32.15 -26.80
C ARG A 294 38.25 31.79 -26.74
N GLY A 295 37.85 30.72 -27.42
CA GLY A 295 36.48 30.23 -27.44
C GLY A 295 35.50 31.02 -28.29
N ASN A 296 35.98 31.62 -29.39
CA ASN A 296 35.18 32.39 -30.34
C ASN A 296 34.84 31.48 -31.50
N VAL A 297 33.60 31.56 -32.00
CA VAL A 297 33.14 30.73 -33.13
C VAL A 297 33.80 31.17 -34.45
N ILE A 298 34.63 30.30 -35.03
CA ILE A 298 35.31 30.53 -36.31
C ILE A 298 34.29 30.23 -37.42
N SER A 299 33.71 29.01 -37.38
CA SER A 299 32.74 28.50 -38.35
C SER A 299 31.73 27.57 -37.66
N SER A 300 30.53 27.50 -38.23
CA SER A 300 29.45 26.63 -37.77
C SER A 300 28.69 26.15 -39.00
N HIS A 301 28.60 24.83 -39.17
CA HIS A 301 27.90 24.19 -40.29
C HIS A 301 27.32 22.85 -39.86
N GLY A 302 26.33 22.39 -40.60
CA GLY A 302 25.69 21.10 -40.34
C GLY A 302 24.31 21.02 -40.97
N ASN A 303 23.54 20.00 -40.55
CA ASN A 303 22.17 19.71 -40.99
C ASN A 303 21.52 18.61 -40.15
N PRO A 304 20.18 18.63 -39.95
CA PRO A 304 19.56 17.53 -39.20
C PRO A 304 19.58 16.23 -40.02
N ILE A 305 20.04 15.12 -39.40
CA ILE A 305 20.14 13.80 -40.05
C ILE A 305 18.77 13.13 -40.00
N LEU A 306 18.23 12.73 -41.17
CA LEU A 306 16.93 12.04 -41.23
C LEU A 306 17.11 10.58 -40.81
N LEU A 307 16.50 10.20 -39.69
CA LEU A 307 16.60 8.83 -39.18
C LEU A 307 15.65 7.91 -39.95
N ASP A 308 16.06 7.49 -41.15
CA ASP A 308 15.25 6.65 -42.03
C ASP A 308 15.75 5.19 -42.10
N SER A 309 14.96 4.33 -42.80
CA SER A 309 15.16 2.89 -43.01
C SER A 309 16.59 2.44 -43.33
N SER A 310 17.39 3.32 -43.98
CA SER A 310 18.80 3.07 -44.32
C SER A 310 19.67 2.89 -43.05
N ILE A 311 19.24 3.50 -41.91
CA ILE A 311 19.90 3.39 -40.61
C ILE A 311 19.23 2.21 -39.87
N PRO A 312 19.96 1.10 -39.54
CA PRO A 312 19.29 -0.02 -38.86
C PRO A 312 19.04 0.24 -37.38
N GLU A 313 17.99 -0.40 -36.82
CA GLU A 313 17.69 -0.27 -35.40
C GLU A 313 18.66 -1.15 -34.61
N ASP A 314 19.24 -0.59 -33.53
CA ASP A 314 20.18 -1.32 -32.68
C ASP A 314 19.45 -2.50 -31.99
N PRO A 315 19.94 -3.75 -32.22
CA PRO A 315 19.26 -4.92 -31.63
C PRO A 315 19.13 -4.95 -30.10
N SER A 316 20.11 -4.33 -29.39
CA SER A 316 20.11 -4.26 -27.91
C SER A 316 18.97 -3.38 -27.39
N ILE A 317 18.80 -2.16 -27.98
CA ILE A 317 17.74 -1.21 -27.61
C ILE A 317 16.36 -1.74 -28.02
N LYS A 318 16.25 -2.31 -29.24
CA LYS A 318 15.00 -2.88 -29.75
C LYS A 318 14.51 -4.01 -28.85
N ALA A 319 15.44 -4.79 -28.25
CA ALA A 319 15.13 -5.87 -27.32
C ALA A 319 14.42 -5.31 -26.08
N ASP A 320 14.90 -4.18 -25.53
CA ASP A 320 14.30 -3.50 -24.38
C ASP A 320 12.92 -2.96 -24.74
N ILE A 321 12.79 -2.33 -25.94
CA ILE A 321 11.54 -1.77 -26.47
C ILE A 321 10.45 -2.85 -26.52
N ASN A 322 10.77 -4.01 -27.12
CA ASN A 322 9.83 -5.14 -27.24
C ASN A 322 9.48 -5.76 -25.89
N LYS A 323 10.44 -5.79 -24.95
CA LYS A 323 10.29 -6.30 -23.58
C LYS A 323 9.29 -5.45 -22.78
N TRP A 324 9.35 -4.13 -22.97
CA TRP A 324 8.49 -3.17 -22.29
C TRP A 324 7.12 -3.04 -22.98
N ARG A 325 7.06 -3.27 -24.30
CA ARG A 325 5.83 -3.17 -25.11
C ARG A 325 4.74 -4.17 -24.67
N ILE A 326 5.12 -5.25 -23.95
CA ILE A 326 4.20 -6.28 -23.43
C ILE A 326 3.17 -5.69 -22.45
N LYS A 327 3.64 -4.88 -21.47
CA LYS A 327 2.83 -4.20 -20.46
C LYS A 327 1.83 -3.21 -21.08
N LEU A 328 2.25 -2.56 -22.19
CA LEU A 328 1.45 -1.58 -22.93
C LEU A 328 0.25 -2.25 -23.61
N ASP A 329 0.45 -3.47 -24.12
CA ASP A 329 -0.60 -4.27 -24.75
C ASP A 329 -1.58 -4.77 -23.69
N ASP A 330 -1.07 -5.06 -22.47
CA ASP A 330 -1.89 -5.49 -21.34
C ASP A 330 -2.73 -4.34 -20.77
N TYR A 331 -2.21 -3.11 -20.85
CA TYR A 331 -2.91 -1.92 -20.38
C TYR A 331 -4.05 -1.53 -21.32
N SER A 332 -3.85 -1.69 -22.65
CA SER A 332 -4.84 -1.32 -23.66
C SER A 332 -6.16 -2.13 -23.60
N THR A 333 -6.13 -3.32 -22.97
CA THR A 333 -7.31 -4.18 -22.82
C THR A 333 -7.93 -4.09 -21.42
N GLN A 334 -7.24 -3.38 -20.48
CA GLN A 334 -7.68 -3.16 -19.10
C GLN A 334 -8.81 -2.13 -19.03
N GLU A 335 -9.73 -2.30 -18.04
CA GLU A 335 -10.85 -1.38 -17.79
C GLU A 335 -10.33 -0.09 -17.15
N LEU A 336 -10.57 1.06 -17.82
CA LEU A 336 -10.18 2.39 -17.32
C LEU A 336 -11.29 2.93 -16.42
N GLY A 337 -12.53 2.62 -16.78
CA GLY A 337 -13.74 3.04 -16.09
C GLY A 337 -14.96 2.45 -16.75
N LYS A 338 -16.14 2.87 -16.27
CA LYS A 338 -17.43 2.39 -16.75
C LYS A 338 -18.34 3.49 -17.29
N THR A 339 -19.31 3.11 -18.12
CA THR A 339 -20.34 3.97 -18.68
C THR A 339 -21.69 3.31 -18.47
N ILE A 340 -22.68 4.09 -18.03
CA ILE A 340 -24.05 3.60 -17.82
C ILE A 340 -24.94 4.05 -18.97
N VAL A 341 -24.35 4.83 -19.89
CA VAL A 341 -25.02 5.35 -21.10
C VAL A 341 -24.28 4.90 -22.35
N TYR A 342 -25.00 4.77 -23.49
CA TYR A 342 -24.40 4.45 -24.77
C TYR A 342 -23.66 5.69 -25.23
N LEU A 343 -22.35 5.58 -25.43
CA LEU A 343 -21.54 6.71 -25.87
C LEU A 343 -21.65 6.80 -27.40
N ASP A 344 -22.68 7.55 -27.85
CA ASP A 344 -23.05 7.76 -29.26
C ASP A 344 -22.03 8.57 -30.03
N GLY A 345 -21.17 7.85 -30.74
CA GLY A 345 -20.13 8.45 -31.57
C GLY A 345 -20.35 8.22 -33.05
N SER A 346 -21.59 7.83 -33.43
CA SER A 346 -21.97 7.57 -34.81
C SER A 346 -21.95 8.86 -35.61
N SER A 347 -21.49 8.76 -36.87
CA SER A 347 -21.38 9.88 -37.83
C SER A 347 -22.74 10.51 -38.12
N GLN A 348 -23.81 9.71 -38.07
CA GLN A 348 -25.19 10.12 -38.32
C GLN A 348 -25.68 11.07 -37.23
N SER A 349 -25.07 11.01 -36.03
CA SER A 349 -25.40 11.84 -34.90
C SER A 349 -24.41 12.98 -34.75
N CYS A 350 -23.11 12.65 -34.63
CA CYS A 350 -22.03 13.60 -34.38
C CYS A 350 -21.77 14.58 -35.52
N ARG A 351 -22.21 14.29 -36.76
CA ARG A 351 -22.02 15.21 -37.89
C ARG A 351 -23.31 15.94 -38.27
N PHE A 352 -24.41 15.71 -37.53
CA PHE A 352 -25.73 16.30 -37.75
C PHE A 352 -26.26 17.10 -36.55
N ARG A 353 -26.01 16.61 -35.32
CA ARG A 353 -26.50 17.24 -34.10
C ARG A 353 -25.55 17.03 -32.91
N GLU A 354 -25.94 17.52 -31.73
CA GLU A 354 -25.20 17.36 -30.48
C GLU A 354 -25.22 15.86 -30.09
N CYS A 355 -24.04 15.24 -29.98
CA CYS A 355 -23.90 13.84 -29.55
C CYS A 355 -23.21 13.79 -28.20
N ASN A 356 -23.57 12.81 -27.36
CA ASN A 356 -23.01 12.71 -26.01
C ASN A 356 -21.54 12.32 -26.00
N MET A 357 -21.00 11.77 -27.12
CA MET A 357 -19.58 11.43 -27.24
C MET A 357 -18.76 12.72 -27.40
N GLY A 358 -19.28 13.65 -28.21
CA GLY A 358 -18.68 14.97 -28.44
C GLY A 358 -18.61 15.76 -27.16
N ASN A 359 -19.70 15.70 -26.35
CA ASN A 359 -19.80 16.35 -25.04
C ASN A 359 -18.74 15.79 -24.10
N LEU A 360 -18.63 14.46 -24.01
CA LEU A 360 -17.67 13.75 -23.15
C LEU A 360 -16.22 14.13 -23.46
N ILE A 361 -15.81 14.07 -24.74
CA ILE A 361 -14.46 14.45 -25.17
C ILE A 361 -14.19 15.91 -24.82
N CYS A 362 -15.13 16.81 -25.12
CA CYS A 362 -14.97 18.24 -24.79
C CYS A 362 -14.94 18.50 -23.28
N ASP A 363 -15.65 17.69 -22.49
CA ASP A 363 -15.63 17.81 -21.03
C ASP A 363 -14.26 17.35 -20.51
N ALA A 364 -13.67 16.33 -21.16
CA ALA A 364 -12.34 15.77 -20.86
C ALA A 364 -11.26 16.81 -21.21
N MET A 365 -11.39 17.45 -22.40
CA MET A 365 -10.49 18.49 -22.93
C MET A 365 -10.36 19.69 -22.00
N ILE A 366 -11.49 20.18 -21.44
CA ILE A 366 -11.53 21.31 -20.51
C ILE A 366 -10.87 20.91 -19.18
N ASN A 367 -11.31 19.77 -18.62
CA ASN A 367 -10.81 19.20 -17.36
C ASN A 367 -9.29 19.02 -17.35
N ASN A 368 -8.71 18.61 -18.50
CA ASN A 368 -7.28 18.43 -18.68
C ASN A 368 -6.53 19.75 -18.61
N ASN A 369 -7.19 20.84 -19.06
CA ASN A 369 -6.62 22.18 -19.11
C ASN A 369 -6.99 23.06 -17.92
N LEU A 370 -7.32 22.42 -16.79
CA LEU A 370 -7.58 23.12 -15.52
C LEU A 370 -6.22 23.33 -14.85
N ARG A 371 -5.67 24.55 -14.96
CA ARG A 371 -4.35 24.92 -14.43
C ARG A 371 -4.45 25.91 -13.29
N HIS A 372 -3.56 25.77 -12.27
CA HIS A 372 -3.51 26.63 -11.08
C HIS A 372 -3.72 28.11 -11.41
N ALA A 373 -4.93 28.60 -11.07
CA ALA A 373 -5.37 29.96 -11.33
C ALA A 373 -5.31 30.84 -10.09
N ASP A 374 -5.07 32.15 -10.30
CA ASP A 374 -5.04 33.17 -9.26
C ASP A 374 -6.45 33.74 -9.05
N GLU A 375 -6.56 34.98 -8.54
CA GLU A 375 -7.85 35.62 -8.31
C GLU A 375 -8.44 36.21 -9.61
N MET A 376 -7.65 36.22 -10.72
CA MET A 376 -8.05 36.77 -12.02
C MET A 376 -9.12 35.94 -12.74
N PHE A 377 -9.10 34.61 -12.59
CA PHE A 377 -10.08 33.70 -13.20
C PHE A 377 -10.25 32.40 -12.42
N TRP A 378 -11.40 31.70 -12.60
CA TRP A 378 -11.65 30.38 -11.99
C TRP A 378 -10.77 29.37 -12.74
N ASN A 379 -10.55 29.63 -14.05
CA ASN A 379 -9.65 28.94 -14.96
C ASN A 379 -9.37 29.84 -16.16
N HIS A 380 -8.15 29.76 -16.71
CA HIS A 380 -7.70 30.55 -17.84
C HIS A 380 -8.43 30.19 -19.16
N VAL A 381 -8.95 28.94 -19.29
CA VAL A 381 -9.67 28.45 -20.46
C VAL A 381 -10.98 27.73 -20.04
N SER A 382 -12.09 28.01 -20.77
CA SER A 382 -13.43 27.48 -20.46
C SER A 382 -14.16 26.90 -21.68
N MET A 383 -13.64 27.16 -22.90
CA MET A 383 -14.27 26.76 -24.15
C MET A 383 -13.56 25.63 -24.88
N CYS A 384 -14.35 24.83 -25.61
CA CYS A 384 -13.91 23.64 -26.36
C CYS A 384 -14.68 23.49 -27.66
N ILE A 385 -13.98 23.15 -28.75
CA ILE A 385 -14.57 22.85 -30.06
C ILE A 385 -13.92 21.58 -30.62
N LEU A 386 -14.75 20.66 -31.11
CA LEU A 386 -14.32 19.38 -31.65
C LEU A 386 -15.14 19.04 -32.89
N ASN A 387 -14.46 18.84 -34.05
CA ASN A 387 -15.11 18.49 -35.31
C ASN A 387 -15.68 17.08 -35.24
N GLY A 388 -16.87 16.89 -35.81
CA GLY A 388 -17.59 15.62 -35.85
C GLY A 388 -16.81 14.50 -36.51
N GLY A 389 -16.09 14.86 -37.58
CA GLY A 389 -15.22 13.96 -38.33
C GLY A 389 -14.03 13.45 -37.55
N GLY A 390 -13.80 14.02 -36.37
CA GLY A 390 -12.72 13.63 -35.46
C GLY A 390 -13.10 12.42 -34.62
N ILE A 391 -14.43 12.26 -34.36
CA ILE A 391 -15.03 11.15 -33.61
C ILE A 391 -15.24 10.05 -34.65
N ARG A 392 -14.55 8.91 -34.49
CA ARG A 392 -14.58 7.84 -35.48
C ARG A 392 -15.30 6.55 -35.05
N SER A 393 -15.81 6.48 -33.81
CA SER A 393 -16.50 5.27 -33.35
C SER A 393 -17.32 5.50 -32.09
N PRO A 394 -18.50 4.83 -31.94
CA PRO A 394 -19.20 4.89 -30.66
C PRO A 394 -18.61 3.86 -29.68
N ILE A 395 -19.11 3.83 -28.44
CA ILE A 395 -18.72 2.84 -27.42
C ILE A 395 -20.04 2.30 -26.79
N ASP A 396 -20.22 0.96 -26.80
CA ASP A 396 -21.39 0.27 -26.25
C ASP A 396 -21.26 0.05 -24.74
N GLU A 397 -22.31 0.43 -24.00
CA GLU A 397 -22.39 0.33 -22.54
C GLU A 397 -22.86 -1.05 -22.03
N ARG A 398 -23.30 -1.94 -22.96
CA ARG A 398 -23.83 -3.24 -22.59
C ARG A 398 -22.73 -4.31 -22.36
N ASN A 399 -21.45 -3.97 -22.65
CA ASN A 399 -20.30 -4.84 -22.41
C ASN A 399 -19.79 -4.66 -20.96
N ASP A 400 -20.74 -4.79 -19.97
CA ASP A 400 -20.58 -4.64 -18.52
C ASP A 400 -20.35 -3.17 -18.09
N GLY A 401 -20.37 -2.25 -19.07
CA GLY A 401 -20.13 -0.83 -18.89
C GLY A 401 -18.69 -0.44 -19.17
N THR A 402 -17.83 -1.45 -19.32
CA THR A 402 -16.39 -1.36 -19.54
C THR A 402 -15.96 -0.45 -20.69
N ILE A 403 -14.94 0.39 -20.42
CA ILE A 403 -14.24 1.26 -21.36
C ILE A 403 -12.74 0.94 -21.19
N THR A 404 -12.08 0.54 -22.30
CA THR A 404 -10.66 0.22 -22.34
C THR A 404 -9.95 1.24 -23.22
N TRP A 405 -8.60 1.28 -23.17
CA TRP A 405 -7.77 2.15 -24.01
C TRP A 405 -8.03 1.84 -25.50
N GLU A 406 -8.23 0.54 -25.82
CA GLU A 406 -8.52 0.02 -27.16
C GLU A 406 -9.83 0.58 -27.69
N ASN A 407 -10.87 0.69 -26.84
CA ASN A 407 -12.16 1.26 -27.20
C ASN A 407 -11.98 2.73 -27.56
N LEU A 408 -11.19 3.47 -26.74
CA LEU A 408 -10.94 4.89 -26.97
C LEU A 408 -10.11 5.12 -28.21
N ALA A 409 -9.22 4.17 -28.54
CA ALA A 409 -8.36 4.21 -29.73
C ALA A 409 -9.20 4.14 -31.01
N ALA A 410 -10.38 3.47 -30.97
CA ALA A 410 -11.29 3.38 -32.12
C ALA A 410 -11.97 4.72 -32.35
N VAL A 411 -12.25 5.48 -31.26
CA VAL A 411 -12.88 6.81 -31.31
C VAL A 411 -11.90 7.84 -31.88
N LEU A 412 -10.68 7.89 -31.31
CA LEU A 412 -9.62 8.83 -31.69
C LEU A 412 -8.40 8.05 -32.20
N PRO A 413 -8.33 7.72 -33.51
CA PRO A 413 -7.22 6.87 -34.00
C PRO A 413 -6.03 7.56 -34.70
N PHE A 414 -6.07 8.88 -34.92
CA PHE A 414 -5.05 9.56 -35.71
C PHE A 414 -3.84 10.10 -34.92
N GLY A 415 -3.73 9.71 -33.65
CA GLY A 415 -2.61 10.10 -32.78
C GLY A 415 -2.30 11.58 -32.70
N GLY A 416 -3.36 12.39 -32.75
CA GLY A 416 -3.27 13.84 -32.63
C GLY A 416 -3.23 14.28 -31.18
N THR A 417 -3.27 15.59 -30.96
CA THR A 417 -3.24 16.19 -29.62
C THR A 417 -4.38 17.18 -29.45
N PHE A 418 -4.68 17.53 -28.19
CA PHE A 418 -5.69 18.54 -27.88
C PHE A 418 -4.95 19.82 -27.43
N ASP A 419 -4.84 20.78 -28.37
CA ASP A 419 -4.09 22.03 -28.27
C ASP A 419 -4.87 23.23 -27.76
N LEU A 420 -4.14 24.20 -27.18
CA LEU A 420 -4.66 25.46 -26.68
C LEU A 420 -4.33 26.57 -27.69
N VAL A 421 -5.39 27.27 -28.14
CA VAL A 421 -5.29 28.37 -29.10
C VAL A 421 -5.94 29.65 -28.58
N GLN A 422 -5.62 30.79 -29.20
CA GLN A 422 -6.22 32.08 -28.89
C GLN A 422 -6.84 32.58 -30.17
N LEU A 423 -8.16 32.82 -30.13
CA LEU A 423 -8.93 33.24 -31.30
C LEU A 423 -9.75 34.46 -31.02
N LYS A 424 -9.89 35.32 -32.03
CA LYS A 424 -10.74 36.50 -31.93
C LYS A 424 -12.19 35.97 -32.05
N GLY A 425 -13.15 36.66 -31.41
CA GLY A 425 -14.56 36.27 -31.44
C GLY A 425 -15.05 36.05 -32.85
N SER A 426 -14.68 36.97 -33.77
CA SER A 426 -15.02 36.95 -35.20
C SER A 426 -14.57 35.65 -35.87
N THR A 427 -13.32 35.21 -35.59
CA THR A 427 -12.73 33.97 -36.10
C THR A 427 -13.59 32.76 -35.65
N LEU A 428 -13.99 32.76 -34.36
CA LEU A 428 -14.81 31.71 -33.78
C LEU A 428 -16.23 31.70 -34.35
N LYS A 429 -16.78 32.90 -34.67
CA LYS A 429 -18.09 33.05 -35.31
C LYS A 429 -17.99 32.48 -36.75
N LYS A 430 -16.85 32.73 -37.44
CA LYS A 430 -16.59 32.22 -38.79
C LYS A 430 -16.49 30.69 -38.80
N ALA A 431 -15.92 30.11 -37.71
CA ALA A 431 -15.75 28.67 -37.53
C ALA A 431 -17.11 27.98 -37.41
N PHE A 432 -18.02 28.54 -36.58
CA PHE A 432 -19.37 28.02 -36.41
C PHE A 432 -20.23 28.17 -37.66
N GLU A 433 -19.91 29.16 -38.50
CA GLU A 433 -20.61 29.37 -39.77
C GLU A 433 -20.15 28.33 -40.79
N HIS A 434 -18.87 27.92 -40.69
CA HIS A 434 -18.26 26.90 -41.55
C HIS A 434 -18.80 25.52 -41.16
N SER A 435 -19.05 25.32 -39.85
CA SER A 435 -19.59 24.11 -39.25
C SER A 435 -20.91 23.65 -39.90
N VAL A 436 -21.73 24.59 -40.43
CA VAL A 436 -23.03 24.28 -41.05
C VAL A 436 -23.23 24.92 -42.44
N HIS A 437 -22.13 25.30 -43.14
CA HIS A 437 -22.22 25.94 -44.46
C HIS A 437 -22.82 24.99 -45.52
N ARG A 438 -22.56 23.67 -45.42
CA ARG A 438 -23.08 22.64 -46.33
C ARG A 438 -23.73 21.49 -45.52
N TYR A 439 -24.50 21.87 -44.48
CA TYR A 439 -25.18 20.95 -43.57
C TYR A 439 -26.13 20.00 -44.31
N GLY A 440 -26.23 18.78 -43.80
CA GLY A 440 -27.10 17.73 -44.31
C GLY A 440 -26.42 16.71 -45.20
N GLN A 441 -25.09 16.82 -45.36
CA GLN A 441 -24.29 15.96 -46.22
C GLN A 441 -23.34 15.01 -45.48
N SER A 442 -23.37 15.01 -44.10
CA SER A 442 -22.51 14.18 -43.22
C SER A 442 -21.03 14.47 -43.51
N THR A 443 -20.66 15.76 -43.47
CA THR A 443 -19.34 16.28 -43.88
C THR A 443 -18.13 16.38 -42.88
N GLY A 444 -18.29 16.24 -41.59
CA GLY A 444 -17.11 16.26 -40.71
C GLY A 444 -16.76 17.59 -40.07
N GLU A 445 -17.06 18.72 -40.73
CA GLU A 445 -16.75 20.04 -40.15
C GLU A 445 -17.71 20.44 -39.03
N PHE A 446 -18.85 19.71 -38.84
CA PHE A 446 -19.86 20.00 -37.80
C PHE A 446 -19.21 19.94 -36.43
N LEU A 447 -19.27 21.06 -35.69
CA LEU A 447 -18.65 21.19 -34.38
C LEU A 447 -19.50 20.76 -33.19
N GLN A 448 -18.86 19.97 -32.31
CA GLN A 448 -19.33 19.50 -31.00
C GLN A 448 -18.67 20.48 -30.05
N VAL A 449 -19.31 20.80 -28.91
CA VAL A 449 -18.80 21.85 -28.03
C VAL A 449 -18.72 21.51 -26.54
N GLY A 450 -18.06 22.42 -25.81
CA GLY A 450 -17.87 22.43 -24.37
C GLY A 450 -17.72 23.86 -23.94
N GLY A 451 -18.52 24.30 -22.96
CA GLY A 451 -18.50 25.68 -22.49
C GLY A 451 -18.92 26.70 -23.52
N ILE A 452 -19.69 26.25 -24.54
CA ILE A 452 -20.24 27.05 -25.63
C ILE A 452 -21.70 26.63 -25.84
N HIS A 453 -22.58 27.60 -26.09
CA HIS A 453 -24.00 27.43 -26.37
C HIS A 453 -24.27 28.05 -27.74
N VAL A 454 -24.59 27.22 -28.74
CA VAL A 454 -24.86 27.70 -30.09
C VAL A 454 -26.31 27.39 -30.51
N VAL A 455 -26.89 28.29 -31.30
CA VAL A 455 -28.23 28.18 -31.89
C VAL A 455 -28.08 28.53 -33.38
N TYR A 456 -28.43 27.59 -34.26
CA TYR A 456 -28.38 27.77 -35.72
C TYR A 456 -29.81 27.92 -36.29
N ASP A 457 -29.94 28.63 -37.43
CA ASP A 457 -31.18 28.79 -38.20
C ASP A 457 -30.80 28.41 -39.62
N LEU A 458 -31.02 27.14 -39.98
CA LEU A 458 -30.61 26.58 -41.26
C LEU A 458 -31.39 27.13 -42.46
N SER A 459 -32.48 27.87 -42.23
CA SER A 459 -33.27 28.51 -43.30
C SER A 459 -32.51 29.71 -43.87
N ARG A 460 -31.58 30.27 -43.08
CA ARG A 460 -30.76 31.43 -43.43
C ARG A 460 -29.64 31.11 -44.42
N LYS A 461 -29.06 32.14 -45.07
CA LYS A 461 -27.97 32.02 -46.04
C LYS A 461 -26.70 31.45 -45.39
N PRO A 462 -25.93 30.56 -46.08
CA PRO A 462 -24.68 30.05 -45.48
C PRO A 462 -23.71 31.20 -45.21
N GLY A 463 -23.20 31.26 -44.00
CA GLY A 463 -22.32 32.34 -43.56
C GLY A 463 -23.04 33.30 -42.64
N ASP A 464 -24.38 33.14 -42.54
CA ASP A 464 -25.26 33.92 -41.67
C ASP A 464 -26.33 33.00 -41.05
N ARG A 465 -25.88 31.84 -40.54
CA ARG A 465 -26.71 30.81 -39.94
C ARG A 465 -26.64 30.76 -38.40
N VAL A 466 -25.58 31.32 -37.79
CA VAL A 466 -25.41 31.38 -36.33
C VAL A 466 -26.32 32.53 -35.83
N VAL A 467 -27.31 32.21 -35.00
CA VAL A 467 -28.26 33.22 -34.50
C VAL A 467 -28.06 33.52 -33.01
N LYS A 468 -27.33 32.62 -32.32
CA LYS A 468 -26.97 32.78 -30.90
C LYS A 468 -25.69 32.03 -30.63
N LEU A 469 -24.73 32.71 -29.98
CA LEU A 469 -23.44 32.14 -29.63
C LEU A 469 -22.98 32.71 -28.30
N ASP A 470 -23.26 31.95 -27.22
CA ASP A 470 -22.90 32.29 -25.85
C ASP A 470 -21.72 31.43 -25.40
N VAL A 471 -20.79 32.05 -24.68
CA VAL A 471 -19.57 31.42 -24.19
C VAL A 471 -19.43 31.53 -22.67
N LEU A 472 -18.88 30.48 -22.05
CA LEU A 472 -18.64 30.43 -20.61
C LEU A 472 -17.50 31.42 -20.24
N CYS A 473 -17.71 32.26 -19.21
CA CYS A 473 -16.70 33.25 -18.79
C CYS A 473 -15.47 32.62 -18.13
N THR A 474 -14.40 33.40 -17.98
CA THR A 474 -13.16 32.99 -17.32
C THR A 474 -12.89 33.91 -16.15
N SER A 475 -12.82 35.25 -16.39
CA SER A 475 -12.61 36.26 -15.34
C SER A 475 -13.92 36.48 -14.55
N CYS A 476 -14.35 35.43 -13.85
CA CYS A 476 -15.57 35.40 -13.06
C CYS A 476 -15.39 34.34 -11.98
N ARG A 477 -15.92 34.60 -10.77
CA ARG A 477 -15.81 33.65 -9.66
C ARG A 477 -16.87 32.56 -9.81
N VAL A 478 -18.08 32.94 -10.30
CA VAL A 478 -19.19 32.04 -10.58
C VAL A 478 -19.29 31.95 -12.11
N PRO A 479 -18.99 30.80 -12.75
CA PRO A 479 -19.07 30.74 -14.21
C PRO A 479 -20.52 30.78 -14.70
N SER A 480 -20.75 31.60 -15.74
CA SER A 480 -22.03 31.81 -16.39
C SER A 480 -21.81 32.05 -17.88
N TYR A 481 -22.87 31.90 -18.70
CA TYR A 481 -22.81 32.09 -20.14
C TYR A 481 -23.12 33.52 -20.56
N ASP A 482 -22.26 34.09 -21.40
CA ASP A 482 -22.41 35.47 -21.88
C ASP A 482 -22.23 35.47 -23.40
N PRO A 483 -22.84 36.42 -24.15
CA PRO A 483 -22.63 36.44 -25.60
C PRO A 483 -21.17 36.63 -26.01
N LEU A 484 -20.80 36.00 -27.13
CA LEU A 484 -19.44 36.07 -27.69
C LEU A 484 -19.25 37.47 -28.30
N LYS A 485 -18.14 38.13 -27.95
CA LYS A 485 -17.78 39.45 -28.47
C LYS A 485 -16.78 39.28 -29.62
N MET A 486 -17.11 39.87 -30.78
CA MET A 486 -16.36 39.79 -32.03
C MET A 486 -14.92 40.30 -31.98
N ASP A 487 -14.64 41.31 -31.14
CA ASP A 487 -13.31 41.91 -31.04
C ASP A 487 -12.49 41.40 -29.85
N GLU A 488 -13.10 40.59 -28.98
CA GLU A 488 -12.43 40.03 -27.81
C GLU A 488 -11.77 38.69 -28.11
N VAL A 489 -10.57 38.46 -27.53
CA VAL A 489 -9.77 37.24 -27.73
C VAL A 489 -10.16 36.17 -26.70
N TYR A 490 -10.45 34.96 -27.18
CA TYR A 490 -10.88 33.83 -26.37
C TYR A 490 -9.93 32.64 -26.45
N LYS A 491 -9.71 31.94 -25.33
CA LYS A 491 -8.88 30.74 -25.28
C LYS A 491 -9.77 29.51 -25.54
N VAL A 492 -9.38 28.67 -26.52
CA VAL A 492 -10.14 27.48 -26.92
C VAL A 492 -9.25 26.23 -26.95
N ILE A 493 -9.80 25.09 -26.50
CA ILE A 493 -9.12 23.79 -26.60
C ILE A 493 -9.75 23.09 -27.80
N LEU A 494 -8.93 22.75 -28.79
CA LEU A 494 -9.38 22.09 -30.02
C LEU A 494 -8.35 21.08 -30.51
N PRO A 495 -8.75 20.08 -31.35
CA PRO A 495 -7.74 19.13 -31.85
C PRO A 495 -6.72 19.80 -32.77
N ASN A 496 -5.46 19.30 -32.74
CA ASN A 496 -4.31 19.72 -33.55
C ASN A 496 -4.72 19.93 -35.02
N PHE A 497 -5.51 18.99 -35.56
CA PHE A 497 -6.05 18.95 -36.91
C PHE A 497 -6.77 20.25 -37.29
N LEU A 498 -7.60 20.81 -36.39
CA LEU A 498 -8.32 22.06 -36.64
C LEU A 498 -7.41 23.28 -36.64
N ALA A 499 -6.49 23.35 -35.65
CA ALA A 499 -5.49 24.41 -35.51
C ALA A 499 -4.64 24.55 -36.76
N ASN A 500 -4.42 23.41 -37.47
CA ASN A 500 -3.65 23.31 -38.71
C ASN A 500 -4.51 23.50 -39.99
N GLY A 501 -5.73 23.99 -39.81
CA GLY A 501 -6.68 24.27 -40.89
C GLY A 501 -7.43 23.10 -41.47
N GLY A 502 -7.39 21.95 -40.78
CA GLY A 502 -8.06 20.73 -41.21
C GLY A 502 -9.57 20.87 -41.29
N ASP A 503 -10.20 20.01 -42.10
CA ASP A 503 -11.64 19.97 -42.35
C ASP A 503 -12.22 21.34 -42.83
N GLY A 504 -11.40 22.10 -43.55
CA GLY A 504 -11.76 23.39 -44.11
C GLY A 504 -11.71 24.58 -43.16
N PHE A 505 -11.12 24.40 -41.97
CA PHE A 505 -11.03 25.46 -40.96
C PHE A 505 -9.81 26.35 -41.17
N GLN A 506 -9.71 26.93 -42.39
CA GLN A 506 -8.63 27.82 -42.81
C GLN A 506 -8.61 29.11 -41.99
N MET A 507 -9.80 29.59 -41.57
CA MET A 507 -9.93 30.77 -40.71
C MET A 507 -9.28 30.53 -39.36
N ILE A 508 -9.27 29.27 -38.87
CA ILE A 508 -8.61 28.91 -37.61
C ILE A 508 -7.09 29.09 -37.78
N LYS A 509 -6.50 28.41 -38.79
CA LYS A 509 -5.06 28.47 -39.11
C LYS A 509 -4.57 29.90 -39.41
N ASP A 510 -5.24 30.60 -40.34
CA ASP A 510 -4.87 31.95 -40.78
C ASP A 510 -5.15 33.06 -39.76
N GLU A 511 -6.12 32.88 -38.85
CA GLU A 511 -6.48 33.93 -37.90
C GLU A 511 -6.20 33.63 -36.41
N LEU A 512 -5.52 32.51 -36.10
CA LEU A 512 -5.19 32.23 -34.70
C LEU A 512 -4.11 33.20 -34.22
N LEU A 513 -4.24 33.67 -32.98
CA LEU A 513 -3.33 34.64 -32.36
C LEU A 513 -2.21 33.96 -31.59
N ARG A 514 -2.46 32.74 -31.11
CA ARG A 514 -1.53 31.87 -30.38
C ARG A 514 -1.96 30.41 -30.55
N HIS A 515 -0.98 29.50 -30.68
CA HIS A 515 -1.18 28.05 -30.84
C HIS A 515 -0.08 27.35 -30.04
N ASP A 516 -0.48 26.41 -29.18
CA ASP A 516 0.46 25.67 -28.36
C ASP A 516 0.22 24.17 -28.40
N SER A 517 1.29 23.36 -28.51
CA SER A 517 1.27 21.89 -28.55
C SER A 517 0.77 21.31 -27.22
N GLY A 518 -0.33 20.54 -27.28
CA GLY A 518 -0.96 19.96 -26.10
C GLY A 518 -0.66 18.49 -25.84
N ASP A 519 -1.59 17.84 -25.13
CA ASP A 519 -1.51 16.43 -24.73
C ASP A 519 -2.21 15.53 -25.75
N GLN A 520 -1.75 14.25 -25.84
CA GLN A 520 -2.29 13.22 -26.75
C GLN A 520 -3.81 13.06 -26.59
N ASP A 521 -4.55 12.91 -27.71
CA ASP A 521 -6.00 12.79 -27.72
C ASP A 521 -6.53 11.64 -26.87
N ILE A 522 -6.10 10.38 -27.09
CA ILE A 522 -6.58 9.23 -26.30
C ILE A 522 -6.28 9.43 -24.81
N ASN A 523 -5.03 9.83 -24.48
CA ASN A 523 -4.59 10.06 -23.10
C ASN A 523 -5.53 10.99 -22.33
N VAL A 524 -5.86 12.18 -22.93
CA VAL A 524 -6.75 13.19 -22.32
C VAL A 524 -8.07 12.57 -21.83
N VAL A 525 -8.74 11.81 -22.72
CA VAL A 525 -10.03 11.16 -22.46
C VAL A 525 -9.87 9.98 -21.48
N SER A 526 -8.76 9.22 -21.57
CA SER A 526 -8.51 8.09 -20.67
C SER A 526 -8.38 8.55 -19.22
N THR A 527 -7.66 9.69 -19.00
CA THR A 527 -7.45 10.31 -17.67
C THR A 527 -8.79 10.74 -17.07
N TYR A 528 -9.64 11.42 -17.88
CA TYR A 528 -10.96 11.88 -17.45
C TYR A 528 -11.88 10.73 -17.01
N ILE A 529 -12.00 9.66 -17.84
CA ILE A 529 -12.81 8.47 -17.54
C ILE A 529 -12.33 7.79 -16.25
N SER A 530 -11.00 7.62 -16.08
CA SER A 530 -10.39 7.02 -14.88
C SER A 530 -10.76 7.80 -13.59
N LYS A 531 -10.72 9.14 -13.68
CA LYS A 531 -11.04 10.10 -12.62
C LYS A 531 -12.52 10.01 -12.24
N MET A 532 -13.41 9.99 -13.25
CA MET A 532 -14.85 9.97 -13.08
C MET A 532 -15.40 8.64 -12.56
N LYS A 533 -14.73 7.53 -12.93
CA LYS A 533 -15.07 6.14 -12.59
C LYS A 533 -16.30 5.68 -13.36
N VAL A 534 -17.45 6.36 -13.16
CA VAL A 534 -18.72 6.07 -13.84
C VAL A 534 -19.17 7.33 -14.58
N ILE A 535 -19.28 7.23 -15.90
CA ILE A 535 -19.70 8.35 -16.74
C ILE A 535 -21.13 8.15 -17.28
N TYR A 536 -21.87 9.26 -17.43
CA TYR A 536 -23.24 9.29 -17.93
C TYR A 536 -23.53 10.57 -18.76
N PRO A 537 -22.70 10.89 -19.80
CA PRO A 537 -22.96 12.11 -20.58
C PRO A 537 -24.29 12.12 -21.32
N ALA A 538 -25.00 13.25 -21.23
CA ALA A 538 -26.31 13.45 -21.84
C ALA A 538 -26.23 14.53 -22.92
N VAL A 539 -27.29 14.63 -23.75
CA VAL A 539 -27.44 15.65 -24.79
C VAL A 539 -28.25 16.75 -24.08
N GLU A 540 -27.55 17.76 -23.53
CA GLU A 540 -28.11 18.79 -22.66
C GLU A 540 -28.51 20.11 -23.35
N GLY A 541 -28.43 20.18 -24.67
CA GLY A 541 -28.85 21.35 -25.43
C GLY A 541 -27.82 22.44 -25.62
N ARG A 542 -26.55 22.03 -25.85
CA ARG A 542 -25.40 22.93 -26.11
C ARG A 542 -25.52 23.49 -27.52
N ILE A 543 -26.08 22.68 -28.44
CA ILE A 543 -26.33 23.00 -29.85
C ILE A 543 -27.84 22.88 -30.07
N LYS A 544 -28.46 23.93 -30.61
CA LYS A 544 -29.89 23.96 -30.90
C LYS A 544 -30.15 24.42 -32.34
N PHE A 545 -31.33 24.05 -32.89
CA PHE A 545 -31.73 24.43 -34.24
C PHE A 545 -33.02 25.29 -34.28
N SER A 546 -33.22 26.03 -35.41
CA SER A 546 -34.32 26.94 -35.73
C SER A 546 -34.46 28.07 -34.71
N PRO B 23 -47.88 -21.33 31.69
CA PRO B 23 -47.67 -20.34 30.62
C PRO B 23 -46.29 -19.70 30.65
N TRP B 24 -45.57 -19.77 29.51
CA TRP B 24 -44.22 -19.22 29.34
C TRP B 24 -44.29 -17.80 28.77
N GLU B 25 -43.79 -16.83 29.54
CA GLU B 25 -43.81 -15.41 29.18
C GLU B 25 -42.49 -14.93 28.56
N LEU B 26 -42.57 -14.31 27.36
CA LEU B 26 -41.42 -13.78 26.62
C LEU B 26 -41.51 -12.26 26.46
N THR B 27 -40.40 -11.56 26.76
CA THR B 27 -40.30 -10.12 26.62
C THR B 27 -39.47 -9.79 25.40
N ILE B 28 -40.11 -9.21 24.38
CA ILE B 28 -39.45 -8.81 23.13
C ILE B 28 -39.12 -7.31 23.18
N LEU B 29 -37.82 -7.01 23.17
CA LEU B 29 -37.29 -5.66 23.15
C LEU B 29 -36.80 -5.42 21.71
N HIS B 30 -37.26 -4.35 21.07
CA HIS B 30 -36.89 -4.13 19.68
C HIS B 30 -36.66 -2.69 19.29
N THR B 31 -35.76 -2.49 18.31
CA THR B 31 -35.41 -1.23 17.69
C THR B 31 -35.45 -1.44 16.17
N ASN B 32 -35.67 -0.36 15.42
CA ASN B 32 -35.73 -0.38 13.96
C ASN B 32 -35.44 1.02 13.44
N ASP B 33 -34.77 1.12 12.28
CA ASP B 33 -34.44 2.40 11.63
C ASP B 33 -33.74 3.41 12.55
N VAL B 34 -32.72 2.93 13.31
CA VAL B 34 -31.92 3.72 14.27
C VAL B 34 -31.18 4.84 13.53
N HIS B 35 -30.73 4.56 12.30
CA HIS B 35 -30.08 5.51 11.40
C HIS B 35 -29.00 6.36 12.06
N SER B 36 -27.91 5.70 12.46
CA SER B 36 -26.71 6.26 13.10
C SER B 36 -26.97 7.33 14.18
N ARG B 37 -28.11 7.24 14.89
CA ARG B 37 -28.43 8.14 16.00
C ARG B 37 -27.86 7.55 17.30
N LEU B 38 -26.52 7.39 17.35
CA LEU B 38 -25.79 6.80 18.48
C LEU B 38 -25.72 7.74 19.65
N GLU B 39 -25.43 9.03 19.41
CA GLU B 39 -25.40 10.09 20.42
C GLU B 39 -26.85 10.48 20.68
N GLN B 40 -27.15 11.01 21.87
CA GLN B 40 -28.50 11.45 22.20
C GLN B 40 -28.93 12.62 21.31
N THR B 41 -30.22 12.65 20.95
CA THR B 41 -30.80 13.64 20.05
C THR B 41 -31.84 14.53 20.76
N SER B 42 -32.44 15.46 20.00
CA SER B 42 -33.49 16.36 20.45
C SER B 42 -34.82 15.59 20.36
N GLU B 43 -35.94 16.20 20.80
CA GLU B 43 -37.26 15.56 20.74
C GLU B 43 -37.67 15.26 19.28
N ASP B 44 -37.08 16.00 18.31
CA ASP B 44 -37.32 15.87 16.87
C ASP B 44 -36.22 15.06 16.13
N SER B 45 -35.39 14.31 16.90
CA SER B 45 -34.30 13.43 16.44
C SER B 45 -33.12 14.13 15.73
N SER B 46 -33.01 15.46 15.86
CA SER B 46 -31.91 16.27 15.32
C SER B 46 -30.81 16.41 16.40
N LYS B 47 -29.74 17.18 16.14
CA LYS B 47 -28.64 17.39 17.09
C LYS B 47 -29.12 17.93 18.44
N CYS B 48 -28.59 17.36 19.54
CA CYS B 48 -28.89 17.71 20.93
C CYS B 48 -28.40 19.13 21.23
N VAL B 49 -29.30 19.97 21.77
CA VAL B 49 -28.97 21.36 22.14
C VAL B 49 -29.13 21.53 23.66
N ASP B 50 -30.35 21.31 24.19
CA ASP B 50 -30.62 21.38 25.62
C ASP B 50 -30.50 19.94 26.18
N ALA B 51 -29.34 19.64 26.78
CA ALA B 51 -29.00 18.32 27.33
C ALA B 51 -29.96 17.80 28.42
N SER B 52 -30.62 18.71 29.16
CA SER B 52 -31.58 18.37 30.22
C SER B 52 -32.89 17.79 29.67
N ARG B 53 -33.25 18.13 28.42
CA ARG B 53 -34.46 17.65 27.75
C ARG B 53 -34.14 16.84 26.48
N CYS B 54 -32.94 16.23 26.43
CA CYS B 54 -32.53 15.41 25.29
C CYS B 54 -32.95 13.94 25.45
N MET B 55 -33.19 13.26 24.31
CA MET B 55 -33.68 11.88 24.26
C MET B 55 -32.84 10.93 23.40
N GLY B 56 -33.17 9.64 23.44
CA GLY B 56 -32.51 8.60 22.66
C GLY B 56 -31.08 8.33 23.07
N GLY B 57 -30.28 7.89 22.11
CA GLY B 57 -28.88 7.57 22.36
C GLY B 57 -28.68 6.12 22.70
N VAL B 58 -27.53 5.57 22.29
CA VAL B 58 -27.16 4.17 22.48
C VAL B 58 -26.80 3.87 23.96
N ALA B 59 -26.32 4.88 24.72
CA ALA B 59 -25.98 4.74 26.14
C ALA B 59 -27.22 4.63 27.01
N ARG B 60 -28.26 5.43 26.71
CA ARG B 60 -29.53 5.47 27.41
C ARG B 60 -30.31 4.16 27.18
N LEU B 61 -30.22 3.60 25.95
CA LEU B 61 -30.85 2.33 25.57
C LEU B 61 -30.23 1.21 26.38
N PHE B 62 -28.89 1.23 26.56
CA PHE B 62 -28.14 0.25 27.34
C PHE B 62 -28.66 0.18 28.77
N THR B 63 -28.96 1.34 29.38
CA THR B 63 -29.49 1.48 30.74
C THR B 63 -30.84 0.79 30.84
N LYS B 64 -31.79 1.12 29.93
CA LYS B 64 -33.13 0.56 29.92
C LYS B 64 -33.14 -0.94 29.63
N VAL B 65 -32.29 -1.39 28.68
CA VAL B 65 -32.18 -2.81 28.31
C VAL B 65 -31.68 -3.62 29.51
N GLN B 66 -30.64 -3.10 30.20
CA GLN B 66 -30.04 -3.74 31.37
C GLN B 66 -31.01 -3.76 32.55
N GLN B 67 -31.88 -2.73 32.67
CA GLN B 67 -32.88 -2.63 33.72
C GLN B 67 -33.93 -3.74 33.54
N ILE B 68 -34.42 -3.93 32.30
CA ILE B 68 -35.41 -4.96 31.92
C ILE B 68 -34.86 -6.37 32.11
N ARG B 69 -33.62 -6.64 31.62
CA ARG B 69 -32.94 -7.94 31.74
C ARG B 69 -32.78 -8.40 33.19
N ARG B 70 -32.63 -7.44 34.12
CA ARG B 70 -32.50 -7.72 35.54
C ARG B 70 -33.86 -8.09 36.14
N ALA B 71 -34.97 -7.56 35.58
CA ALA B 71 -36.33 -7.78 36.06
C ALA B 71 -37.08 -8.96 35.41
N GLU B 72 -36.93 -9.16 34.09
CA GLU B 72 -37.62 -10.23 33.34
C GLU B 72 -36.67 -11.40 33.01
N PRO B 73 -37.11 -12.67 33.23
CA PRO B 73 -36.21 -13.82 32.95
C PRO B 73 -36.03 -14.17 31.47
N ASN B 74 -37.06 -13.96 30.62
CA ASN B 74 -36.99 -14.28 29.20
C ASN B 74 -37.03 -13.00 28.36
N VAL B 75 -35.83 -12.52 27.96
CA VAL B 75 -35.66 -11.29 27.20
C VAL B 75 -34.94 -11.55 25.87
N LEU B 76 -35.38 -10.86 24.80
CA LEU B 76 -34.79 -10.91 23.46
C LEU B 76 -34.70 -9.49 22.90
N LEU B 77 -33.48 -9.04 22.58
CA LEU B 77 -33.22 -7.73 22.00
C LEU B 77 -33.03 -7.93 20.51
N LEU B 78 -33.95 -7.39 19.70
CA LEU B 78 -33.93 -7.58 18.25
C LEU B 78 -33.88 -6.26 17.49
N ASP B 79 -33.20 -6.26 16.33
CA ASP B 79 -33.15 -5.07 15.49
C ASP B 79 -33.76 -5.43 14.14
N ALA B 80 -34.66 -4.58 13.63
CA ALA B 80 -35.31 -4.84 12.35
C ALA B 80 -34.70 -4.02 11.18
N GLY B 81 -33.37 -3.86 11.21
CA GLY B 81 -32.61 -3.17 10.17
C GLY B 81 -32.57 -1.65 10.20
N ASP B 82 -31.87 -1.08 9.21
CA ASP B 82 -31.62 0.34 8.97
C ASP B 82 -30.88 1.04 10.14
N GLN B 83 -29.77 0.44 10.58
CA GLN B 83 -28.88 0.99 11.60
C GLN B 83 -27.95 1.95 10.85
N TYR B 84 -27.61 1.59 9.60
CA TYR B 84 -26.77 2.31 8.64
C TYR B 84 -27.44 3.58 8.13
N GLN B 85 -26.63 4.60 7.75
CA GLN B 85 -27.01 5.90 7.20
C GLN B 85 -27.72 6.80 8.19
N GLY B 86 -27.22 8.02 8.39
CA GLY B 86 -27.88 8.93 9.31
C GLY B 86 -27.13 10.16 9.78
N THR B 87 -25.86 9.98 10.23
CA THR B 87 -25.01 11.05 10.77
C THR B 87 -23.55 10.92 10.29
N ILE B 88 -22.65 11.72 10.90
CA ILE B 88 -21.20 11.73 10.66
C ILE B 88 -20.55 10.41 11.16
N TRP B 89 -21.21 9.72 12.11
CA TRP B 89 -20.78 8.44 12.66
C TRP B 89 -20.67 7.40 11.56
N PHE B 90 -21.69 7.30 10.69
CA PHE B 90 -21.72 6.37 9.56
C PHE B 90 -20.75 6.80 8.48
N THR B 91 -20.63 8.12 8.26
CA THR B 91 -19.75 8.74 7.27
C THR B 91 -18.29 8.34 7.54
N VAL B 92 -17.86 8.41 8.81
CA VAL B 92 -16.50 8.14 9.26
C VAL B 92 -16.22 6.65 9.56
N TYR B 93 -17.02 6.03 10.44
CA TYR B 93 -16.81 4.65 10.88
C TYR B 93 -17.38 3.60 9.91
N LYS B 94 -18.20 4.02 8.93
CA LYS B 94 -18.75 3.22 7.82
C LYS B 94 -19.33 1.84 8.20
N GLY B 95 -19.92 1.74 9.39
CA GLY B 95 -20.55 0.50 9.86
C GLY B 95 -19.89 -0.16 11.07
N ALA B 96 -18.64 0.23 11.38
CA ALA B 96 -17.89 -0.33 12.50
C ALA B 96 -18.48 0.10 13.85
N GLU B 97 -19.14 1.27 13.87
CA GLU B 97 -19.80 1.84 15.04
C GLU B 97 -21.07 1.05 15.38
N VAL B 98 -21.78 0.57 14.33
CA VAL B 98 -22.98 -0.24 14.42
C VAL B 98 -22.60 -1.59 15.03
N ALA B 99 -21.56 -2.25 14.45
CA ALA B 99 -21.04 -3.54 14.91
C ALA B 99 -20.60 -3.45 16.38
N HIS B 100 -19.82 -2.42 16.73
CA HIS B 100 -19.32 -2.20 18.09
C HIS B 100 -20.41 -1.97 19.12
N PHE B 101 -21.31 -1.00 18.88
CA PHE B 101 -22.33 -0.65 19.86
C PHE B 101 -23.47 -1.67 19.97
N MET B 102 -23.80 -2.38 18.88
CA MET B 102 -24.83 -3.41 18.92
C MET B 102 -24.34 -4.64 19.68
N ASN B 103 -23.00 -4.88 19.64
CA ASN B 103 -22.28 -5.96 20.34
C ASN B 103 -22.27 -5.64 21.83
N ALA B 104 -22.06 -4.35 22.17
CA ALA B 104 -22.02 -3.81 23.53
C ALA B 104 -23.40 -3.94 24.20
N LEU B 105 -24.48 -3.64 23.44
CA LEU B 105 -25.86 -3.73 23.91
C LEU B 105 -26.39 -5.17 23.94
N ARG B 106 -25.59 -6.12 23.40
CA ARG B 106 -25.84 -7.56 23.33
C ARG B 106 -27.15 -7.92 22.64
N TYR B 107 -27.34 -7.42 21.40
CA TYR B 107 -28.50 -7.74 20.56
C TYR B 107 -28.48 -9.24 20.30
N ASP B 108 -29.65 -9.87 20.35
CA ASP B 108 -29.82 -11.30 20.14
C ASP B 108 -29.86 -11.69 18.65
N ALA B 109 -30.41 -10.82 17.76
CA ALA B 109 -30.51 -11.03 16.30
C ALA B 109 -30.87 -9.73 15.57
N MET B 110 -30.37 -9.58 14.33
CA MET B 110 -30.67 -8.41 13.48
C MET B 110 -31.22 -8.87 12.13
N ALA B 111 -32.14 -8.08 11.56
CA ALA B 111 -32.71 -8.31 10.24
C ALA B 111 -32.08 -7.29 9.29
N LEU B 112 -31.73 -7.71 8.06
CA LEU B 112 -31.11 -6.82 7.08
C LEU B 112 -32.07 -5.77 6.56
N GLY B 113 -31.65 -4.52 6.68
CA GLY B 113 -32.39 -3.36 6.19
C GLY B 113 -31.89 -2.94 4.83
N ASN B 114 -32.63 -2.04 4.17
CA ASN B 114 -32.25 -1.54 2.85
C ASN B 114 -30.95 -0.70 2.88
N HIS B 115 -30.78 0.16 3.91
CA HIS B 115 -29.60 1.01 4.04
C HIS B 115 -28.32 0.26 4.40
N GLU B 116 -28.41 -1.03 4.71
CA GLU B 116 -27.23 -1.86 5.00
C GLU B 116 -26.39 -2.11 3.73
N PHE B 117 -26.97 -1.85 2.55
CA PHE B 117 -26.32 -2.03 1.26
C PHE B 117 -25.81 -0.72 0.65
N ASP B 118 -25.93 0.41 1.39
CA ASP B 118 -25.55 1.76 0.96
C ASP B 118 -24.12 1.90 0.50
N ASN B 119 -23.17 1.21 1.17
CA ASN B 119 -21.76 1.22 0.78
C ASN B 119 -21.40 -0.03 -0.04
N GLY B 120 -22.39 -0.54 -0.78
CA GLY B 120 -22.26 -1.74 -1.60
C GLY B 120 -22.30 -3.00 -0.76
N VAL B 121 -22.14 -4.15 -1.42
CA VAL B 121 -22.16 -5.44 -0.73
C VAL B 121 -20.87 -5.63 0.10
N GLU B 122 -19.74 -5.02 -0.32
CA GLU B 122 -18.47 -5.07 0.40
C GLU B 122 -18.50 -4.20 1.66
N GLY B 123 -19.32 -3.14 1.64
CA GLY B 123 -19.50 -2.23 2.75
C GLY B 123 -20.41 -2.79 3.85
N LEU B 124 -20.95 -4.00 3.62
CA LEU B 124 -21.81 -4.73 4.56
C LEU B 124 -21.08 -5.97 5.09
N ILE B 125 -20.45 -6.74 4.17
CA ILE B 125 -19.71 -7.96 4.48
C ILE B 125 -18.59 -7.68 5.46
N GLU B 126 -17.70 -6.71 5.12
CA GLU B 126 -16.54 -6.40 5.95
C GLU B 126 -16.88 -5.69 7.28
N PRO B 127 -17.51 -4.50 7.34
CA PRO B 127 -17.73 -3.88 8.67
C PRO B 127 -18.74 -4.60 9.58
N LEU B 128 -19.98 -4.86 9.10
CA LEU B 128 -21.01 -5.45 9.95
C LEU B 128 -21.03 -6.99 9.98
N LEU B 129 -21.34 -7.65 8.84
CA LEU B 129 -21.49 -9.12 8.75
C LEU B 129 -20.37 -9.95 9.39
N LYS B 130 -19.12 -9.47 9.30
CA LYS B 130 -17.96 -10.17 9.83
C LYS B 130 -17.63 -9.82 11.28
N GLU B 131 -18.01 -8.62 11.76
CA GLU B 131 -17.69 -8.18 13.13
C GLU B 131 -18.82 -8.40 14.16
N ALA B 132 -20.09 -8.47 13.72
CA ALA B 132 -21.25 -8.68 14.60
C ALA B 132 -21.20 -10.02 15.35
N LYS B 133 -21.43 -9.98 16.69
CA LYS B 133 -21.43 -11.14 17.59
C LYS B 133 -22.82 -11.77 17.76
N PHE B 134 -23.73 -11.50 16.80
CA PHE B 134 -25.11 -11.98 16.78
C PHE B 134 -25.53 -12.37 15.34
N PRO B 135 -26.55 -13.25 15.13
CA PRO B 135 -26.93 -13.58 13.75
C PRO B 135 -27.66 -12.46 13.01
N ILE B 136 -27.28 -12.23 11.74
CA ILE B 136 -27.92 -11.24 10.87
C ILE B 136 -28.74 -12.02 9.85
N LEU B 137 -30.05 -11.78 9.83
CA LEU B 137 -31.02 -12.55 9.06
C LEU B 137 -31.66 -11.85 7.86
N SER B 138 -32.09 -12.67 6.88
CA SER B 138 -32.82 -12.37 5.64
C SER B 138 -32.99 -13.64 4.80
N ALA B 139 -34.24 -14.12 4.65
CA ALA B 139 -34.57 -15.33 3.89
C ALA B 139 -34.84 -15.07 2.41
N ASN B 140 -35.28 -13.86 2.05
CA ASN B 140 -35.61 -13.54 0.66
C ASN B 140 -34.45 -12.93 -0.17
N ILE B 141 -33.20 -12.89 0.36
CA ILE B 141 -32.08 -12.40 -0.45
C ILE B 141 -31.35 -13.61 -0.99
N SER B 142 -31.27 -13.73 -2.32
CA SER B 142 -30.53 -14.81 -2.96
C SER B 142 -29.36 -14.23 -3.76
N ALA B 143 -28.23 -14.96 -3.80
CA ALA B 143 -27.01 -14.53 -4.47
C ALA B 143 -26.59 -15.38 -5.68
N SER B 144 -25.98 -14.72 -6.68
CA SER B 144 -25.50 -15.33 -7.93
C SER B 144 -24.10 -14.79 -8.29
N GLY B 145 -23.54 -15.29 -9.37
CA GLY B 145 -22.23 -14.88 -9.88
C GLY B 145 -21.07 -15.24 -8.96
N PRO B 146 -20.02 -14.38 -8.90
CA PRO B 146 -18.87 -14.71 -8.03
C PRO B 146 -19.12 -14.44 -6.55
N LEU B 147 -20.09 -13.56 -6.23
CA LEU B 147 -20.48 -13.18 -4.87
C LEU B 147 -21.08 -14.36 -4.08
N ALA B 148 -21.94 -15.15 -4.74
CA ALA B 148 -22.64 -16.31 -4.17
C ALA B 148 -21.83 -17.14 -3.18
N SER B 149 -20.60 -17.52 -3.57
CA SER B 149 -19.69 -18.31 -2.74
C SER B 149 -19.02 -17.51 -1.60
N GLN B 150 -18.82 -16.20 -1.82
CA GLN B 150 -18.19 -15.29 -0.85
C GLN B 150 -19.13 -14.88 0.29
N ILE B 151 -20.41 -14.61 -0.03
CA ILE B 151 -21.43 -14.15 0.93
C ILE B 151 -22.19 -15.31 1.63
N SER B 152 -22.09 -16.54 1.08
CA SER B 152 -22.76 -17.74 1.61
C SER B 152 -22.43 -18.04 3.07
N GLY B 153 -23.48 -17.95 3.91
CA GLY B 153 -23.40 -18.21 5.33
C GLY B 153 -23.19 -17.00 6.21
N LEU B 154 -22.87 -15.84 5.60
CA LEU B 154 -22.62 -14.59 6.33
C LEU B 154 -23.91 -13.98 6.88
N TYR B 155 -25.03 -14.22 6.17
CA TYR B 155 -26.39 -13.90 6.60
C TYR B 155 -27.20 -15.19 6.51
N LEU B 156 -28.02 -15.46 7.54
CA LEU B 156 -28.82 -16.68 7.64
C LEU B 156 -30.30 -16.46 7.33
N PRO B 157 -31.03 -17.45 6.75
CA PRO B 157 -32.47 -17.23 6.52
C PRO B 157 -33.26 -17.20 7.83
N TYR B 158 -32.83 -18.01 8.81
CA TYR B 158 -33.41 -18.16 10.14
C TYR B 158 -32.35 -18.50 11.18
N LYS B 159 -32.75 -18.61 12.47
CA LYS B 159 -31.90 -19.00 13.60
C LYS B 159 -32.74 -19.31 14.81
N VAL B 160 -32.46 -20.44 15.45
CA VAL B 160 -33.14 -20.91 16.66
C VAL B 160 -32.36 -20.35 17.85
N LEU B 161 -33.03 -19.51 18.63
CA LEU B 161 -32.43 -18.85 19.79
C LEU B 161 -32.91 -19.45 21.11
N PRO B 162 -32.01 -20.08 21.90
CA PRO B 162 -32.44 -20.61 23.19
C PRO B 162 -32.69 -19.47 24.18
N VAL B 163 -33.90 -19.47 24.79
CA VAL B 163 -34.32 -18.48 25.78
C VAL B 163 -34.67 -19.26 27.04
N GLY B 164 -33.65 -19.55 27.83
CA GLY B 164 -33.78 -20.34 29.06
C GLY B 164 -34.09 -21.80 28.79
N ASP B 165 -35.24 -22.27 29.32
CA ASP B 165 -35.72 -23.65 29.19
C ASP B 165 -36.43 -23.89 27.84
N GLU B 166 -36.68 -22.82 27.07
CA GLU B 166 -37.38 -22.91 25.78
C GLU B 166 -36.51 -22.44 24.61
N VAL B 167 -37.01 -22.65 23.38
CA VAL B 167 -36.37 -22.21 22.14
C VAL B 167 -37.34 -21.37 21.29
N VAL B 168 -36.83 -20.27 20.70
CA VAL B 168 -37.60 -19.36 19.86
C VAL B 168 -36.91 -19.21 18.51
N GLY B 169 -37.63 -19.52 17.44
CA GLY B 169 -37.11 -19.38 16.08
C GLY B 169 -37.33 -17.99 15.55
N ILE B 170 -36.30 -17.41 14.93
CA ILE B 170 -36.39 -16.07 14.31
C ILE B 170 -36.06 -16.18 12.83
N VAL B 171 -37.00 -15.74 11.98
CA VAL B 171 -36.86 -15.75 10.53
C VAL B 171 -36.84 -14.28 10.02
N GLY B 172 -35.97 -13.99 9.07
CA GLY B 172 -35.79 -12.64 8.55
C GLY B 172 -36.22 -12.37 7.13
N TYR B 173 -36.45 -11.08 6.80
CA TYR B 173 -36.85 -10.60 5.47
C TYR B 173 -36.41 -9.15 5.22
N THR B 174 -36.12 -8.81 3.95
CA THR B 174 -35.67 -7.48 3.50
C THR B 174 -36.51 -7.02 2.30
N SER B 175 -36.90 -5.74 2.28
CA SER B 175 -37.68 -5.10 1.22
C SER B 175 -37.19 -5.43 -0.20
N LYS B 176 -38.13 -5.66 -1.14
CA LYS B 176 -37.85 -5.96 -2.54
C LYS B 176 -37.41 -4.69 -3.28
N GLU B 177 -37.62 -3.51 -2.66
CA GLU B 177 -37.29 -2.19 -3.21
C GLU B 177 -35.82 -1.80 -3.04
N THR B 178 -35.03 -2.60 -2.27
CA THR B 178 -33.60 -2.37 -2.03
C THR B 178 -32.81 -2.07 -3.31
N PRO B 179 -32.98 -2.78 -4.47
CA PRO B 179 -32.24 -2.40 -5.68
C PRO B 179 -32.42 -0.96 -6.19
N PHE B 180 -33.44 -0.23 -5.71
CA PHE B 180 -33.74 1.16 -6.09
C PHE B 180 -33.38 2.16 -4.98
N LEU B 181 -33.38 1.70 -3.71
CA LEU B 181 -33.11 2.53 -2.55
C LEU B 181 -31.66 2.52 -2.10
N SER B 182 -30.91 1.49 -2.49
CA SER B 182 -29.54 1.29 -2.04
C SER B 182 -28.70 0.66 -3.16
N ASN B 183 -27.48 0.17 -2.82
CA ASN B 183 -26.56 -0.43 -3.78
C ASN B 183 -26.25 -1.94 -3.53
N PRO B 184 -27.23 -2.88 -3.61
CA PRO B 184 -26.91 -4.30 -3.38
C PRO B 184 -26.07 -4.96 -4.49
N GLY B 185 -26.00 -4.33 -5.67
CA GLY B 185 -25.23 -4.82 -6.82
C GLY B 185 -26.00 -5.69 -7.79
N THR B 186 -25.29 -6.21 -8.80
CA THR B 186 -25.83 -7.07 -9.87
C THR B 186 -26.09 -8.50 -9.39
N ASN B 187 -25.36 -8.94 -8.36
CA ASN B 187 -25.32 -10.32 -7.92
C ASN B 187 -26.32 -10.72 -6.81
N LEU B 188 -27.22 -9.80 -6.40
CA LEU B 188 -28.25 -10.09 -5.40
C LEU B 188 -29.67 -9.90 -5.93
N VAL B 189 -30.58 -10.82 -5.55
CA VAL B 189 -32.00 -10.79 -5.94
C VAL B 189 -32.87 -10.83 -4.67
N PHE B 190 -33.82 -9.89 -4.57
CA PHE B 190 -34.76 -9.77 -3.45
C PHE B 190 -36.09 -10.43 -3.84
N GLU B 191 -36.29 -11.67 -3.36
CA GLU B 191 -37.47 -12.50 -3.65
C GLU B 191 -38.71 -11.99 -2.90
N ASP B 192 -39.91 -12.47 -3.28
CA ASP B 192 -41.15 -12.09 -2.61
C ASP B 192 -41.09 -12.64 -1.19
N GLU B 193 -41.42 -11.80 -0.19
CA GLU B 193 -41.35 -12.14 1.23
C GLU B 193 -42.18 -13.35 1.61
N ILE B 194 -43.50 -13.35 1.34
CA ILE B 194 -44.40 -14.48 1.67
C ILE B 194 -43.97 -15.79 0.97
N THR B 195 -43.57 -15.70 -0.32
CA THR B 195 -43.11 -16.81 -1.14
C THR B 195 -41.84 -17.45 -0.54
N ALA B 196 -40.87 -16.62 -0.11
CA ALA B 196 -39.59 -17.06 0.45
C ALA B 196 -39.62 -17.44 1.93
N LEU B 197 -40.47 -16.79 2.73
CA LEU B 197 -40.58 -17.04 4.17
C LEU B 197 -41.22 -18.38 4.53
N GLN B 198 -42.32 -18.76 3.87
CA GLN B 198 -43.07 -19.99 4.15
C GLN B 198 -42.18 -21.27 4.17
N PRO B 199 -41.31 -21.56 3.15
CA PRO B 199 -40.45 -22.76 3.24
C PRO B 199 -39.49 -22.75 4.44
N GLU B 200 -39.04 -21.55 4.85
CA GLU B 200 -38.12 -21.36 5.97
C GLU B 200 -38.86 -21.48 7.31
N VAL B 201 -40.14 -21.04 7.35
CA VAL B 201 -41.00 -21.16 8.54
C VAL B 201 -41.33 -22.66 8.71
N ASP B 202 -41.60 -23.35 7.59
CA ASP B 202 -41.90 -24.78 7.55
C ASP B 202 -40.71 -25.64 8.03
N LYS B 203 -39.47 -25.20 7.73
CA LYS B 203 -38.24 -25.85 8.16
C LYS B 203 -38.09 -25.77 9.69
N LEU B 204 -38.51 -24.64 10.29
CA LEU B 204 -38.46 -24.45 11.74
C LEU B 204 -39.48 -25.36 12.41
N LYS B 205 -40.64 -25.59 11.76
CA LYS B 205 -41.68 -26.48 12.24
C LYS B 205 -41.20 -27.93 12.27
N THR B 206 -40.38 -28.34 11.26
CA THR B 206 -39.81 -29.70 11.20
C THR B 206 -38.77 -29.89 12.31
N LEU B 207 -38.07 -28.80 12.70
CA LEU B 207 -37.07 -28.78 13.77
C LEU B 207 -37.75 -28.73 15.15
N ASN B 208 -39.10 -28.81 15.15
CA ASN B 208 -40.01 -28.79 16.31
C ASN B 208 -39.92 -27.49 17.11
N VAL B 209 -39.81 -26.35 16.39
CA VAL B 209 -39.79 -25.01 16.97
C VAL B 209 -41.23 -24.52 16.90
N ASN B 210 -41.89 -24.38 18.06
CA ASN B 210 -43.30 -23.96 18.18
C ASN B 210 -43.50 -22.46 18.46
N LYS B 211 -42.41 -21.69 18.62
CA LYS B 211 -42.46 -20.25 18.89
C LYS B 211 -41.64 -19.52 17.83
N ILE B 212 -42.32 -18.87 16.85
CA ILE B 212 -41.65 -18.22 15.71
C ILE B 212 -41.94 -16.73 15.60
N ILE B 213 -40.86 -15.92 15.51
CA ILE B 213 -40.88 -14.46 15.33
C ILE B 213 -40.41 -14.16 13.90
N ALA B 214 -41.14 -13.30 13.18
CA ALA B 214 -40.76 -12.84 11.85
C ALA B 214 -40.22 -11.42 12.06
N LEU B 215 -38.89 -11.28 11.98
CA LEU B 215 -38.15 -10.02 12.18
C LEU B 215 -37.63 -9.55 10.80
N GLY B 216 -38.15 -8.42 10.32
CA GLY B 216 -37.74 -7.92 9.01
C GLY B 216 -37.86 -6.44 8.75
N HIS B 217 -37.41 -6.04 7.56
CA HIS B 217 -37.36 -4.66 7.09
C HIS B 217 -38.05 -4.48 5.71
N SER B 218 -39.39 -4.44 5.69
CA SER B 218 -40.17 -4.29 4.46
C SER B 218 -41.32 -3.27 4.53
N GLY B 219 -41.63 -2.80 5.73
CA GLY B 219 -42.71 -1.84 5.98
C GLY B 219 -43.91 -2.46 6.67
N PHE B 220 -44.74 -1.62 7.30
CA PHE B 220 -45.94 -2.03 8.05
C PHE B 220 -46.96 -2.84 7.23
N GLU B 221 -47.26 -2.38 6.00
CA GLU B 221 -48.22 -3.06 5.12
C GLU B 221 -47.81 -4.50 4.81
N MET B 222 -46.51 -4.72 4.51
CA MET B 222 -45.94 -6.04 4.26
C MET B 222 -45.94 -6.89 5.55
N ASP B 223 -45.66 -6.27 6.72
CA ASP B 223 -45.65 -6.93 8.02
C ASP B 223 -47.02 -7.58 8.27
N LYS B 224 -48.10 -6.81 8.03
CA LYS B 224 -49.50 -7.24 8.15
C LYS B 224 -49.82 -8.42 7.22
N LEU B 225 -49.24 -8.42 5.99
CA LEU B 225 -49.43 -9.47 5.00
C LEU B 225 -48.78 -10.78 5.45
N ILE B 226 -47.54 -10.70 5.96
CA ILE B 226 -46.79 -11.86 6.48
C ILE B 226 -47.57 -12.47 7.67
N ALA B 227 -48.09 -11.61 8.57
CA ALA B 227 -48.88 -12.00 9.73
C ALA B 227 -50.16 -12.75 9.32
N GLN B 228 -50.81 -12.29 8.24
CA GLN B 228 -52.05 -12.86 7.73
C GLN B 228 -51.83 -14.12 6.89
N LYS B 229 -50.81 -14.13 6.01
CA LYS B 229 -50.60 -15.21 5.05
C LYS B 229 -49.53 -16.27 5.40
N VAL B 230 -48.41 -15.88 6.08
CA VAL B 230 -47.35 -16.84 6.43
C VAL B 230 -47.75 -17.66 7.68
N ARG B 231 -48.24 -18.89 7.44
CA ARG B 231 -48.68 -19.82 8.49
C ARG B 231 -47.50 -20.30 9.34
N GLY B 232 -47.64 -20.19 10.66
CA GLY B 232 -46.61 -20.60 11.61
C GLY B 232 -45.97 -19.47 12.38
N VAL B 233 -46.01 -18.25 11.80
CA VAL B 233 -45.47 -17.02 12.39
C VAL B 233 -46.39 -16.61 13.55
N ASP B 234 -45.82 -16.43 14.75
CA ASP B 234 -46.55 -16.06 15.96
C ASP B 234 -46.57 -14.56 16.24
N VAL B 235 -45.48 -13.83 15.86
CA VAL B 235 -45.29 -12.38 16.06
C VAL B 235 -44.49 -11.82 14.87
N VAL B 236 -44.82 -10.59 14.45
CA VAL B 236 -44.11 -9.85 13.41
C VAL B 236 -43.50 -8.57 14.02
N VAL B 237 -42.15 -8.43 13.95
CA VAL B 237 -41.39 -7.28 14.42
C VAL B 237 -40.85 -6.63 13.14
N GLY B 238 -41.31 -5.43 12.83
CA GLY B 238 -40.92 -4.75 11.59
C GLY B 238 -40.20 -3.43 11.70
N GLY B 239 -40.02 -2.81 10.54
CA GLY B 239 -39.36 -1.52 10.35
C GLY B 239 -39.68 -0.92 9.00
N HIS B 240 -38.73 -0.15 8.42
CA HIS B 240 -38.78 0.53 7.10
C HIS B 240 -39.68 1.79 7.07
N SER B 241 -40.95 1.63 7.47
CA SER B 241 -41.99 2.65 7.45
C SER B 241 -41.98 3.62 8.64
N ASN B 242 -41.11 3.38 9.65
CA ASN B 242 -41.00 4.20 10.86
C ASN B 242 -42.35 4.33 11.60
N THR B 243 -43.18 3.28 11.50
CA THR B 243 -44.52 3.21 12.08
C THR B 243 -44.46 3.30 13.60
N PHE B 244 -45.28 4.19 14.17
CA PHE B 244 -45.38 4.36 15.61
C PHE B 244 -46.73 3.84 16.02
N LEU B 245 -46.73 2.82 16.91
CA LEU B 245 -47.95 2.21 17.45
C LEU B 245 -47.98 2.42 18.97
N TYR B 246 -49.12 2.87 19.51
CA TYR B 246 -49.27 3.11 20.94
C TYR B 246 -50.65 2.79 21.46
N THR B 247 -50.69 2.06 22.59
CA THR B 247 -51.91 1.72 23.31
C THR B 247 -52.02 2.72 24.45
N GLY B 248 -52.86 3.74 24.26
CA GLY B 248 -53.09 4.79 25.23
C GLY B 248 -52.66 6.16 24.76
N ASN B 249 -52.29 7.02 25.72
CA ASN B 249 -51.87 8.37 25.42
C ASN B 249 -50.38 8.47 25.04
N PRO B 250 -50.06 8.91 23.81
CA PRO B 250 -48.64 9.00 23.40
C PRO B 250 -47.82 9.90 24.33
N PRO B 251 -46.55 9.52 24.62
CA PRO B 251 -45.75 10.33 25.55
C PRO B 251 -45.05 11.52 24.91
N SER B 252 -44.94 11.54 23.58
CA SER B 252 -44.25 12.60 22.84
C SER B 252 -45.08 13.11 21.63
N LYS B 253 -44.39 13.69 20.62
CA LYS B 253 -44.97 14.30 19.42
C LYS B 253 -45.44 13.32 18.33
N GLU B 254 -45.06 12.04 18.44
CA GLU B 254 -45.42 11.02 17.45
C GLU B 254 -46.89 10.64 17.54
N VAL B 255 -47.55 10.58 16.36
CA VAL B 255 -48.96 10.25 16.23
C VAL B 255 -49.11 8.76 15.92
N PRO B 256 -49.80 8.00 16.81
CA PRO B 256 -49.97 6.57 16.58
C PRO B 256 -50.72 6.23 15.29
N ALA B 257 -50.26 5.19 14.58
CA ALA B 257 -50.87 4.70 13.35
C ALA B 257 -51.85 3.58 13.70
N GLY B 258 -51.75 3.09 14.93
CA GLY B 258 -52.59 2.03 15.48
C GLY B 258 -52.20 1.71 16.90
N LYS B 259 -52.79 0.64 17.45
CA LYS B 259 -52.51 0.22 18.82
C LYS B 259 -51.25 -0.64 18.85
N TYR B 260 -50.64 -0.78 20.03
CA TYR B 260 -49.45 -1.60 20.24
C TYR B 260 -49.85 -2.78 21.16
N PRO B 261 -49.84 -4.03 20.65
CA PRO B 261 -49.51 -4.43 19.27
C PRO B 261 -50.69 -4.26 18.31
N PHE B 262 -50.41 -4.35 17.01
CA PHE B 262 -51.47 -4.28 16.01
C PHE B 262 -51.88 -5.73 15.75
N ILE B 263 -53.09 -6.12 16.19
CA ILE B 263 -53.54 -7.52 16.05
C ILE B 263 -54.10 -7.79 14.64
N VAL B 264 -53.46 -8.75 13.93
CA VAL B 264 -53.83 -9.19 12.59
C VAL B 264 -54.49 -10.58 12.70
N THR B 265 -55.66 -10.76 12.08
CA THR B 265 -56.34 -12.04 12.07
C THR B 265 -55.84 -12.81 10.86
N SER B 266 -55.05 -13.86 11.10
CA SER B 266 -54.45 -14.70 10.07
C SER B 266 -55.52 -15.54 9.36
N ASP B 267 -55.20 -16.03 8.14
CA ASP B 267 -56.07 -16.86 7.32
C ASP B 267 -56.39 -18.23 7.97
N ASP B 268 -55.56 -18.66 8.94
CA ASP B 268 -55.75 -19.92 9.68
C ASP B 268 -56.57 -19.73 10.96
N GLY B 269 -56.92 -18.47 11.27
CA GLY B 269 -57.74 -18.12 12.43
C GLY B 269 -57.04 -17.43 13.59
N ARG B 270 -55.72 -17.62 13.73
CA ARG B 270 -54.90 -17.06 14.81
C ARG B 270 -54.85 -15.52 14.84
N LYS B 271 -54.71 -14.97 16.05
CA LYS B 271 -54.56 -13.53 16.30
C LYS B 271 -53.06 -13.29 16.40
N VAL B 272 -52.50 -12.59 15.41
CA VAL B 272 -51.06 -12.34 15.32
C VAL B 272 -50.71 -10.89 15.64
N PRO B 273 -49.92 -10.64 16.73
CA PRO B 273 -49.50 -9.27 17.02
C PRO B 273 -48.41 -8.80 16.06
N VAL B 274 -48.46 -7.52 15.64
CA VAL B 274 -47.50 -6.87 14.74
C VAL B 274 -46.96 -5.65 15.50
N VAL B 275 -45.63 -5.51 15.58
CA VAL B 275 -44.99 -4.41 16.31
C VAL B 275 -43.94 -3.65 15.50
N GLN B 276 -43.78 -2.35 15.83
CA GLN B 276 -42.80 -1.41 15.29
C GLN B 276 -42.49 -0.36 16.37
N ALA B 277 -41.23 0.13 16.42
CA ALA B 277 -40.77 1.09 17.44
C ALA B 277 -40.28 2.44 16.87
N TYR B 278 -41.07 3.02 15.94
CA TYR B 278 -40.84 4.31 15.28
C TYR B 278 -39.47 4.30 14.54
N ALA B 279 -38.51 5.17 14.93
CA ALA B 279 -37.17 5.30 14.34
C ALA B 279 -36.25 6.15 15.22
N PHE B 280 -34.99 6.32 14.77
CA PHE B 280 -33.92 7.13 15.35
C PHE B 280 -33.58 6.87 16.83
N GLY B 281 -33.93 5.68 17.32
CA GLY B 281 -33.63 5.26 18.69
C GLY B 281 -34.25 6.11 19.79
N LYS B 282 -35.45 6.69 19.53
CA LYS B 282 -36.21 7.51 20.48
C LYS B 282 -36.97 6.60 21.46
N TYR B 283 -37.47 5.45 20.95
CA TYR B 283 -38.25 4.47 21.70
C TYR B 283 -37.63 3.09 21.63
N LEU B 284 -37.79 2.30 22.70
CA LEU B 284 -37.40 0.91 22.73
C LEU B 284 -38.70 0.13 22.79
N GLY B 285 -38.95 -0.68 21.76
CA GLY B 285 -40.15 -1.50 21.67
C GLY B 285 -40.18 -2.48 22.81
N TYR B 286 -41.37 -2.69 23.41
CA TYR B 286 -41.52 -3.60 24.54
C TYR B 286 -42.82 -4.38 24.43
N LEU B 287 -42.71 -5.69 24.08
CA LEU B 287 -43.87 -6.56 23.96
C LEU B 287 -43.75 -7.79 24.84
N LYS B 288 -44.81 -8.10 25.60
CA LYS B 288 -44.86 -9.26 26.49
C LYS B 288 -45.85 -10.28 25.96
N ILE B 289 -45.34 -11.42 25.49
CA ILE B 289 -46.14 -12.51 24.94
C ILE B 289 -46.22 -13.68 25.91
N GLU B 290 -47.42 -14.22 26.11
CA GLU B 290 -47.66 -15.40 26.93
C GLU B 290 -47.95 -16.54 25.97
N PHE B 291 -47.20 -17.65 26.10
CA PHE B 291 -47.36 -18.82 25.24
C PHE B 291 -47.82 -20.03 26.05
N ASP B 292 -48.51 -20.98 25.40
CA ASP B 292 -48.87 -22.24 26.05
C ASP B 292 -47.77 -23.27 25.71
N GLU B 293 -47.86 -24.50 26.26
CA GLU B 293 -46.87 -25.56 26.03
C GLU B 293 -46.69 -25.92 24.52
N ARG B 294 -47.75 -25.70 23.70
CA ARG B 294 -47.76 -25.96 22.26
C ARG B 294 -47.28 -24.75 21.42
N GLY B 295 -46.89 -23.67 22.09
CA GLY B 295 -46.37 -22.46 21.47
C GLY B 295 -47.40 -21.56 20.80
N ASN B 296 -48.64 -21.54 21.34
CA ASN B 296 -49.75 -20.70 20.84
C ASN B 296 -49.80 -19.46 21.70
N VAL B 297 -50.04 -18.29 21.08
CA VAL B 297 -50.12 -17.01 21.80
C VAL B 297 -51.42 -16.94 22.65
N ILE B 298 -51.27 -16.89 23.98
CA ILE B 298 -52.36 -16.78 24.93
C ILE B 298 -52.77 -15.30 25.00
N SER B 299 -51.78 -14.42 25.27
CA SER B 299 -51.93 -12.97 25.38
C SER B 299 -50.68 -12.25 24.90
N SER B 300 -50.86 -11.01 24.42
CA SER B 300 -49.79 -10.13 23.96
C SER B 300 -50.17 -8.72 24.32
N HIS B 301 -49.29 -8.04 25.09
CA HIS B 301 -49.48 -6.66 25.54
C HIS B 301 -48.14 -5.96 25.70
N GLY B 302 -48.18 -4.64 25.66
CA GLY B 302 -47.00 -3.81 25.82
C GLY B 302 -47.18 -2.41 25.28
N ASN B 303 -46.05 -1.67 25.13
CA ASN B 303 -45.96 -0.31 24.61
C ASN B 303 -44.51 0.12 24.38
N PRO B 304 -44.23 0.98 23.37
CA PRO B 304 -42.84 1.44 23.20
C PRO B 304 -42.43 2.39 24.35
N ILE B 305 -41.27 2.12 24.96
CA ILE B 305 -40.75 2.91 26.09
C ILE B 305 -40.04 4.15 25.54
N LEU B 306 -40.46 5.35 25.97
CA LEU B 306 -39.83 6.60 25.53
C LEU B 306 -38.51 6.79 26.26
N LEU B 307 -37.40 6.76 25.52
CA LEU B 307 -36.07 6.92 26.10
C LEU B 307 -35.78 8.41 26.37
N ASP B 308 -36.34 8.94 27.46
CA ASP B 308 -36.20 10.35 27.84
C ASP B 308 -35.26 10.57 29.02
N SER B 309 -34.98 11.86 29.33
CA SER B 309 -34.10 12.38 30.39
C SER B 309 -34.17 11.67 31.74
N SER B 310 -35.36 11.11 32.10
CA SER B 310 -35.58 10.35 33.33
C SER B 310 -34.72 9.08 33.39
N ILE B 311 -34.35 8.52 32.21
CA ILE B 311 -33.48 7.35 32.07
C ILE B 311 -32.03 7.88 31.93
N PRO B 312 -31.10 7.59 32.88
CA PRO B 312 -29.74 8.13 32.73
C PRO B 312 -28.89 7.38 31.69
N GLU B 313 -27.92 8.08 31.10
CA GLU B 313 -27.02 7.47 30.11
C GLU B 313 -25.99 6.63 30.87
N ASP B 314 -25.75 5.39 30.42
CA ASP B 314 -24.77 4.50 31.03
C ASP B 314 -23.36 5.09 30.90
N PRO B 315 -22.65 5.31 32.03
CA PRO B 315 -21.31 5.92 31.97
C PRO B 315 -20.26 5.16 31.15
N SER B 316 -20.36 3.82 31.08
CA SER B 316 -19.44 2.97 30.33
C SER B 316 -19.59 3.19 28.82
N ILE B 317 -20.85 3.19 28.30
CA ILE B 317 -21.16 3.40 26.88
C ILE B 317 -20.88 4.85 26.47
N LYS B 318 -21.25 5.83 27.33
CA LYS B 318 -21.00 7.26 27.08
C LYS B 318 -19.50 7.54 26.95
N ALA B 319 -18.68 6.80 27.72
CA ALA B 319 -17.21 6.90 27.67
C ALA B 319 -16.71 6.53 26.26
N ASP B 320 -17.24 5.44 25.67
CA ASP B 320 -16.89 4.98 24.31
C ASP B 320 -17.35 6.00 23.29
N ILE B 321 -18.59 6.54 23.44
CA ILE B 321 -19.17 7.54 22.55
C ILE B 321 -18.27 8.79 22.47
N ASN B 322 -17.86 9.32 23.63
CA ASN B 322 -16.99 10.50 23.73
C ASN B 322 -15.58 10.23 23.18
N LYS B 323 -15.07 9.00 23.37
CA LYS B 323 -13.75 8.53 22.90
C LYS B 323 -13.72 8.52 21.36
N TRP B 324 -14.82 8.07 20.74
CA TRP B 324 -14.96 7.98 19.30
C TRP B 324 -15.32 9.31 18.66
N ARG B 325 -16.03 10.19 19.40
CA ARG B 325 -16.46 11.52 18.94
C ARG B 325 -15.29 12.46 18.58
N ILE B 326 -14.08 12.18 19.09
CA ILE B 326 -12.85 12.95 18.84
C ILE B 326 -12.49 12.93 17.34
N LYS B 327 -12.49 11.72 16.71
CA LYS B 327 -12.19 11.50 15.30
C LYS B 327 -13.20 12.21 14.38
N LEU B 328 -14.48 12.29 14.81
CA LEU B 328 -15.58 12.93 14.10
C LEU B 328 -15.36 14.45 14.02
N ASP B 329 -14.83 15.05 15.11
CA ASP B 329 -14.52 16.47 15.18
C ASP B 329 -13.31 16.78 14.30
N ASP B 330 -12.36 15.82 14.21
CA ASP B 330 -11.17 15.94 13.37
C ASP B 330 -11.52 15.80 11.88
N TYR B 331 -12.55 15.01 11.56
CA TYR B 331 -13.01 14.81 10.19
C TYR B 331 -13.75 16.03 9.67
N SER B 332 -14.55 16.69 10.53
CA SER B 332 -15.36 17.86 10.16
C SER B 332 -14.53 19.09 9.72
N THR B 333 -13.25 19.16 10.11
CA THR B 333 -12.34 20.26 9.76
C THR B 333 -11.37 19.87 8.62
N GLN B 334 -11.35 18.57 8.23
CA GLN B 334 -10.52 18.02 7.16
C GLN B 334 -11.07 18.40 5.80
N GLU B 335 -10.16 18.53 4.82
CA GLU B 335 -10.49 18.83 3.42
C GLU B 335 -11.09 17.60 2.74
N LEU B 336 -12.32 17.72 2.24
CA LEU B 336 -13.03 16.67 1.52
C LEU B 336 -12.64 16.72 0.03
N GLY B 337 -12.46 17.95 -0.45
CA GLY B 337 -12.11 18.26 -1.82
C GLY B 337 -11.93 19.74 -2.01
N LYS B 338 -11.74 20.16 -3.26
CA LYS B 338 -11.50 21.56 -3.63
C LYS B 338 -12.52 22.10 -4.61
N THR B 339 -12.64 23.43 -4.64
CA THR B 339 -13.50 24.18 -5.57
C THR B 339 -12.66 25.28 -6.17
N ILE B 340 -12.76 25.46 -7.49
CA ILE B 340 -12.04 26.52 -8.21
C ILE B 340 -13.00 27.66 -8.53
N VAL B 341 -14.28 27.47 -8.15
CA VAL B 341 -15.37 28.44 -8.34
C VAL B 341 -16.01 28.80 -6.99
N TYR B 342 -16.56 30.02 -6.88
CA TYR B 342 -17.28 30.46 -5.69
C TYR B 342 -18.61 29.71 -5.71
N LEU B 343 -18.86 28.92 -4.65
CA LEU B 343 -20.11 28.17 -4.56
C LEU B 343 -21.18 29.09 -3.99
N ASP B 344 -21.87 29.82 -4.88
CA ASP B 344 -22.90 30.82 -4.60
C ASP B 344 -24.17 30.22 -4.02
N GLY B 345 -24.27 30.27 -2.70
CA GLY B 345 -25.42 29.78 -1.95
C GLY B 345 -26.21 30.88 -1.27
N SER B 346 -25.99 32.14 -1.70
CA SER B 346 -26.66 33.32 -1.16
C SER B 346 -28.14 33.28 -1.53
N SER B 347 -28.98 33.71 -0.56
CA SER B 347 -30.44 33.76 -0.69
C SER B 347 -30.88 34.67 -1.84
N GLN B 348 -30.09 35.72 -2.12
CA GLN B 348 -30.36 36.71 -3.16
C GLN B 348 -30.25 36.09 -4.55
N SER B 349 -29.49 34.98 -4.65
CA SER B 349 -29.28 34.25 -5.89
C SER B 349 -30.16 33.02 -5.95
N CYS B 350 -30.04 32.13 -4.94
CA CYS B 350 -30.74 30.85 -4.89
C CYS B 350 -32.27 30.94 -4.74
N ARG B 351 -32.81 32.08 -4.29
CA ARG B 351 -34.26 32.26 -4.16
C ARG B 351 -34.85 33.14 -5.27
N PHE B 352 -34.01 33.59 -6.23
CA PHE B 352 -34.38 34.46 -7.35
C PHE B 352 -34.08 33.86 -8.72
N ARG B 353 -32.94 33.14 -8.84
CA ARG B 353 -32.50 32.56 -10.11
C ARG B 353 -31.70 31.26 -9.90
N GLU B 354 -31.20 30.67 -10.99
CA GLU B 354 -30.37 29.48 -10.99
C GLU B 354 -29.02 29.84 -10.33
N CYS B 355 -28.67 29.15 -9.23
CA CYS B 355 -27.38 29.33 -8.54
C CYS B 355 -26.55 28.06 -8.68
N ASN B 356 -25.22 28.21 -8.75
CA ASN B 356 -24.33 27.06 -8.95
C ASN B 356 -24.26 26.13 -7.74
N MET B 357 -24.70 26.59 -6.55
CA MET B 357 -24.75 25.76 -5.34
C MET B 357 -25.93 24.78 -5.45
N GLY B 358 -27.07 25.27 -5.96
CA GLY B 358 -28.27 24.47 -6.21
C GLY B 358 -27.99 23.38 -7.22
N ASN B 359 -27.24 23.73 -8.29
CA ASN B 359 -26.82 22.81 -9.35
C ASN B 359 -25.96 21.70 -8.77
N LEU B 360 -24.94 22.08 -7.96
CA LEU B 360 -24.01 21.14 -7.31
C LEU B 360 -24.72 20.12 -6.41
N ILE B 361 -25.60 20.60 -5.50
CA ILE B 361 -26.36 19.73 -4.61
C ILE B 361 -27.23 18.77 -5.43
N CYS B 362 -27.96 19.29 -6.44
CA CYS B 362 -28.79 18.46 -7.30
C CYS B 362 -27.99 17.47 -8.14
N ASP B 363 -26.75 17.81 -8.53
CA ASP B 363 -25.86 16.92 -9.27
C ASP B 363 -25.41 15.80 -8.34
N ALA B 364 -25.18 16.13 -7.03
CA ALA B 364 -24.80 15.20 -5.96
C ALA B 364 -25.95 14.24 -5.68
N MET B 365 -27.19 14.77 -5.57
CA MET B 365 -28.44 14.04 -5.32
C MET B 365 -28.72 12.95 -6.36
N ILE B 366 -28.54 13.28 -7.66
CA ILE B 366 -28.73 12.33 -8.77
C ILE B 366 -27.64 11.25 -8.72
N ASN B 367 -26.36 11.67 -8.64
CA ASN B 367 -25.19 10.79 -8.57
C ASN B 367 -25.29 9.75 -7.44
N ASN B 368 -25.86 10.15 -6.28
CA ASN B 368 -26.05 9.28 -5.13
C ASN B 368 -27.08 8.20 -5.44
N ASN B 369 -28.08 8.53 -6.28
CA ASN B 369 -29.17 7.62 -6.62
C ASN B 369 -28.95 6.83 -7.92
N LEU B 370 -27.68 6.74 -8.38
CA LEU B 370 -27.31 5.94 -9.54
C LEU B 370 -27.24 4.49 -9.07
N ARG B 371 -28.29 3.73 -9.37
CA ARG B 371 -28.40 2.34 -8.96
C ARG B 371 -28.11 1.41 -10.12
N HIS B 372 -27.84 0.13 -9.83
CA HIS B 372 -27.57 -0.84 -10.87
C HIS B 372 -28.82 -0.99 -11.74
N ALA B 373 -28.67 -0.63 -13.02
CA ALA B 373 -29.76 -0.67 -13.99
C ALA B 373 -29.57 -1.76 -15.03
N ASP B 374 -30.69 -2.29 -15.52
CA ASP B 374 -30.74 -3.31 -16.58
C ASP B 374 -30.80 -2.61 -17.96
N GLU B 375 -31.32 -3.27 -18.98
CA GLU B 375 -31.45 -2.72 -20.32
C GLU B 375 -32.66 -1.77 -20.44
N MET B 376 -33.53 -1.73 -19.40
CA MET B 376 -34.74 -0.89 -19.38
C MET B 376 -34.46 0.61 -19.27
N PHE B 377 -33.39 1.01 -18.56
CA PHE B 377 -33.00 2.42 -18.40
C PHE B 377 -31.51 2.59 -18.13
N TRP B 378 -30.95 3.80 -18.41
CA TRP B 378 -29.55 4.13 -18.10
C TRP B 378 -29.46 4.29 -16.57
N ASN B 379 -30.56 4.79 -15.98
CA ASN B 379 -30.83 4.92 -14.54
C ASN B 379 -32.32 5.06 -14.32
N HIS B 380 -32.81 4.51 -13.19
CA HIS B 380 -34.21 4.53 -12.82
C HIS B 380 -34.73 5.96 -12.51
N VAL B 381 -33.85 6.86 -12.04
CA VAL B 381 -34.17 8.26 -11.70
C VAL B 381 -33.16 9.25 -12.36
N SER B 382 -33.66 10.36 -12.91
CA SER B 382 -32.87 11.35 -13.65
C SER B 382 -33.14 12.80 -13.23
N MET B 383 -34.21 13.03 -12.46
CA MET B 383 -34.66 14.36 -12.05
C MET B 383 -34.45 14.69 -10.59
N CYS B 384 -34.22 15.99 -10.30
CA CYS B 384 -33.94 16.55 -8.99
C CYS B 384 -34.59 17.92 -8.81
N ILE B 385 -35.18 18.17 -7.63
CA ILE B 385 -35.74 19.47 -7.24
C ILE B 385 -35.30 19.79 -5.82
N LEU B 386 -34.83 21.03 -5.60
CA LEU B 386 -34.33 21.50 -4.33
C LEU B 386 -34.79 22.94 -4.09
N ASN B 387 -35.52 23.18 -3.00
CA ASN B 387 -36.00 24.52 -2.64
C ASN B 387 -34.83 25.43 -2.22
N GLY B 388 -34.89 26.68 -2.65
CA GLY B 388 -33.89 27.71 -2.38
C GLY B 388 -33.65 27.95 -0.91
N GLY B 389 -34.74 27.90 -0.13
CA GLY B 389 -34.71 28.05 1.33
C GLY B 389 -34.01 26.91 2.05
N GLY B 390 -33.67 25.85 1.32
CA GLY B 390 -32.95 24.70 1.84
C GLY B 390 -31.45 24.95 1.90
N ILE B 391 -30.95 25.82 0.98
CA ILE B 391 -29.55 26.24 0.86
C ILE B 391 -29.42 27.41 1.83
N ARG B 392 -28.59 27.25 2.89
CA ARG B 392 -28.47 28.25 3.95
C ARG B 392 -27.14 29.01 4.00
N SER B 393 -26.17 28.69 3.13
CA SER B 393 -24.88 29.37 3.14
C SER B 393 -24.06 29.15 1.87
N PRO B 394 -23.31 30.16 1.40
CA PRO B 394 -22.38 29.91 0.29
C PRO B 394 -21.07 29.30 0.83
N ILE B 395 -20.13 28.96 -0.08
CA ILE B 395 -18.78 28.47 0.27
C ILE B 395 -17.77 29.26 -0.59
N ASP B 396 -16.77 29.89 0.07
CA ASP B 396 -15.71 30.69 -0.57
C ASP B 396 -14.55 29.81 -1.07
N GLU B 397 -14.17 30.00 -2.34
CA GLU B 397 -13.11 29.26 -3.01
C GLU B 397 -11.70 29.82 -2.77
N ARG B 398 -11.60 31.00 -2.12
CA ARG B 398 -10.32 31.67 -1.90
C ARG B 398 -9.55 31.15 -0.67
N ASN B 399 -10.19 30.24 0.13
CA ASN B 399 -9.56 29.60 1.29
C ASN B 399 -8.80 28.33 0.83
N ASP B 400 -7.90 28.51 -0.18
CA ASP B 400 -7.07 27.49 -0.85
C ASP B 400 -7.90 26.52 -1.75
N GLY B 401 -9.21 26.77 -1.82
CA GLY B 401 -10.16 25.95 -2.57
C GLY B 401 -10.85 24.92 -1.71
N THR B 402 -10.36 24.76 -0.47
CA THR B 402 -10.80 23.81 0.54
C THR B 402 -12.29 23.83 0.84
N ILE B 403 -12.89 22.62 0.91
CA ILE B 403 -14.27 22.34 1.32
C ILE B 403 -14.15 21.31 2.43
N THR B 404 -14.73 21.61 3.61
CA THR B 404 -14.73 20.73 4.78
C THR B 404 -16.17 20.34 5.08
N TRP B 405 -16.36 19.32 5.95
CA TRP B 405 -17.69 18.87 6.39
C TRP B 405 -18.42 20.04 7.10
N GLU B 406 -17.66 20.86 7.87
CA GLU B 406 -18.14 22.03 8.60
C GLU B 406 -18.72 23.07 7.65
N ASN B 407 -18.06 23.29 6.49
CA ASN B 407 -18.52 24.22 5.46
C ASN B 407 -19.86 23.73 4.91
N LEU B 408 -19.97 22.42 4.63
CA LEU B 408 -21.19 21.83 4.10
C LEU B 408 -22.33 21.85 5.11
N ALA B 409 -21.99 21.74 6.40
CA ALA B 409 -22.94 21.79 7.51
C ALA B 409 -23.63 23.15 7.60
N ALA B 410 -22.93 24.23 7.17
CA ALA B 410 -23.50 25.58 7.15
C ALA B 410 -24.53 25.71 6.02
N VAL B 411 -24.30 25.01 4.89
CA VAL B 411 -25.19 25.00 3.71
C VAL B 411 -26.48 24.21 4.06
N LEU B 412 -26.32 22.98 4.57
CA LEU B 412 -27.42 22.08 4.91
C LEU B 412 -27.40 21.79 6.43
N PRO B 413 -28.05 22.62 7.28
CA PRO B 413 -27.94 22.42 8.74
C PRO B 413 -29.09 21.72 9.48
N PHE B 414 -30.19 21.37 8.81
CA PHE B 414 -31.38 20.82 9.47
C PHE B 414 -31.41 19.29 9.62
N GLY B 415 -30.31 18.60 9.30
CA GLY B 415 -30.19 17.15 9.43
C GLY B 415 -31.25 16.33 8.72
N GLY B 416 -31.70 16.82 7.57
CA GLY B 416 -32.69 16.14 6.74
C GLY B 416 -32.05 15.11 5.84
N THR B 417 -32.85 14.52 4.95
CA THR B 417 -32.40 13.51 4.00
C THR B 417 -32.81 13.86 2.58
N PHE B 418 -32.18 13.21 1.58
CA PHE B 418 -32.55 13.38 0.18
C PHE B 418 -33.28 12.11 -0.28
N ASP B 419 -34.62 12.23 -0.32
CA ASP B 419 -35.59 11.16 -0.60
C ASP B 419 -36.00 10.97 -2.06
N LEU B 420 -36.43 9.73 -2.40
CA LEU B 420 -36.93 9.36 -3.71
C LEU B 420 -38.47 9.29 -3.66
N VAL B 421 -39.11 10.04 -4.56
CA VAL B 421 -40.58 10.11 -4.67
C VAL B 421 -41.05 9.80 -6.09
N GLN B 422 -42.35 9.51 -6.24
CA GLN B 422 -42.98 9.27 -7.54
C GLN B 422 -44.11 10.27 -7.65
N LEU B 423 -44.06 11.11 -8.68
CA LEU B 423 -45.01 12.19 -8.89
C LEU B 423 -45.58 12.18 -10.28
N LYS B 424 -46.86 12.53 -10.39
CA LYS B 424 -47.51 12.64 -11.70
C LYS B 424 -46.98 13.96 -12.30
N GLY B 425 -46.90 14.04 -13.63
CA GLY B 425 -46.41 15.22 -14.33
C GLY B 425 -47.12 16.49 -13.88
N SER B 426 -48.47 16.40 -13.74
CA SER B 426 -49.35 17.47 -13.28
C SER B 426 -48.93 18.02 -11.91
N THR B 427 -48.62 17.12 -10.95
CA THR B 427 -48.14 17.45 -9.59
C THR B 427 -46.85 18.27 -9.67
N LEU B 428 -45.90 17.82 -10.54
CA LEU B 428 -44.62 18.49 -10.73
C LEU B 428 -44.78 19.84 -11.41
N LYS B 429 -45.76 19.96 -12.34
CA LYS B 429 -46.10 21.22 -13.01
C LYS B 429 -46.67 22.19 -11.96
N LYS B 430 -47.50 21.68 -11.01
CA LYS B 430 -48.08 22.44 -9.91
C LYS B 430 -47.00 22.95 -8.96
N ALA B 431 -45.93 22.13 -8.75
CA ALA B 431 -44.80 22.46 -7.88
C ALA B 431 -44.00 23.62 -8.45
N PHE B 432 -43.71 23.59 -9.76
CA PHE B 432 -42.99 24.67 -10.44
C PHE B 432 -43.81 25.95 -10.53
N GLU B 433 -45.14 25.84 -10.49
CA GLU B 433 -46.04 27.00 -10.48
C GLU B 433 -46.04 27.64 -9.09
N HIS B 434 -45.88 26.82 -8.05
CA HIS B 434 -45.81 27.25 -6.65
C HIS B 434 -44.45 27.93 -6.41
N SER B 435 -43.40 27.43 -7.07
CA SER B 435 -42.03 27.93 -7.02
C SER B 435 -41.92 29.44 -7.34
N VAL B 436 -42.83 29.99 -8.16
CA VAL B 436 -42.82 31.41 -8.57
C VAL B 436 -44.18 32.11 -8.42
N HIS B 437 -45.10 31.58 -7.58
CA HIS B 437 -46.42 32.16 -7.38
C HIS B 437 -46.36 33.56 -6.74
N ARG B 438 -45.36 33.81 -5.86
CA ARG B 438 -45.13 35.10 -5.19
C ARG B 438 -43.66 35.53 -5.34
N TYR B 439 -43.13 35.35 -6.57
CA TYR B 439 -41.75 35.67 -6.92
C TYR B 439 -41.41 37.15 -6.67
N GLY B 440 -40.16 37.38 -6.26
CA GLY B 440 -39.60 38.71 -6.01
C GLY B 440 -39.56 39.12 -4.55
N GLN B 441 -39.96 38.21 -3.65
CA GLN B 441 -40.02 38.45 -2.21
C GLN B 441 -38.98 37.68 -1.39
N SER B 442 -38.05 36.93 -2.05
CA SER B 442 -37.01 36.11 -1.40
C SER B 442 -37.63 35.07 -0.45
N THR B 443 -38.64 34.34 -0.95
CA THR B 443 -39.41 33.32 -0.26
C THR B 443 -38.65 32.09 -0.68
N GLY B 444 -38.49 31.10 0.19
CA GLY B 444 -37.70 29.91 -0.12
C GLY B 444 -38.28 28.79 -0.98
N GLU B 445 -39.50 28.97 -1.52
CA GLU B 445 -40.10 27.91 -2.35
C GLU B 445 -39.49 27.82 -3.75
N PHE B 446 -38.66 28.81 -4.18
CA PHE B 446 -38.02 28.82 -5.51
C PHE B 446 -37.16 27.59 -5.69
N LEU B 447 -37.47 26.80 -6.72
CA LEU B 447 -36.78 25.54 -6.99
C LEU B 447 -35.54 25.63 -7.87
N GLN B 448 -34.46 24.96 -7.40
CA GLN B 448 -33.18 24.72 -8.06
C GLN B 448 -33.35 23.32 -8.62
N VAL B 449 -32.72 23.00 -9.77
CA VAL B 449 -32.98 21.74 -10.44
C VAL B 449 -31.75 20.94 -10.89
N GLY B 450 -32.03 19.71 -11.32
CA GLY B 450 -31.10 18.74 -11.86
C GLY B 450 -31.87 17.83 -12.79
N GLY B 451 -31.42 17.69 -14.04
CA GLY B 451 -32.11 16.88 -15.04
C GLY B 451 -33.47 17.41 -15.44
N ILE B 452 -33.70 18.72 -15.21
CA ILE B 452 -34.93 19.46 -15.53
C ILE B 452 -34.53 20.78 -16.16
N HIS B 453 -35.28 21.20 -17.19
CA HIS B 453 -35.12 22.45 -17.91
C HIS B 453 -36.44 23.20 -17.81
N VAL B 454 -36.45 24.33 -17.06
CA VAL B 454 -37.67 25.13 -16.89
C VAL B 454 -37.51 26.53 -17.48
N VAL B 455 -38.60 27.06 -18.02
CA VAL B 455 -38.71 28.42 -18.58
C VAL B 455 -39.98 29.04 -17.98
N TYR B 456 -39.83 30.16 -17.27
CA TYR B 456 -40.95 30.89 -16.65
C TYR B 456 -41.21 32.20 -17.42
N ASP B 457 -42.47 32.68 -17.39
CA ASP B 457 -42.90 33.97 -17.95
C ASP B 457 -43.65 34.63 -16.81
N LEU B 458 -42.94 35.49 -16.07
CA LEU B 458 -43.47 36.14 -14.87
C LEU B 458 -44.55 37.21 -15.14
N SER B 459 -44.76 37.59 -16.42
CA SER B 459 -45.81 38.54 -16.80
C SER B 459 -47.19 37.86 -16.71
N ARG B 460 -47.21 36.52 -16.79
CA ARG B 460 -48.41 35.69 -16.76
C ARG B 460 -49.02 35.57 -15.35
N LYS B 461 -50.28 35.13 -15.26
CA LYS B 461 -51.03 34.94 -14.01
C LYS B 461 -50.38 33.87 -13.13
N PRO B 462 -50.34 34.03 -11.79
CA PRO B 462 -49.75 32.98 -10.93
C PRO B 462 -50.54 31.69 -11.07
N GLY B 463 -49.85 30.60 -11.32
CA GLY B 463 -50.48 29.30 -11.56
C GLY B 463 -50.43 28.93 -13.03
N ASP B 464 -50.04 29.91 -13.89
CA ASP B 464 -49.89 29.76 -15.33
C ASP B 464 -48.63 30.51 -15.80
N ARG B 465 -47.52 30.33 -15.07
CA ARG B 465 -46.24 30.98 -15.32
C ARG B 465 -45.19 30.06 -15.96
N VAL B 466 -45.35 28.73 -15.86
CA VAL B 466 -44.44 27.75 -16.46
C VAL B 466 -44.80 27.68 -17.96
N VAL B 467 -43.86 28.05 -18.84
CA VAL B 467 -44.11 28.07 -20.29
C VAL B 467 -43.37 26.94 -21.01
N LYS B 468 -42.36 26.34 -20.35
CA LYS B 468 -41.59 25.22 -20.86
C LYS B 468 -41.05 24.42 -19.70
N LEU B 469 -41.25 23.09 -19.75
CA LEU B 469 -40.80 22.17 -18.73
C LEU B 469 -40.39 20.85 -19.37
N ASP B 470 -39.08 20.72 -19.63
CA ASP B 470 -38.46 19.53 -20.23
C ASP B 470 -37.72 18.75 -19.17
N VAL B 471 -37.84 17.42 -19.24
CA VAL B 471 -37.24 16.49 -18.28
C VAL B 471 -36.33 15.47 -18.96
N LEU B 472 -35.24 15.11 -18.28
CA LEU B 472 -34.27 14.13 -18.76
C LEU B 472 -34.93 12.72 -18.76
N CYS B 473 -34.81 11.95 -19.87
CA CYS B 473 -35.40 10.61 -19.96
C CYS B 473 -34.69 9.58 -19.09
N THR B 474 -35.34 8.42 -18.90
CA THR B 474 -34.79 7.29 -18.14
C THR B 474 -34.71 6.08 -19.04
N SER B 475 -35.83 5.65 -19.65
CA SER B 475 -35.89 4.52 -20.59
C SER B 475 -35.32 4.93 -21.95
N CYS B 476 -34.02 5.24 -21.97
CA CYS B 476 -33.27 5.69 -23.14
C CYS B 476 -31.81 5.33 -22.90
N ARG B 477 -31.10 4.93 -23.98
CA ARG B 477 -29.69 4.57 -23.87
C ARG B 477 -28.82 5.83 -23.87
N VAL B 478 -29.23 6.84 -24.65
CA VAL B 478 -28.59 8.16 -24.74
C VAL B 478 -29.55 9.15 -24.06
N PRO B 479 -29.20 9.72 -22.88
CA PRO B 479 -30.13 10.65 -22.22
C PRO B 479 -30.26 11.96 -22.98
N SER B 480 -31.51 12.42 -23.13
CA SER B 480 -31.90 13.66 -23.80
C SER B 480 -33.12 14.24 -23.10
N TYR B 481 -33.39 15.54 -23.33
CA TYR B 481 -34.51 16.26 -22.72
C TYR B 481 -35.78 16.19 -23.57
N ASP B 482 -36.89 15.83 -22.93
CA ASP B 482 -38.19 15.69 -23.59
C ASP B 482 -39.24 16.44 -22.76
N PRO B 483 -40.34 16.96 -23.36
CA PRO B 483 -41.36 17.65 -22.56
C PRO B 483 -41.98 16.76 -21.49
N LEU B 484 -42.35 17.37 -20.35
CA LEU B 484 -43.00 16.71 -19.23
C LEU B 484 -44.44 16.40 -19.61
N LYS B 485 -44.87 15.14 -19.42
CA LYS B 485 -46.23 14.68 -19.71
C LYS B 485 -47.04 14.68 -18.40
N MET B 486 -48.19 15.36 -18.43
CA MET B 486 -49.08 15.56 -17.29
C MET B 486 -49.65 14.30 -16.65
N ASP B 487 -49.87 13.23 -17.44
CA ASP B 487 -50.44 11.98 -16.93
C ASP B 487 -49.40 10.88 -16.65
N GLU B 488 -48.13 11.13 -17.01
CA GLU B 488 -47.04 10.18 -16.80
C GLU B 488 -46.38 10.38 -15.42
N VAL B 489 -46.02 9.26 -14.77
CA VAL B 489 -45.39 9.25 -13.44
C VAL B 489 -43.86 9.35 -13.57
N TYR B 490 -43.26 10.29 -12.83
CA TYR B 490 -41.82 10.56 -12.85
C TYR B 490 -41.17 10.36 -11.48
N LYS B 491 -39.94 9.81 -11.46
CA LYS B 491 -39.16 9.63 -10.23
C LYS B 491 -38.31 10.88 -9.99
N VAL B 492 -38.42 11.47 -8.79
CA VAL B 492 -37.71 12.72 -8.42
C VAL B 492 -36.96 12.55 -7.09
N ILE B 493 -35.74 13.13 -7.01
CA ILE B 493 -34.94 13.20 -5.80
C ILE B 493 -35.14 14.61 -5.22
N LEU B 494 -35.70 14.70 -4.02
CA LEU B 494 -35.96 15.97 -3.36
C LEU B 494 -35.73 15.89 -1.85
N PRO B 495 -35.50 17.02 -1.14
CA PRO B 495 -35.31 16.94 0.31
C PRO B 495 -36.58 16.48 1.05
N ASN B 496 -36.38 15.74 2.16
CA ASN B 496 -37.41 15.21 3.05
C ASN B 496 -38.50 16.25 3.34
N PHE B 497 -38.05 17.51 3.60
CA PHE B 497 -38.84 18.70 3.90
C PHE B 497 -39.92 18.96 2.86
N LEU B 498 -39.60 18.82 1.54
CA LEU B 498 -40.56 19.02 0.46
C LEU B 498 -41.59 17.88 0.38
N ALA B 499 -41.14 16.60 0.46
CA ALA B 499 -42.00 15.40 0.45
C ALA B 499 -43.06 15.46 1.58
N ASN B 500 -42.71 16.16 2.68
CA ASN B 500 -43.58 16.36 3.85
C ASN B 500 -44.44 17.65 3.76
N GLY B 501 -44.49 18.25 2.58
CA GLY B 501 -45.27 19.45 2.28
C GLY B 501 -44.70 20.77 2.74
N GLY B 502 -43.41 20.77 3.11
CA GLY B 502 -42.70 21.96 3.56
C GLY B 502 -42.61 23.05 2.50
N ASP B 503 -42.43 24.29 2.95
CA ASP B 503 -42.34 25.49 2.13
C ASP B 503 -43.55 25.68 1.18
N GLY B 504 -44.72 25.21 1.63
CA GLY B 504 -45.98 25.31 0.91
C GLY B 504 -46.22 24.29 -0.19
N PHE B 505 -45.39 23.25 -0.26
CA PHE B 505 -45.50 22.21 -1.28
C PHE B 505 -46.49 21.10 -0.89
N GLN B 506 -47.74 21.53 -0.57
CA GLN B 506 -48.84 20.65 -0.17
C GLN B 506 -49.23 19.69 -1.28
N MET B 507 -49.10 20.13 -2.56
CA MET B 507 -49.38 19.28 -3.72
C MET B 507 -48.39 18.12 -3.79
N ILE B 508 -47.15 18.30 -3.29
CA ILE B 508 -46.16 17.23 -3.23
C ILE B 508 -46.64 16.17 -2.23
N LYS B 509 -46.90 16.57 -0.97
CA LYS B 509 -47.39 15.70 0.11
C LYS B 509 -48.71 14.97 -0.26
N ASP B 510 -49.74 15.73 -0.67
CA ASP B 510 -51.07 15.21 -1.00
C ASP B 510 -51.16 14.42 -2.30
N GLU B 511 -50.25 14.66 -3.27
CA GLU B 511 -50.33 13.97 -4.57
C GLU B 511 -49.16 13.03 -4.91
N LEU B 512 -48.23 12.77 -3.95
CA LEU B 512 -47.14 11.83 -4.23
C LEU B 512 -47.69 10.41 -4.27
N LEU B 513 -47.22 9.62 -5.24
CA LEU B 513 -47.68 8.24 -5.44
C LEU B 513 -46.83 7.23 -4.65
N ARG B 514 -45.56 7.59 -4.36
CA ARG B 514 -44.58 6.83 -3.56
C ARG B 514 -43.55 7.78 -2.94
N HIS B 515 -43.13 7.50 -1.70
CA HIS B 515 -42.15 8.26 -0.93
C HIS B 515 -41.29 7.29 -0.16
N ASP B 516 -39.96 7.42 -0.28
CA ASP B 516 -39.03 6.53 0.39
C ASP B 516 -37.92 7.31 1.10
N SER B 517 -37.65 6.97 2.38
CA SER B 517 -36.60 7.61 3.19
C SER B 517 -35.19 7.34 2.60
N GLY B 518 -34.46 8.43 2.33
CA GLY B 518 -33.14 8.40 1.71
C GLY B 518 -31.95 8.60 2.63
N ASP B 519 -30.85 9.09 2.06
CA ASP B 519 -29.58 9.33 2.73
C ASP B 519 -29.49 10.77 3.25
N GLN B 520 -28.70 10.98 4.35
CA GLN B 520 -28.46 12.27 5.00
C GLN B 520 -28.00 13.33 3.99
N ASP B 521 -28.52 14.58 4.11
CA ASP B 521 -28.21 15.68 3.21
C ASP B 521 -26.72 16.02 3.11
N ILE B 522 -26.02 16.31 4.24
CA ILE B 522 -24.58 16.65 4.20
C ILE B 522 -23.79 15.49 3.60
N ASN B 523 -24.09 14.24 4.03
CA ASN B 523 -23.44 13.01 3.58
C ASN B 523 -23.44 12.83 2.07
N VAL B 524 -24.59 13.07 1.41
CA VAL B 524 -24.78 12.96 -0.04
C VAL B 524 -23.80 13.87 -0.80
N VAL B 525 -23.73 15.17 -0.41
CA VAL B 525 -22.87 16.18 -1.01
C VAL B 525 -21.39 15.95 -0.69
N SER B 526 -21.10 15.46 0.54
CA SER B 526 -19.74 15.12 1.01
C SER B 526 -19.10 14.06 0.09
N THR B 527 -19.87 12.99 -0.20
CA THR B 527 -19.46 11.86 -1.04
C THR B 527 -19.16 12.32 -2.46
N TYR B 528 -20.05 13.16 -3.03
CA TYR B 528 -19.90 13.69 -4.38
C TYR B 528 -18.63 14.54 -4.54
N ILE B 529 -18.40 15.50 -3.61
CA ILE B 529 -17.20 16.37 -3.63
C ILE B 529 -15.91 15.53 -3.50
N SER B 530 -15.89 14.52 -2.60
CA SER B 530 -14.75 13.62 -2.40
C SER B 530 -14.39 12.85 -3.69
N LYS B 531 -15.42 12.37 -4.41
CA LYS B 531 -15.35 11.63 -5.66
C LYS B 531 -14.80 12.51 -6.79
N MET B 532 -15.32 13.75 -6.90
CA MET B 532 -14.95 14.71 -7.95
C MET B 532 -13.57 15.30 -7.78
N LYS B 533 -13.11 15.45 -6.51
CA LYS B 533 -11.82 16.02 -6.10
C LYS B 533 -11.81 17.54 -6.33
N VAL B 534 -11.99 17.99 -7.59
CA VAL B 534 -12.02 19.41 -7.96
C VAL B 534 -13.35 19.70 -8.64
N ILE B 535 -14.16 20.58 -8.05
CA ILE B 535 -15.46 20.97 -8.58
C ILE B 535 -15.44 22.37 -9.17
N TYR B 536 -16.23 22.59 -10.23
CA TYR B 536 -16.37 23.86 -10.93
C TYR B 536 -17.81 24.07 -11.47
N PRO B 537 -18.88 23.93 -10.62
CA PRO B 537 -20.25 24.12 -11.12
C PRO B 537 -20.55 25.51 -11.67
N ALA B 538 -21.20 25.55 -12.83
CA ALA B 538 -21.57 26.78 -13.54
C ALA B 538 -23.08 26.92 -13.62
N VAL B 539 -23.55 28.15 -13.98
CA VAL B 539 -24.95 28.47 -14.19
C VAL B 539 -25.15 28.25 -15.70
N GLU B 540 -25.62 27.04 -16.06
CA GLU B 540 -25.71 26.57 -17.45
C GLU B 540 -27.08 26.76 -18.15
N GLY B 541 -28.03 27.43 -17.51
CA GLY B 541 -29.32 27.72 -18.12
C GLY B 541 -30.40 26.67 -17.95
N ARG B 542 -30.45 26.04 -16.75
CA ARG B 542 -31.45 25.03 -16.39
C ARG B 542 -32.80 25.70 -16.11
N ILE B 543 -32.73 26.94 -15.61
CA ILE B 543 -33.85 27.82 -15.30
C ILE B 543 -33.70 29.08 -16.13
N LYS B 544 -34.74 29.44 -16.89
CA LYS B 544 -34.73 30.64 -17.74
C LYS B 544 -35.97 31.48 -17.50
N PHE B 545 -35.87 32.79 -17.83
CA PHE B 545 -36.98 33.74 -17.71
C PHE B 545 -37.40 34.33 -19.07
N SER B 546 -38.67 34.79 -19.17
CA SER B 546 -39.35 35.33 -20.35
C SER B 546 -39.51 34.27 -21.44
N GLN C 1 44.40 7.41 -11.85
CA GLN C 1 43.19 8.22 -11.91
C GLN C 1 43.39 9.63 -11.30
N VAL C 2 42.32 10.27 -10.77
CA VAL C 2 42.39 11.61 -10.18
C VAL C 2 43.16 11.57 -8.85
N GLN C 3 44.35 12.19 -8.84
CA GLN C 3 45.26 12.26 -7.68
C GLN C 3 45.95 13.61 -7.57
N LEU C 4 46.05 14.15 -6.34
CA LEU C 4 46.75 15.40 -6.05
C LEU C 4 47.81 15.15 -4.98
N VAL C 5 49.09 15.22 -5.38
CA VAL C 5 50.25 14.96 -4.53
C VAL C 5 50.90 16.27 -4.07
N GLN C 6 50.93 16.50 -2.76
CA GLN C 6 51.51 17.69 -2.14
C GLN C 6 52.92 17.46 -1.59
N SER C 7 53.67 18.56 -1.39
CA SER C 7 55.02 18.55 -0.84
C SER C 7 55.01 18.12 0.63
N GLY C 8 56.17 17.65 1.12
CA GLY C 8 56.33 17.19 2.50
C GLY C 8 56.17 18.28 3.53
N ALA C 9 55.95 17.88 4.80
CA ALA C 9 55.79 18.79 5.95
C ALA C 9 57.03 19.67 6.13
N GLU C 10 56.82 20.97 6.41
CA GLU C 10 57.92 21.92 6.55
C GLU C 10 57.89 22.70 7.86
N VAL C 11 59.09 23.02 8.38
CA VAL C 11 59.27 23.77 9.63
C VAL C 11 60.04 25.05 9.32
N LYS C 12 59.41 26.21 9.58
CA LYS C 12 59.98 27.53 9.32
C LYS C 12 59.99 28.40 10.58
N LYS C 13 60.85 29.42 10.61
CA LYS C 13 60.97 30.36 11.71
C LYS C 13 60.13 31.63 11.42
N PRO C 14 59.78 32.48 12.42
CA PRO C 14 58.97 33.68 12.12
C PRO C 14 59.68 34.66 11.19
N GLY C 15 58.97 35.11 10.15
CA GLY C 15 59.51 36.04 9.16
C GLY C 15 59.91 35.38 7.86
N ASP C 16 60.14 34.05 7.87
CA ASP C 16 60.53 33.24 6.71
C ASP C 16 59.40 33.12 5.66
N SER C 17 59.70 32.50 4.51
CA SER C 17 58.74 32.27 3.43
C SER C 17 58.73 30.79 3.05
N VAL C 18 57.53 30.22 2.91
CA VAL C 18 57.33 28.80 2.58
C VAL C 18 56.64 28.64 1.22
N LYS C 19 57.14 27.71 0.39
CA LYS C 19 56.58 27.41 -0.93
C LYS C 19 56.11 25.96 -0.95
N VAL C 20 54.78 25.76 -1.04
CA VAL C 20 54.13 24.43 -1.04
C VAL C 20 53.63 24.09 -2.45
N SER C 21 54.03 22.90 -2.95
CA SER C 21 53.66 22.39 -4.28
C SER C 21 52.47 21.44 -4.22
N CYS C 22 51.78 21.29 -5.37
CA CYS C 22 50.64 20.41 -5.55
C CYS C 22 50.65 19.87 -6.98
N LYS C 23 51.08 18.61 -7.16
CA LYS C 23 51.16 17.97 -8.46
C LYS C 23 49.83 17.33 -8.83
N ALA C 24 49.34 17.57 -10.06
CA ALA C 24 48.08 17.05 -10.57
C ALA C 24 48.27 15.91 -11.58
N SER C 25 47.32 14.94 -11.58
CA SER C 25 47.31 13.78 -12.48
C SER C 25 45.91 13.23 -12.73
N GLY C 26 45.73 12.56 -13.87
CA GLY C 26 44.48 11.92 -14.26
C GLY C 26 43.42 12.81 -14.87
N TYR C 27 43.73 14.10 -15.08
CA TYR C 27 42.78 15.07 -15.67
C TYR C 27 43.48 16.20 -16.44
N THR C 28 42.71 16.93 -17.29
CA THR C 28 43.19 18.07 -18.07
C THR C 28 43.46 19.24 -17.10
N PHE C 29 44.73 19.40 -16.71
CA PHE C 29 45.26 20.38 -15.75
C PHE C 29 44.85 21.85 -16.02
N THR C 30 44.86 22.26 -17.30
CA THR C 30 44.58 23.64 -17.71
C THR C 30 43.10 24.07 -17.62
N THR C 31 42.14 23.14 -17.81
CA THR C 31 40.70 23.46 -17.80
C THR C 31 40.03 23.41 -16.40
N TYR C 32 40.81 23.13 -15.33
CA TYR C 32 40.29 23.07 -13.96
C TYR C 32 40.92 24.15 -13.07
N TRP C 33 40.22 24.51 -11.98
CA TRP C 33 40.67 25.50 -10.98
C TRP C 33 41.40 24.79 -9.85
N MET C 34 42.41 25.46 -9.25
CA MET C 34 43.15 24.95 -8.10
C MET C 34 43.01 25.91 -6.93
N HIS C 35 42.36 25.45 -5.86
CA HIS C 35 42.09 26.22 -4.64
C HIS C 35 43.02 25.83 -3.50
N TRP C 36 43.16 26.72 -2.50
CA TRP C 36 44.01 26.47 -1.33
C TRP C 36 43.27 26.79 -0.03
N VAL C 37 43.11 25.76 0.83
CA VAL C 37 42.42 25.83 2.12
C VAL C 37 43.36 25.43 3.26
N ARG C 38 43.32 26.16 4.40
CA ARG C 38 44.16 25.84 5.56
C ARG C 38 43.34 25.44 6.78
N GLN C 39 43.88 24.50 7.58
CA GLN C 39 43.21 24.01 8.79
C GLN C 39 44.15 24.09 10.00
N ALA C 40 43.87 25.05 10.88
CA ALA C 40 44.63 25.29 12.11
C ALA C 40 43.99 24.49 13.27
N PRO C 41 44.79 23.96 14.22
CA PRO C 41 44.19 23.19 15.34
C PRO C 41 43.29 24.04 16.23
N GLY C 42 42.00 23.70 16.23
CA GLY C 42 40.96 24.39 16.99
C GLY C 42 40.53 25.71 16.41
N GLN C 43 40.63 25.87 15.07
CA GLN C 43 40.23 27.09 14.36
C GLN C 43 39.34 26.81 13.14
N GLY C 44 39.32 25.57 12.68
CA GLY C 44 38.51 25.13 11.55
C GLY C 44 39.18 25.30 10.20
N LEU C 45 38.37 25.28 9.12
CA LEU C 45 38.84 25.40 7.74
C LEU C 45 38.68 26.82 7.21
N GLU C 46 39.74 27.34 6.58
CA GLU C 46 39.81 28.69 6.05
C GLU C 46 40.28 28.70 4.58
N TRP C 47 39.47 29.31 3.69
CA TRP C 47 39.77 29.44 2.26
C TRP C 47 40.75 30.60 2.03
N MET C 48 41.81 30.35 1.24
CA MET C 48 42.85 31.36 0.99
C MET C 48 42.77 32.02 -0.38
N GLY C 49 42.72 31.21 -1.44
CA GLY C 49 42.66 31.70 -2.81
C GLY C 49 42.56 30.62 -3.87
N ALA C 50 42.67 31.02 -5.15
CA ALA C 50 42.56 30.12 -6.30
C ALA C 50 43.36 30.54 -7.53
N ILE C 51 43.73 29.56 -8.37
CA ILE C 51 44.48 29.78 -9.60
C ILE C 51 43.94 28.92 -10.76
N TYR C 52 43.78 29.53 -11.95
CA TYR C 52 43.33 28.85 -13.16
C TYR C 52 44.60 28.69 -14.01
N PRO C 53 45.25 27.50 -13.98
CA PRO C 53 46.54 27.34 -14.67
C PRO C 53 46.57 27.66 -16.17
N GLY C 54 45.50 27.35 -16.89
CA GLY C 54 45.43 27.60 -18.34
C GLY C 54 45.43 29.05 -18.76
N LEU C 55 45.57 30.00 -17.79
CA LEU C 55 45.58 31.45 -18.00
C LEU C 55 46.47 32.18 -16.99
N SER C 56 46.79 31.52 -15.87
CA SER C 56 47.55 32.03 -14.71
C SER C 56 46.78 33.18 -14.01
N ASP C 57 45.43 33.08 -14.02
CA ASP C 57 44.52 34.03 -13.37
C ASP C 57 44.42 33.67 -11.89
N THR C 58 44.72 34.63 -11.01
CA THR C 58 44.69 34.42 -9.56
C THR C 58 43.65 35.29 -8.87
N THR C 59 43.14 34.81 -7.73
CA THR C 59 42.16 35.49 -6.88
C THR C 59 42.44 35.10 -5.44
N TYR C 60 42.68 36.08 -4.56
CA TYR C 60 42.99 35.82 -3.16
C TYR C 60 42.01 36.50 -2.20
N ASN C 61 41.87 35.93 -0.99
CA ASN C 61 41.03 36.46 0.09
C ASN C 61 41.70 37.73 0.64
N GLN C 62 40.92 38.82 0.83
CA GLN C 62 41.36 40.14 1.33
C GLN C 62 42.25 40.10 2.58
N LYS C 63 42.07 39.07 3.43
CA LYS C 63 42.85 38.83 4.64
C LYS C 63 44.30 38.43 4.28
N PHE C 64 44.45 37.61 3.23
CA PHE C 64 45.74 37.10 2.75
C PHE C 64 46.39 37.92 1.63
N LYS C 65 45.78 39.07 1.23
CA LYS C 65 46.31 39.95 0.17
C LYS C 65 47.68 40.50 0.55
N GLY C 66 48.65 40.26 -0.35
CA GLY C 66 50.04 40.68 -0.16
C GLY C 66 50.89 39.72 0.66
N LYS C 67 50.24 38.66 1.19
CA LYS C 67 50.87 37.62 2.02
C LYS C 67 50.99 36.30 1.24
N VAL C 68 50.06 36.04 0.30
CA VAL C 68 50.03 34.82 -0.50
C VAL C 68 50.19 35.11 -2.02
N THR C 69 50.95 34.24 -2.70
CA THR C 69 51.21 34.31 -4.15
C THR C 69 51.15 32.89 -4.73
N MET C 70 50.26 32.69 -5.71
CA MET C 70 50.06 31.40 -6.35
C MET C 70 50.64 31.35 -7.75
N THR C 71 51.41 30.30 -8.04
CA THR C 71 52.07 30.07 -9.33
C THR C 71 51.78 28.68 -9.88
N ARG C 72 52.10 28.46 -11.17
CA ARG C 72 51.90 27.18 -11.84
C ARG C 72 52.98 26.85 -12.88
N ASP C 73 53.08 25.56 -13.24
CA ASP C 73 54.01 25.05 -14.25
C ASP C 73 53.27 23.98 -15.06
N THR C 74 52.76 24.37 -16.25
CA THR C 74 51.97 23.51 -17.16
C THR C 74 52.75 22.29 -17.66
N SER C 75 54.09 22.30 -17.49
CA SER C 75 54.97 21.21 -17.90
C SER C 75 54.80 20.00 -16.98
N THR C 76 55.07 20.17 -15.67
CA THR C 76 54.97 19.12 -14.64
C THR C 76 53.57 19.02 -14.02
N SER C 77 52.64 19.92 -14.44
CA SER C 77 51.27 20.04 -13.93
C SER C 77 51.31 20.25 -12.40
N THR C 78 52.11 21.24 -11.97
CA THR C 78 52.32 21.58 -10.57
C THR C 78 51.85 23.00 -10.28
N VAL C 79 51.20 23.16 -9.12
CA VAL C 79 50.71 24.44 -8.60
C VAL C 79 51.48 24.75 -7.32
N TYR C 80 52.07 25.95 -7.22
CA TYR C 80 52.84 26.38 -6.06
C TYR C 80 52.13 27.50 -5.32
N MET C 81 52.19 27.46 -3.97
CA MET C 81 51.58 28.46 -3.10
C MET C 81 52.67 29.01 -2.17
N LYS C 82 52.91 30.33 -2.21
CA LYS C 82 53.93 31.00 -1.39
C LYS C 82 53.32 31.85 -0.27
N LEU C 83 53.92 31.76 0.93
CA LEU C 83 53.47 32.49 2.10
C LEU C 83 54.60 33.29 2.74
N SER C 84 54.60 34.61 2.50
CA SER C 84 55.60 35.56 3.00
C SER C 84 55.27 36.03 4.42
N SER C 85 56.32 36.41 5.18
CA SER C 85 56.24 36.91 6.56
C SER C 85 55.44 35.97 7.48
N LEU C 86 56.00 34.78 7.76
CA LEU C 86 55.35 33.76 8.58
C LEU C 86 55.30 34.10 10.07
N ARG C 87 54.20 33.69 10.73
CA ARG C 87 53.93 33.89 12.16
C ARG C 87 53.40 32.59 12.80
N SER C 88 53.36 32.52 14.15
CA SER C 88 52.85 31.34 14.89
C SER C 88 51.38 31.04 14.56
N GLU C 89 50.63 32.06 14.11
CA GLU C 89 49.23 31.98 13.72
C GLU C 89 49.08 31.24 12.38
N ASP C 90 50.17 31.21 11.57
CA ASP C 90 50.22 30.53 10.27
C ASP C 90 50.56 29.03 10.37
N THR C 91 50.59 28.49 11.61
CA THR C 91 50.84 27.06 11.85
C THR C 91 49.53 26.32 11.60
N ALA C 92 49.41 25.69 10.40
CA ALA C 92 48.21 24.97 9.96
C ALA C 92 48.53 23.89 8.90
N VAL C 93 47.51 23.04 8.58
CA VAL C 93 47.61 22.00 7.55
C VAL C 93 47.02 22.62 6.27
N TYR C 94 47.85 22.76 5.25
CA TYR C 94 47.49 23.38 3.98
C TYR C 94 47.11 22.34 2.92
N TYR C 95 45.91 22.49 2.33
CA TYR C 95 45.37 21.58 1.31
C TYR C 95 45.20 22.28 -0.03
N CYS C 96 45.40 21.55 -1.14
CA CYS C 96 45.16 22.02 -2.50
C CYS C 96 43.95 21.26 -3.03
N ALA C 97 43.01 21.96 -3.68
CA ALA C 97 41.80 21.31 -4.18
C ALA C 97 41.46 21.62 -5.63
N ARG C 98 40.92 20.63 -6.33
CA ARG C 98 40.50 20.71 -7.73
C ARG C 98 39.04 21.14 -7.78
N LEU C 99 38.69 22.10 -8.66
CA LEU C 99 37.33 22.60 -8.86
C LEU C 99 37.04 22.80 -10.34
N LEU C 100 35.85 22.37 -10.77
CA LEU C 100 35.40 22.54 -12.14
C LEU C 100 34.34 23.66 -12.17
N ASP C 101 33.26 23.49 -11.40
CA ASP C 101 32.16 24.45 -11.38
C ASP C 101 31.60 24.77 -9.97
N TYR C 102 30.90 23.81 -9.35
CA TYR C 102 30.22 23.99 -8.07
C TYR C 102 31.06 23.72 -6.82
N ALA C 103 31.75 22.57 -6.76
CA ALA C 103 32.52 22.18 -5.58
C ALA C 103 33.96 21.73 -5.84
N MET C 104 34.74 21.59 -4.75
CA MET C 104 36.11 21.10 -4.72
C MET C 104 36.01 19.58 -4.52
N ASP C 105 35.92 18.81 -5.62
CA ASP C 105 35.71 17.36 -5.63
C ASP C 105 36.88 16.53 -5.08
N TYR C 106 38.12 16.89 -5.45
CA TYR C 106 39.30 16.15 -5.02
C TYR C 106 40.29 17.04 -4.30
N TRP C 107 40.76 16.56 -3.13
CA TRP C 107 41.70 17.28 -2.28
C TRP C 107 43.03 16.51 -2.16
N GLY C 108 44.10 17.25 -1.86
CA GLY C 108 45.42 16.68 -1.65
C GLY C 108 45.59 16.23 -0.21
N GLN C 109 46.57 15.34 0.05
CA GLN C 109 46.85 14.75 1.37
C GLN C 109 47.09 15.80 2.50
N GLY C 110 47.59 16.97 2.14
CA GLY C 110 47.86 18.06 3.07
C GLY C 110 49.33 18.24 3.39
N THR C 111 49.73 19.50 3.66
CA THR C 111 51.10 19.87 4.01
C THR C 111 51.08 20.65 5.31
N LEU C 112 51.80 20.15 6.33
CA LEU C 112 51.88 20.79 7.63
C LEU C 112 53.02 21.82 7.66
N VAL C 113 52.67 23.07 7.97
CA VAL C 113 53.63 24.17 8.08
C VAL C 113 53.69 24.54 9.56
N THR C 114 54.85 24.31 10.19
CA THR C 114 55.09 24.59 11.61
C THR C 114 55.95 25.85 11.77
N VAL C 115 55.36 26.92 12.32
CA VAL C 115 56.06 28.20 12.51
C VAL C 115 56.36 28.45 14.00
N SER C 116 57.65 28.31 14.38
CA SER C 116 58.13 28.51 15.75
C SER C 116 59.58 28.99 15.73
N SER C 117 59.93 29.81 16.74
CA SER C 117 61.26 30.39 16.93
C SER C 117 62.30 29.36 17.43
N ALA C 118 61.82 28.16 17.84
CA ALA C 118 62.64 27.08 18.35
C ALA C 118 63.60 26.49 17.32
N SER C 119 64.77 26.01 17.79
CA SER C 119 65.82 25.39 16.97
C SER C 119 65.71 23.86 17.07
N THR C 120 66.32 23.14 16.13
CA THR C 120 66.32 21.67 16.09
C THR C 120 67.15 21.07 17.24
N LYS C 121 66.54 20.12 17.98
CA LYS C 121 67.20 19.40 19.08
C LYS C 121 66.53 18.05 19.35
N GLY C 122 67.36 17.06 19.70
CA GLY C 122 66.94 15.70 19.99
C GLY C 122 66.20 15.52 21.30
N PRO C 123 65.41 14.44 21.44
CA PRO C 123 64.65 14.22 22.68
C PRO C 123 65.42 13.48 23.78
N SER C 124 64.92 13.59 25.02
CA SER C 124 65.46 12.90 26.19
C SER C 124 64.45 11.82 26.59
N VAL C 125 64.86 10.54 26.49
CA VAL C 125 63.99 9.39 26.80
C VAL C 125 64.20 8.91 28.24
N PHE C 126 63.15 9.07 29.08
CA PHE C 126 63.14 8.66 30.48
C PHE C 126 62.12 7.52 30.72
N PRO C 127 62.49 6.44 31.43
CA PRO C 127 61.52 5.34 31.61
C PRO C 127 60.48 5.57 32.70
N LEU C 128 59.23 5.17 32.41
CA LEU C 128 58.10 5.25 33.35
C LEU C 128 57.99 3.87 34.01
N ALA C 129 58.71 3.70 35.14
CA ALA C 129 58.84 2.45 35.90
C ALA C 129 57.53 1.92 36.48
N PRO C 130 57.26 0.59 36.31
CA PRO C 130 56.03 0.02 36.87
C PRO C 130 56.16 -0.35 38.35
N SER C 131 55.04 -0.69 39.00
CA SER C 131 55.00 -1.09 40.41
C SER C 131 54.28 -2.43 40.59
N SER C 132 54.86 -3.34 41.39
CA SER C 132 54.32 -4.67 41.66
C SER C 132 53.10 -4.62 42.60
N LYS C 133 53.06 -3.66 43.53
CA LYS C 133 51.97 -3.47 44.50
C LYS C 133 50.84 -2.59 43.96
N SER C 134 51.11 -1.75 42.94
CA SER C 134 50.11 -0.87 42.30
C SER C 134 49.30 -1.60 41.20
N THR C 135 48.76 -2.78 41.54
CA THR C 135 47.95 -3.63 40.64
C THR C 135 46.53 -3.05 40.46
N SER C 136 46.39 -2.08 39.51
CA SER C 136 45.12 -1.42 39.20
C SER C 136 44.29 -2.25 38.19
N GLY C 137 43.69 -3.31 38.71
CA GLY C 137 42.89 -4.28 37.96
C GLY C 137 43.72 -5.44 37.45
N GLY C 138 44.56 -6.00 38.33
CA GLY C 138 45.47 -7.10 38.01
C GLY C 138 46.62 -6.62 37.16
N THR C 139 46.32 -6.38 35.87
CA THR C 139 47.23 -5.88 34.84
C THR C 139 47.84 -4.52 35.24
N ALA C 140 49.17 -4.43 35.18
CA ALA C 140 49.94 -3.23 35.49
C ALA C 140 50.34 -2.50 34.20
N ALA C 141 50.78 -1.23 34.31
CA ALA C 141 51.20 -0.41 33.16
C ALA C 141 52.62 0.15 33.31
N LEU C 142 53.31 0.32 32.17
CA LEU C 142 54.67 0.87 32.06
C LEU C 142 54.85 1.61 30.74
N GLY C 143 55.76 2.58 30.70
CA GLY C 143 56.00 3.36 29.49
C GLY C 143 57.31 4.11 29.40
N CYS C 144 57.37 5.05 28.44
CA CYS C 144 58.52 5.91 28.16
C CYS C 144 58.07 7.36 28.02
N LEU C 145 58.85 8.29 28.57
CA LEU C 145 58.58 9.73 28.50
C LEU C 145 59.60 10.40 27.57
N VAL C 146 59.13 10.85 26.40
CA VAL C 146 59.93 11.52 25.37
C VAL C 146 59.77 13.03 25.62
N LYS C 147 60.76 13.64 26.30
CA LYS C 147 60.71 15.05 26.68
C LYS C 147 61.71 15.95 25.97
N ASP C 148 61.28 17.21 25.71
CA ASP C 148 62.01 18.33 25.10
C ASP C 148 62.69 17.98 23.76
N TYR C 149 61.95 18.20 22.66
CA TYR C 149 62.42 17.98 21.30
C TYR C 149 61.70 18.90 20.32
N PHE C 150 62.39 19.27 19.25
CA PHE C 150 61.85 20.11 18.18
C PHE C 150 62.59 19.80 16.88
N PRO C 151 61.89 19.62 15.75
CA PRO C 151 60.43 19.66 15.57
C PRO C 151 59.81 18.27 15.61
N GLU C 152 58.55 18.15 15.17
CA GLU C 152 57.82 16.89 15.08
C GLU C 152 58.30 16.15 13.80
N PRO C 153 58.23 14.79 13.70
CA PRO C 153 57.63 13.81 14.61
C PRO C 153 58.62 12.90 15.35
N VAL C 154 58.06 11.92 16.09
CA VAL C 154 58.76 10.85 16.80
C VAL C 154 58.02 9.53 16.54
N THR C 155 58.76 8.43 16.40
CA THR C 155 58.18 7.11 16.16
C THR C 155 58.63 6.13 17.25
N VAL C 156 57.68 5.75 18.13
CA VAL C 156 57.92 4.84 19.26
C VAL C 156 57.28 3.47 19.02
N SER C 157 58.09 2.40 19.04
CA SER C 157 57.65 1.02 18.86
C SER C 157 58.17 0.15 20.00
N TRP C 158 57.30 -0.66 20.61
CA TRP C 158 57.66 -1.53 21.74
C TRP C 158 58.23 -2.87 21.31
N ASN C 159 59.35 -3.28 21.94
CA ASN C 159 60.11 -4.52 21.70
C ASN C 159 60.47 -4.74 20.21
N SER C 160 60.90 -3.64 19.53
CA SER C 160 61.28 -3.58 18.12
C SER C 160 60.13 -3.98 17.16
N GLY C 161 58.92 -3.52 17.49
CA GLY C 161 57.71 -3.78 16.71
C GLY C 161 56.90 -4.99 17.14
N ALA C 162 57.55 -5.97 17.83
CA ALA C 162 56.95 -7.21 18.31
C ALA C 162 55.77 -7.02 19.28
N LEU C 163 55.83 -5.97 20.12
CA LEU C 163 54.77 -5.63 21.08
C LEU C 163 53.94 -4.46 20.54
N THR C 164 52.65 -4.71 20.27
CA THR C 164 51.69 -3.74 19.73
C THR C 164 50.39 -3.71 20.53
N SER C 165 50.02 -4.84 21.17
CA SER C 165 48.81 -4.97 21.98
C SER C 165 48.92 -4.24 23.32
N GLY C 166 47.93 -3.39 23.61
CA GLY C 166 47.85 -2.60 24.84
C GLY C 166 48.63 -1.31 24.80
N VAL C 167 49.34 -1.05 23.68
CA VAL C 167 50.17 0.14 23.45
C VAL C 167 49.29 1.37 23.18
N HIS C 168 49.63 2.50 23.83
CA HIS C 168 48.96 3.79 23.66
C HIS C 168 50.03 4.88 23.60
N THR C 169 50.24 5.47 22.42
CA THR C 169 51.21 6.56 22.21
C THR C 169 50.41 7.87 22.09
N PHE C 170 50.54 8.74 23.10
CA PHE C 170 49.84 10.02 23.19
C PHE C 170 50.35 11.07 22.19
N PRO C 171 49.48 12.00 21.72
CA PRO C 171 49.98 13.05 20.80
C PRO C 171 50.84 14.06 21.54
N ALA C 172 51.84 14.64 20.86
CA ALA C 172 52.78 15.62 21.39
C ALA C 172 52.10 16.87 21.94
N VAL C 173 52.65 17.42 23.04
CA VAL C 173 52.14 18.62 23.69
C VAL C 173 53.23 19.69 23.69
N LEU C 174 52.94 20.85 23.08
CA LEU C 174 53.90 21.96 23.02
C LEU C 174 53.97 22.65 24.39
N GLN C 175 55.14 22.53 25.05
CA GLN C 175 55.43 23.09 26.37
C GLN C 175 55.62 24.61 26.32
N SER C 176 55.81 25.25 27.49
CA SER C 176 56.05 26.69 27.63
C SER C 176 57.42 27.09 27.02
N SER C 177 58.35 26.12 26.94
CA SER C 177 59.70 26.25 26.38
C SER C 177 59.72 26.24 24.84
N GLY C 178 58.59 25.91 24.22
CA GLY C 178 58.46 25.82 22.77
C GLY C 178 58.92 24.49 22.22
N LEU C 179 59.19 23.52 23.11
CA LEU C 179 59.64 22.17 22.79
C LEU C 179 58.52 21.18 23.02
N TYR C 180 58.42 20.17 22.15
CA TYR C 180 57.39 19.12 22.23
C TYR C 180 57.72 18.06 23.28
N SER C 181 56.68 17.37 23.79
CA SER C 181 56.78 16.31 24.79
C SER C 181 55.58 15.37 24.71
N LEU C 182 55.83 14.05 24.77
CA LEU C 182 54.78 13.02 24.76
C LEU C 182 55.16 11.78 25.56
N SER C 183 54.17 10.89 25.77
CA SER C 183 54.34 9.65 26.51
C SER C 183 53.81 8.48 25.68
N SER C 184 54.47 7.31 25.79
CA SER C 184 54.09 6.08 25.10
C SER C 184 54.00 4.96 26.14
N VAL C 185 52.77 4.55 26.48
CA VAL C 185 52.49 3.54 27.51
C VAL C 185 52.05 2.18 26.91
N VAL C 186 52.04 1.13 27.76
CA VAL C 186 51.63 -0.25 27.42
C VAL C 186 51.17 -1.01 28.70
N THR C 187 50.06 -1.75 28.59
CA THR C 187 49.51 -2.56 29.67
C THR C 187 49.84 -4.05 29.45
N VAL C 188 50.54 -4.65 30.42
CA VAL C 188 50.97 -6.06 30.42
C VAL C 188 50.68 -6.74 31.77
N PRO C 189 50.43 -8.08 31.83
CA PRO C 189 50.15 -8.73 33.13
C PRO C 189 51.30 -8.65 34.13
N SER C 190 50.96 -8.43 35.43
CA SER C 190 51.88 -8.26 36.55
C SER C 190 52.90 -9.38 36.72
N SER C 191 52.44 -10.63 36.87
CA SER C 191 53.26 -11.84 37.06
C SER C 191 54.40 -11.98 36.05
N SER C 192 54.12 -11.67 34.76
CA SER C 192 55.06 -11.78 33.65
C SER C 192 56.03 -10.60 33.48
N LEU C 193 55.71 -9.40 34.03
CA LEU C 193 56.57 -8.22 33.90
C LEU C 193 57.91 -8.33 34.65
N GLY C 194 57.95 -9.16 35.69
CA GLY C 194 59.16 -9.39 36.48
C GLY C 194 60.21 -10.22 35.75
N THR C 195 59.78 -11.03 34.76
CA THR C 195 60.66 -11.91 33.97
C THR C 195 60.84 -11.45 32.51
N GLN C 196 59.92 -10.64 31.97
CA GLN C 196 59.97 -10.14 30.59
C GLN C 196 60.72 -8.81 30.42
N THR C 197 61.25 -8.56 29.23
CA THR C 197 61.98 -7.34 28.89
C THR C 197 61.14 -6.42 28.00
N TYR C 198 61.06 -5.13 28.37
CA TYR C 198 60.30 -4.12 27.62
C TYR C 198 61.21 -2.96 27.22
N ILE C 199 61.57 -2.90 25.95
CA ILE C 199 62.45 -1.87 25.38
C ILE C 199 61.65 -1.00 24.41
N CYS C 200 61.56 0.31 24.68
CA CYS C 200 60.88 1.22 23.76
C CYS C 200 61.86 1.78 22.72
N ASN C 201 61.53 1.63 21.43
CA ASN C 201 62.36 2.09 20.33
C ASN C 201 61.94 3.49 19.88
N VAL C 202 62.58 4.52 20.49
CA VAL C 202 62.30 5.94 20.19
C VAL C 202 63.23 6.44 19.09
N ASN C 203 62.66 6.95 17.99
CA ASN C 203 63.39 7.51 16.85
C ASN C 203 62.91 8.92 16.52
N HIS C 204 63.87 9.84 16.28
CA HIS C 204 63.63 11.23 15.90
C HIS C 204 64.58 11.54 14.74
N LYS C 205 64.05 11.44 13.51
CA LYS C 205 64.81 11.65 12.28
C LYS C 205 65.32 13.10 12.09
N PRO C 206 64.61 14.21 12.49
CA PRO C 206 65.16 15.57 12.28
C PRO C 206 66.50 15.87 12.97
N SER C 207 66.83 15.13 14.04
CA SER C 207 68.07 15.30 14.81
C SER C 207 68.97 14.04 14.76
N ASN C 208 68.46 12.95 14.11
CA ASN C 208 69.10 11.64 13.96
C ASN C 208 69.36 10.97 15.33
N THR C 209 68.29 10.89 16.15
CA THR C 209 68.31 10.30 17.50
C THR C 209 67.57 8.96 17.53
N LYS C 210 68.27 7.90 17.99
CA LYS C 210 67.71 6.57 18.17
C LYS C 210 68.05 6.12 19.59
N VAL C 211 67.02 5.98 20.44
CA VAL C 211 67.19 5.57 21.83
C VAL C 211 66.34 4.31 22.09
N ASP C 212 66.98 3.26 22.63
CA ASP C 212 66.34 2.00 22.98
C ASP C 212 66.35 1.83 24.51
N LYS C 213 65.49 2.62 25.19
CA LYS C 213 65.40 2.62 26.66
C LYS C 213 64.61 1.44 27.19
N ARG C 214 65.25 0.64 28.09
CA ARG C 214 64.66 -0.54 28.71
C ARG C 214 63.99 -0.16 30.03
N VAL C 215 62.67 -0.43 30.13
CA VAL C 215 61.85 -0.12 31.32
C VAL C 215 61.98 -1.24 32.34
N GLU C 216 62.38 -0.89 33.57
CA GLU C 216 62.59 -1.82 34.68
C GLU C 216 61.87 -1.34 35.96
N PRO C 217 61.39 -2.26 36.84
CA PRO C 217 60.72 -1.82 38.08
C PRO C 217 61.72 -1.32 39.13
N ASP D 1 31.19 38.86 4.46
CA ASP D 1 31.65 37.55 4.94
C ASP D 1 30.50 36.73 5.52
N ILE D 2 30.09 35.66 4.81
CA ILE D 2 29.01 34.77 5.25
C ILE D 2 29.52 33.86 6.37
N GLN D 3 28.79 33.83 7.49
CA GLN D 3 29.14 32.99 8.64
C GLN D 3 28.36 31.68 8.60
N MET D 4 29.07 30.55 8.76
CA MET D 4 28.51 29.20 8.69
C MET D 4 28.41 28.54 10.07
N THR D 5 27.18 28.54 10.64
CA THR D 5 26.89 27.96 11.95
C THR D 5 26.36 26.53 11.81
N GLN D 6 27.22 25.55 12.12
CA GLN D 6 26.94 24.11 12.02
C GLN D 6 26.63 23.50 13.40
N SER D 7 25.49 22.79 13.52
CA SER D 7 25.08 22.14 14.76
C SER D 7 24.58 20.69 14.55
N PRO D 8 24.92 19.72 15.44
CA PRO D 8 25.74 19.85 16.65
C PRO D 8 27.24 19.89 16.36
N SER D 9 28.05 20.37 17.31
CA SER D 9 29.51 20.45 17.17
C SER D 9 30.15 19.06 17.30
N SER D 10 29.46 18.14 18.02
CA SER D 10 29.86 16.76 18.27
C SER D 10 28.61 15.89 18.40
N LEU D 11 28.67 14.63 17.94
CA LEU D 11 27.54 13.70 18.00
C LEU D 11 27.94 12.26 18.30
N SER D 12 27.30 11.66 19.31
CA SER D 12 27.52 10.26 19.71
C SER D 12 26.35 9.39 19.24
N ALA D 13 26.65 8.43 18.35
CA ALA D 13 25.66 7.52 17.76
C ALA D 13 26.21 6.10 17.55
N SER D 14 25.30 5.15 17.24
CA SER D 14 25.62 3.76 17.00
C SER D 14 25.38 3.37 15.53
N VAL D 15 25.94 2.23 15.10
CA VAL D 15 25.82 1.69 13.73
C VAL D 15 24.36 1.28 13.47
N GLY D 16 23.76 1.90 12.45
CA GLY D 16 22.38 1.64 12.05
C GLY D 16 21.41 2.78 12.35
N ASP D 17 21.84 3.76 13.18
CA ASP D 17 21.04 4.92 13.59
C ASP D 17 20.98 6.01 12.49
N ARG D 18 19.98 6.91 12.59
CA ARG D 18 19.80 8.04 11.67
C ARG D 18 20.59 9.23 12.21
N VAL D 19 21.39 9.87 11.35
CA VAL D 19 22.23 11.02 11.72
C VAL D 19 21.75 12.27 10.98
N THR D 20 21.53 13.36 11.72
CA THR D 20 21.07 14.63 11.17
C THR D 20 22.01 15.77 11.60
N ILE D 21 22.68 16.37 10.62
CA ILE D 21 23.60 17.50 10.84
C ILE D 21 23.01 18.69 10.08
N THR D 22 22.88 19.83 10.77
CA THR D 22 22.35 21.05 10.16
C THR D 22 23.43 22.10 10.01
N CYS D 23 23.30 22.93 8.96
CA CYS D 23 24.23 24.00 8.61
C CYS D 23 23.38 25.24 8.29
N ARG D 24 23.68 26.38 8.93
CA ARG D 24 22.95 27.63 8.70
C ARG D 24 23.89 28.76 8.31
N ALA D 25 23.53 29.49 7.24
CA ALA D 25 24.31 30.61 6.72
C ALA D 25 23.68 31.95 7.08
N SER D 26 24.53 32.99 7.28
CA SER D 26 24.11 34.35 7.63
C SER D 26 23.36 35.06 6.49
N GLN D 27 23.56 34.60 5.24
CA GLN D 27 22.91 35.14 4.04
C GLN D 27 22.39 34.00 3.17
N ASP D 28 21.44 34.31 2.24
CA ASP D 28 20.88 33.33 1.30
C ASP D 28 22.01 32.93 0.33
N ILE D 29 22.53 31.70 0.48
CA ILE D 29 23.65 31.17 -0.30
C ILE D 29 23.20 30.46 -1.60
N ARG D 30 21.97 30.76 -2.08
CA ARG D 30 21.34 30.28 -3.32
C ARG D 30 21.66 28.81 -3.70
N SER D 31 21.42 27.87 -2.76
CA SER D 31 21.64 26.41 -2.91
C SER D 31 23.13 25.99 -3.10
N TYR D 32 24.09 26.92 -3.08
CA TYR D 32 25.51 26.59 -3.22
C TYR D 32 26.08 26.05 -1.89
N LEU D 33 25.59 24.87 -1.44
CA LEU D 33 26.03 24.22 -0.21
C LEU D 33 26.71 22.89 -0.53
N ASN D 34 27.96 22.74 -0.05
CA ASN D 34 28.76 21.54 -0.25
C ASN D 34 29.11 20.89 1.09
N TRP D 35 28.96 19.55 1.18
CA TRP D 35 29.27 18.75 2.37
C TRP D 35 30.55 17.92 2.14
N HIS D 36 31.45 17.91 3.14
CA HIS D 36 32.71 17.18 3.07
C HIS D 36 32.89 16.25 4.27
N GLN D 37 33.57 15.11 4.05
CA GLN D 37 33.88 14.12 5.10
C GLN D 37 35.40 14.06 5.29
N GLN D 38 35.87 14.25 6.53
CA GLN D 38 37.30 14.21 6.84
C GLN D 38 37.59 13.24 7.97
N LYS D 39 38.44 12.24 7.66
CA LYS D 39 38.89 11.23 8.62
C LYS D 39 40.19 11.75 9.27
N PRO D 40 40.49 11.42 10.56
CA PRO D 40 41.70 11.97 11.21
C PRO D 40 43.02 11.67 10.50
N GLY D 41 43.80 12.73 10.30
CA GLY D 41 45.09 12.69 9.61
C GLY D 41 45.00 12.35 8.15
N LYS D 42 43.90 12.77 7.49
CA LYS D 42 43.63 12.51 6.09
C LYS D 42 42.91 13.68 5.39
N ALA D 43 43.05 13.74 4.05
CA ALA D 43 42.44 14.75 3.19
C ALA D 43 40.91 14.72 3.22
N PRO D 44 40.21 15.89 3.25
CA PRO D 44 38.74 15.86 3.26
C PRO D 44 38.19 15.49 1.89
N LYS D 45 37.28 14.52 1.84
CA LYS D 45 36.65 14.06 0.60
C LYS D 45 35.28 14.73 0.44
N LEU D 46 34.90 15.10 -0.80
CA LEU D 46 33.60 15.71 -1.05
C LEU D 46 32.51 14.65 -0.97
N LEU D 47 31.40 14.97 -0.29
CA LEU D 47 30.26 14.06 -0.15
C LEU D 47 29.13 14.50 -1.08
N ILE D 48 28.59 15.70 -0.83
CA ILE D 48 27.48 16.28 -1.57
C ILE D 48 27.82 17.69 -2.07
N TRP D 49 27.41 17.99 -3.31
CA TRP D 49 27.61 19.29 -3.94
C TRP D 49 26.28 19.87 -4.42
N TYR D 50 26.13 21.22 -4.32
CA TYR D 50 24.93 21.96 -4.68
C TYR D 50 23.67 21.38 -4.01
N THR D 51 23.69 21.35 -2.67
CA THR D 51 22.64 20.91 -1.74
C THR D 51 22.37 19.40 -1.71
N SER D 52 22.04 18.77 -2.85
CA SER D 52 21.61 17.37 -2.88
C SER D 52 22.43 16.39 -3.72
N ARG D 53 23.15 16.87 -4.75
CA ARG D 53 23.90 16.02 -5.68
C ARG D 53 25.09 15.31 -5.01
N LEU D 54 25.06 13.97 -5.03
CA LEU D 54 26.09 13.09 -4.45
C LEU D 54 27.34 13.03 -5.32
N HIS D 55 28.51 12.94 -4.68
CA HIS D 55 29.80 12.80 -5.38
C HIS D 55 29.96 11.33 -5.83
N SER D 56 30.86 11.06 -6.81
CA SER D 56 31.11 9.72 -7.36
C SER D 56 31.64 8.79 -6.26
N GLY D 57 30.97 7.65 -6.08
CA GLY D 57 31.36 6.65 -5.08
C GLY D 57 30.70 6.80 -3.72
N VAL D 58 29.95 7.90 -3.50
CA VAL D 58 29.25 8.16 -2.23
C VAL D 58 27.99 7.26 -2.18
N PRO D 59 27.79 6.46 -1.09
CA PRO D 59 26.62 5.55 -1.05
C PRO D 59 25.26 6.24 -0.92
N SER D 60 24.18 5.51 -1.29
CA SER D 60 22.78 5.95 -1.26
C SER D 60 22.30 6.41 0.13
N ARG D 61 22.88 5.85 1.22
CA ARG D 61 22.54 6.18 2.61
C ARG D 61 22.76 7.68 2.93
N PHE D 62 23.67 8.36 2.21
CA PHE D 62 23.95 9.78 2.37
C PHE D 62 22.96 10.58 1.53
N SER D 63 22.37 11.64 2.12
CA SER D 63 21.43 12.53 1.44
C SER D 63 21.50 13.95 1.99
N GLY D 64 21.41 14.92 1.10
CA GLY D 64 21.44 16.34 1.45
C GLY D 64 20.21 17.08 0.98
N SER D 65 19.74 18.02 1.81
CA SER D 65 18.57 18.85 1.53
C SER D 65 18.80 20.28 2.06
N GLY D 66 17.86 21.17 1.76
CA GLY D 66 17.92 22.56 2.20
C GLY D 66 17.75 23.57 1.09
N SER D 67 17.54 24.83 1.48
CA SER D 67 17.36 25.97 0.59
C SER D 67 17.57 27.25 1.39
N GLY D 68 17.86 28.34 0.68
CA GLY D 68 18.08 29.65 1.27
C GLY D 68 19.26 29.70 2.23
N THR D 69 18.96 29.65 3.54
CA THR D 69 19.96 29.71 4.61
C THR D 69 20.13 28.39 5.39
N ASP D 70 19.04 27.62 5.52
CA ASP D 70 19.02 26.36 6.28
C ASP D 70 19.19 25.12 5.40
N TYR D 71 20.26 24.34 5.67
CA TYR D 71 20.63 23.11 4.95
C TYR D 71 20.82 21.92 5.92
N THR D 72 20.64 20.67 5.43
CA THR D 72 20.70 19.46 6.27
C THR D 72 21.32 18.24 5.57
N LEU D 73 22.24 17.55 6.28
CA LEU D 73 22.90 16.30 5.87
C LEU D 73 22.26 15.12 6.64
N THR D 74 21.97 14.01 5.95
CA THR D 74 21.33 12.84 6.54
C THR D 74 21.99 11.51 6.12
N ILE D 75 22.28 10.68 7.13
CA ILE D 75 22.82 9.32 6.99
C ILE D 75 21.71 8.41 7.53
N SER D 76 20.98 7.72 6.63
CA SER D 76 19.84 6.86 6.97
C SER D 76 20.20 5.73 7.96
N SER D 77 21.10 4.82 7.55
CA SER D 77 21.56 3.73 8.39
C SER D 77 23.07 3.83 8.46
N LEU D 78 23.56 4.40 9.58
CA LEU D 78 24.96 4.64 9.86
C LEU D 78 25.81 3.37 9.76
N GLN D 79 27.03 3.51 9.22
CA GLN D 79 27.99 2.42 9.02
C GLN D 79 29.31 2.68 9.78
N PRO D 80 30.16 1.64 10.07
CA PRO D 80 31.42 1.89 10.80
C PRO D 80 32.40 2.83 10.11
N GLU D 81 32.40 2.86 8.75
CA GLU D 81 33.26 3.73 7.95
C GLU D 81 32.79 5.20 7.93
N ASP D 82 31.56 5.45 8.40
CA ASP D 82 30.94 6.79 8.42
C ASP D 82 31.29 7.61 9.68
N PHE D 83 32.13 7.08 10.58
CA PHE D 83 32.54 7.81 11.78
C PHE D 83 33.75 8.70 11.46
N ALA D 84 33.49 9.99 11.21
CA ALA D 84 34.48 11.01 10.84
C ALA D 84 33.98 12.42 11.19
N THR D 85 34.68 13.47 10.72
CA THR D 85 34.30 14.88 10.92
C THR D 85 33.58 15.35 9.66
N TYR D 86 32.51 16.14 9.83
CA TYR D 86 31.71 16.63 8.71
C TYR D 86 31.68 18.15 8.65
N PHE D 87 32.01 18.73 7.47
CA PHE D 87 32.04 20.17 7.26
C PHE D 87 31.16 20.62 6.10
N CYS D 88 30.42 21.72 6.31
CA CYS D 88 29.62 22.34 5.26
C CYS D 88 30.39 23.53 4.70
N GLN D 89 30.12 23.95 3.47
CA GLN D 89 30.84 25.04 2.80
C GLN D 89 29.93 25.77 1.82
N GLN D 90 30.00 27.11 1.79
CA GLN D 90 29.23 27.93 0.85
C GLN D 90 30.09 28.37 -0.33
N GLY D 91 29.54 28.20 -1.53
CA GLY D 91 30.21 28.56 -2.78
C GLY D 91 29.48 29.61 -3.58
N GLU D 92 28.62 30.41 -2.91
CA GLU D 92 27.83 31.46 -3.55
C GLU D 92 28.66 32.71 -3.80
N THR D 93 29.25 33.29 -2.73
CA THR D 93 30.07 34.51 -2.82
C THR D 93 31.39 34.36 -2.08
N LEU D 94 32.46 34.91 -2.67
CA LEU D 94 33.82 34.87 -2.13
C LEU D 94 34.03 35.96 -1.06
N PRO D 95 34.85 35.72 0.00
CA PRO D 95 35.59 34.47 0.31
C PRO D 95 34.67 33.34 0.75
N TRP D 96 34.95 32.11 0.27
CA TRP D 96 34.16 30.94 0.61
C TRP D 96 34.40 30.55 2.05
N THR D 97 33.33 30.26 2.79
CA THR D 97 33.44 29.94 4.20
C THR D 97 32.93 28.55 4.55
N PHE D 98 33.57 27.92 5.55
CA PHE D 98 33.27 26.58 6.04
C PHE D 98 32.61 26.62 7.44
N GLY D 99 31.93 25.53 7.77
CA GLY D 99 31.30 25.37 9.09
C GLY D 99 32.34 24.91 10.09
N GLN D 100 32.01 25.01 11.39
CA GLN D 100 32.91 24.61 12.49
C GLN D 100 33.22 23.10 12.52
N GLY D 101 32.29 22.29 12.03
CA GLY D 101 32.45 20.84 11.96
C GLY D 101 31.56 20.05 12.91
N THR D 102 31.44 18.74 12.65
CA THR D 102 30.66 17.79 13.46
C THR D 102 31.43 16.49 13.57
N LYS D 103 31.92 16.19 14.79
CA LYS D 103 32.67 14.96 15.07
C LYS D 103 31.68 13.84 15.35
N LEU D 104 31.76 12.74 14.59
CA LEU D 104 30.87 11.59 14.75
C LEU D 104 31.57 10.47 15.53
N GLU D 105 31.24 10.34 16.82
CA GLU D 105 31.83 9.35 17.74
C GLU D 105 30.96 8.11 17.92
N ILE D 106 31.59 6.92 17.92
CA ILE D 106 30.90 5.64 18.11
C ILE D 106 30.48 5.47 19.58
N LYS D 107 29.17 5.27 19.79
CA LYS D 107 28.56 5.10 21.11
C LYS D 107 28.82 3.67 21.65
N ARG D 108 29.29 3.55 22.90
CA ARG D 108 29.56 2.26 23.55
C ARG D 108 29.27 2.28 25.07
N THR D 109 29.27 1.08 25.72
CA THR D 109 29.00 0.92 27.14
C THR D 109 30.01 1.68 28.00
N VAL D 110 29.53 2.33 29.08
CA VAL D 110 30.33 3.13 30.02
C VAL D 110 31.43 2.29 30.67
N ALA D 111 32.70 2.70 30.48
CA ALA D 111 33.89 2.03 31.03
C ALA D 111 34.68 2.96 31.96
N ALA D 112 35.12 2.42 33.09
CA ALA D 112 35.89 3.14 34.11
C ALA D 112 37.39 3.19 33.77
N PRO D 113 38.09 4.31 34.07
CA PRO D 113 39.54 4.36 33.77
C PRO D 113 40.42 3.61 34.77
N SER D 114 41.59 3.16 34.31
CA SER D 114 42.58 2.46 35.13
C SER D 114 43.72 3.45 35.43
N VAL D 115 43.69 4.05 36.64
CA VAL D 115 44.64 5.06 37.09
C VAL D 115 45.99 4.44 37.49
N PHE D 116 47.10 5.03 36.99
CA PHE D 116 48.47 4.62 37.27
C PHE D 116 49.36 5.85 37.42
N ILE D 117 49.93 6.07 38.63
CA ILE D 117 50.83 7.21 38.90
C ILE D 117 52.29 6.78 38.70
N PHE D 118 53.07 7.62 37.98
CA PHE D 118 54.48 7.35 37.68
C PHE D 118 55.43 8.42 38.25
N PRO D 119 56.38 8.05 39.14
CA PRO D 119 57.31 9.05 39.68
C PRO D 119 58.44 9.39 38.70
N PRO D 120 59.11 10.56 38.82
CA PRO D 120 60.20 10.87 37.87
C PRO D 120 61.42 9.97 38.06
N SER D 121 62.05 9.54 36.94
CA SER D 121 63.21 8.65 36.91
C SER D 121 64.47 9.28 37.52
N ASP D 122 65.47 8.46 37.88
CA ASP D 122 66.74 8.92 38.44
C ASP D 122 67.61 9.66 37.42
N GLU D 123 67.41 9.38 36.12
CA GLU D 123 68.12 10.02 35.00
C GLU D 123 67.59 11.45 34.81
N GLN D 124 66.27 11.64 35.05
CA GLN D 124 65.54 12.90 34.93
C GLN D 124 65.95 13.94 35.96
N LEU D 125 66.10 13.53 37.24
CA LEU D 125 66.50 14.38 38.36
C LEU D 125 67.89 14.97 38.18
N LYS D 126 68.78 14.24 37.48
CA LYS D 126 70.16 14.64 37.18
C LYS D 126 70.23 15.90 36.31
N SER D 127 69.17 16.14 35.48
CA SER D 127 69.06 17.31 34.61
C SER D 127 68.30 18.48 35.29
N GLY D 128 67.97 18.31 36.57
CA GLY D 128 67.27 19.30 37.39
C GLY D 128 65.83 19.57 37.03
N THR D 129 65.11 18.56 36.50
CA THR D 129 63.70 18.65 36.10
C THR D 129 62.96 17.36 36.50
N ALA D 130 61.74 17.52 37.04
CA ALA D 130 60.90 16.39 37.47
C ALA D 130 59.50 16.44 36.85
N SER D 131 59.02 15.29 36.36
CA SER D 131 57.69 15.16 35.74
C SER D 131 56.97 13.92 36.27
N VAL D 132 55.74 14.13 36.80
CA VAL D 132 54.91 13.06 37.35
C VAL D 132 53.73 12.83 36.39
N VAL D 133 53.58 11.57 35.92
CA VAL D 133 52.55 11.17 34.95
C VAL D 133 51.41 10.37 35.61
N CYS D 134 50.17 10.90 35.50
CA CYS D 134 48.95 10.24 35.99
C CYS D 134 48.19 9.72 34.76
N LEU D 135 48.18 8.39 34.57
CA LEU D 135 47.56 7.69 33.44
C LEU D 135 46.08 7.38 33.66
N LEU D 136 45.27 7.53 32.60
CA LEU D 136 43.84 7.24 32.56
C LEU D 136 43.63 6.30 31.37
N ASN D 137 43.87 5.00 31.59
CA ASN D 137 43.82 3.95 30.56
C ASN D 137 42.42 3.41 30.28
N ASN D 138 42.10 3.26 28.96
CA ASN D 138 40.88 2.74 28.32
C ASN D 138 39.57 3.01 29.08
N PHE D 139 38.86 4.10 28.71
CA PHE D 139 37.61 4.49 29.35
C PHE D 139 36.62 5.19 28.41
N TYR D 140 35.32 5.15 28.76
CA TYR D 140 34.22 5.78 28.02
C TYR D 140 33.19 6.39 28.99
N PRO D 141 32.73 7.65 28.79
CA PRO D 141 33.07 8.59 27.71
C PRO D 141 34.35 9.39 27.95
N ARG D 142 34.63 10.34 27.03
CA ARG D 142 35.79 11.25 27.01
C ARG D 142 35.88 12.14 28.27
N GLU D 143 34.72 12.64 28.75
CA GLU D 143 34.56 13.53 29.92
C GLU D 143 35.19 12.99 31.21
N ALA D 144 36.29 13.61 31.66
CA ALA D 144 37.05 13.24 32.87
C ALA D 144 37.76 14.45 33.53
N LYS D 145 38.02 14.37 34.85
CA LYS D 145 38.69 15.43 35.62
C LYS D 145 39.91 14.90 36.39
N VAL D 146 41.05 15.59 36.26
CA VAL D 146 42.31 15.26 36.92
C VAL D 146 42.66 16.38 37.94
N GLN D 147 42.86 16.00 39.22
CA GLN D 147 43.18 16.94 40.30
C GLN D 147 44.49 16.59 41.00
N TRP D 148 45.54 17.35 40.72
CA TRP D 148 46.86 17.14 41.32
C TRP D 148 46.93 17.67 42.75
N LYS D 149 47.20 16.77 43.71
CA LYS D 149 47.28 17.07 45.15
C LYS D 149 48.68 16.80 45.72
N VAL D 150 49.55 17.84 45.70
CA VAL D 150 50.91 17.76 46.24
C VAL D 150 50.85 18.11 47.73
N ASP D 151 51.12 17.12 48.61
CA ASP D 151 51.06 17.23 50.07
C ASP D 151 49.67 17.72 50.54
N ASN D 152 48.61 17.25 49.84
CA ASN D 152 47.19 17.56 50.04
C ASN D 152 46.87 19.05 49.75
N ALA D 153 47.31 19.54 48.58
CA ALA D 153 47.12 20.92 48.10
C ALA D 153 46.95 20.92 46.59
N LEU D 154 45.85 21.55 46.09
CA LEU D 154 45.55 21.62 44.66
C LEU D 154 46.57 22.49 43.90
N GLN D 155 46.95 22.05 42.69
CA GLN D 155 47.92 22.73 41.82
C GLN D 155 47.19 23.47 40.69
N SER D 156 47.67 24.67 40.35
CA SER D 156 47.10 25.53 39.29
C SER D 156 47.73 25.25 37.92
N GLY D 157 49.06 25.35 37.85
CA GLY D 157 49.82 25.09 36.64
C GLY D 157 50.35 23.67 36.60
N ASN D 158 51.59 23.50 36.07
CA ASN D 158 52.35 22.25 35.92
C ASN D 158 51.72 21.24 34.94
N SER D 159 50.46 20.82 35.19
CA SER D 159 49.70 19.84 34.40
C SER D 159 49.45 20.25 32.95
N GLN D 160 49.63 19.27 32.03
CA GLN D 160 49.39 19.39 30.59
C GLN D 160 48.82 18.06 30.11
N GLU D 161 47.52 18.07 29.74
CA GLU D 161 46.78 16.88 29.31
C GLU D 161 47.06 16.47 27.87
N SER D 162 47.13 15.14 27.63
CA SER D 162 47.33 14.52 26.32
C SER D 162 46.27 13.42 26.20
N VAL D 163 45.33 13.57 25.25
CA VAL D 163 44.24 12.61 25.05
C VAL D 163 44.31 11.96 23.67
N THR D 164 43.89 10.69 23.57
CA THR D 164 43.89 9.93 22.32
C THR D 164 42.47 9.75 21.76
N GLU D 165 42.38 9.51 20.45
CA GLU D 165 41.12 9.28 19.74
C GLU D 165 40.61 7.85 20.05
N GLN D 166 39.31 7.59 19.78
CA GLN D 166 38.66 6.30 20.01
C GLN D 166 39.40 5.17 19.30
N ASP D 167 39.80 4.14 20.07
CA ASP D 167 40.54 2.98 19.59
C ASP D 167 39.73 2.18 18.56
N SER D 168 40.40 1.68 17.51
CA SER D 168 39.79 0.91 16.43
C SER D 168 39.18 -0.43 16.88
N LYS D 169 39.63 -0.96 18.04
CA LYS D 169 39.18 -2.23 18.57
C LYS D 169 38.11 -2.11 19.68
N ASP D 170 38.46 -1.51 20.85
CA ASP D 170 37.54 -1.39 21.98
C ASP D 170 36.75 -0.07 22.06
N SER D 171 37.08 0.93 21.20
CA SER D 171 36.41 2.25 21.12
C SER D 171 36.47 3.04 22.45
N THR D 172 37.67 3.11 23.05
CA THR D 172 37.91 3.80 24.32
C THR D 172 38.94 4.92 24.22
N TYR D 173 38.89 5.87 25.18
CA TYR D 173 39.80 7.01 25.28
C TYR D 173 40.89 6.74 26.33
N SER D 174 42.01 7.49 26.26
CA SER D 174 43.13 7.42 27.21
C SER D 174 43.73 8.80 27.43
N LEU D 175 44.01 9.15 28.69
CA LEU D 175 44.55 10.48 29.04
C LEU D 175 45.84 10.37 29.85
N SER D 176 46.74 11.37 29.68
CA SER D 176 48.00 11.47 30.41
C SER D 176 48.26 12.92 30.85
N SER D 177 48.18 13.16 32.18
CA SER D 177 48.43 14.47 32.77
C SER D 177 49.85 14.47 33.31
N THR D 178 50.68 15.44 32.86
CA THR D 178 52.08 15.53 33.27
C THR D 178 52.34 16.80 34.09
N LEU D 179 52.55 16.61 35.41
CA LEU D 179 52.85 17.66 36.38
C LEU D 179 54.37 17.90 36.33
N THR D 180 54.79 19.06 35.80
CA THR D 180 56.22 19.40 35.68
C THR D 180 56.65 20.38 36.78
N LEU D 181 57.72 20.03 37.51
CA LEU D 181 58.33 20.83 38.58
C LEU D 181 59.85 20.72 38.59
N SER D 182 60.54 21.68 39.23
CA SER D 182 62.00 21.70 39.30
C SER D 182 62.56 20.70 40.33
N LYS D 183 63.89 20.51 40.36
CA LYS D 183 64.56 19.60 41.27
C LYS D 183 64.40 20.05 42.73
N ALA D 184 64.44 21.38 42.97
CA ALA D 184 64.29 21.97 44.31
C ALA D 184 62.86 21.80 44.86
N ASP D 185 61.84 22.02 44.00
CA ASP D 185 60.41 21.91 44.36
C ASP D 185 59.97 20.45 44.60
N TYR D 186 60.48 19.51 43.78
CA TYR D 186 60.15 18.08 43.91
C TYR D 186 60.68 17.48 45.21
N GLU D 187 61.92 17.85 45.60
CA GLU D 187 62.58 17.38 46.82
C GLU D 187 61.96 17.98 48.09
N LYS D 188 61.26 19.14 47.96
CA LYS D 188 60.57 19.86 49.05
C LYS D 188 59.39 19.08 49.65
N HIS D 189 58.62 18.35 48.82
CA HIS D 189 57.45 17.59 49.25
C HIS D 189 57.63 16.07 49.10
N LYS D 190 56.87 15.28 49.88
CA LYS D 190 56.97 13.81 49.87
C LYS D 190 55.73 13.09 49.32
N VAL D 191 54.52 13.56 49.66
CA VAL D 191 53.26 12.96 49.21
C VAL D 191 52.78 13.58 47.88
N TYR D 192 52.70 12.75 46.81
CA TYR D 192 52.26 13.16 45.48
C TYR D 192 51.08 12.29 45.01
N ALA D 193 49.89 12.90 44.90
CA ALA D 193 48.66 12.22 44.52
C ALA D 193 47.92 12.89 43.36
N CYS D 194 47.19 12.09 42.57
CA CYS D 194 46.35 12.57 41.48
C CYS D 194 44.93 12.01 41.62
N GLU D 195 43.95 12.91 41.79
CA GLU D 195 42.55 12.57 41.97
C GLU D 195 41.85 12.49 40.61
N VAL D 196 41.27 11.32 40.30
CA VAL D 196 40.59 11.07 39.03
C VAL D 196 39.07 10.94 39.23
N THR D 197 38.30 11.81 38.57
CA THR D 197 36.83 11.82 38.62
C THR D 197 36.28 11.49 37.22
N HIS D 198 35.48 10.41 37.13
CA HIS D 198 34.86 9.94 35.88
C HIS D 198 33.46 9.33 36.12
N GLN D 199 32.63 9.36 35.06
CA GLN D 199 31.26 8.85 34.97
C GLN D 199 31.15 7.39 35.47
N GLY D 200 32.08 6.55 35.04
CA GLY D 200 32.15 5.13 35.39
C GLY D 200 32.41 4.84 36.85
N LEU D 201 33.31 5.62 37.48
CA LEU D 201 33.68 5.48 38.90
C LEU D 201 32.64 6.12 39.81
N SER D 202 32.20 5.37 40.85
CA SER D 202 31.21 5.82 41.85
C SER D 202 31.78 6.92 42.76
N SER D 203 33.05 6.74 43.20
CA SER D 203 33.77 7.70 44.05
C SER D 203 35.09 8.12 43.36
N PRO D 204 35.56 9.39 43.50
CA PRO D 204 36.82 9.78 42.83
C PRO D 204 38.07 9.02 43.29
N VAL D 205 38.59 8.16 42.40
CA VAL D 205 39.77 7.31 42.63
C VAL D 205 41.04 8.15 42.72
N THR D 206 41.81 7.97 43.80
CA THR D 206 43.04 8.71 44.06
C THR D 206 44.23 7.75 44.12
N LYS D 207 45.19 7.92 43.19
CA LYS D 207 46.43 7.14 43.13
C LYS D 207 47.61 8.00 43.62
N SER D 208 48.32 7.53 44.66
CA SER D 208 49.42 8.29 45.27
C SER D 208 50.72 7.50 45.42
N PHE D 209 51.80 8.21 45.81
CA PHE D 209 53.15 7.68 46.08
C PHE D 209 53.91 8.57 47.09
N ASN D 210 54.92 8.01 47.76
CA ASN D 210 55.75 8.74 48.73
C ASN D 210 57.23 8.72 48.31
N ARG D 211 57.79 9.92 48.07
CA ARG D 211 59.19 10.15 47.67
C ARG D 211 60.15 9.73 48.80
N GLN E 1 -19.54 -28.74 31.40
CA GLN E 1 -20.04 -28.07 30.20
C GLN E 1 -20.72 -29.06 29.23
N VAL E 2 -20.73 -28.77 27.90
CA VAL E 2 -21.37 -29.64 26.89
C VAL E 2 -20.58 -30.94 26.72
N GLN E 3 -21.18 -32.07 27.15
CA GLN E 3 -20.58 -33.41 27.09
C GLN E 3 -21.61 -34.49 26.73
N LEU E 4 -21.22 -35.45 25.88
CA LEU E 4 -22.06 -36.58 25.49
C LEU E 4 -21.31 -37.87 25.76
N VAL E 5 -21.77 -38.63 26.76
CA VAL E 5 -21.15 -39.89 27.21
C VAL E 5 -21.93 -41.10 26.68
N GLN E 6 -21.25 -41.94 25.89
CA GLN E 6 -21.83 -43.15 25.29
C GLN E 6 -21.46 -44.43 26.04
N SER E 7 -22.24 -45.50 25.82
CA SER E 7 -22.03 -46.83 26.41
C SER E 7 -20.75 -47.48 25.86
N GLY E 8 -20.23 -48.46 26.59
CA GLY E 8 -19.02 -49.19 26.23
C GLY E 8 -19.14 -50.03 24.97
N ALA E 9 -17.99 -50.42 24.39
CA ALA E 9 -17.92 -51.25 23.18
C ALA E 9 -18.60 -52.61 23.39
N GLU E 10 -19.37 -53.07 22.39
CA GLU E 10 -20.11 -54.33 22.49
C GLU E 10 -19.84 -55.31 21.35
N VAL E 11 -19.88 -56.61 21.65
CA VAL E 11 -19.66 -57.70 20.69
C VAL E 11 -20.93 -58.57 20.63
N LYS E 12 -21.56 -58.63 19.45
CA LYS E 12 -22.79 -59.39 19.21
C LYS E 12 -22.65 -60.36 18.03
N LYS E 13 -23.57 -61.34 17.92
CA LYS E 13 -23.59 -62.34 16.84
C LYS E 13 -24.70 -62.01 15.80
N PRO E 14 -24.61 -62.49 14.54
CA PRO E 14 -25.66 -62.16 13.54
C PRO E 14 -27.06 -62.63 13.93
N GLY E 15 -28.00 -61.69 13.95
CA GLY E 15 -29.38 -61.92 14.33
C GLY E 15 -29.77 -61.30 15.66
N ASP E 16 -28.77 -61.03 16.53
CA ASP E 16 -28.94 -60.45 17.86
C ASP E 16 -29.20 -58.94 17.80
N SER E 17 -29.69 -58.35 18.90
CA SER E 17 -30.01 -56.94 19.01
C SER E 17 -29.08 -56.22 19.99
N VAL E 18 -28.70 -54.97 19.65
CA VAL E 18 -27.81 -54.13 20.48
C VAL E 18 -28.49 -52.80 20.84
N LYS E 19 -28.38 -52.39 22.11
CA LYS E 19 -28.94 -51.13 22.60
C LYS E 19 -27.80 -50.25 23.11
N VAL E 20 -27.55 -49.11 22.40
CA VAL E 20 -26.49 -48.15 22.71
C VAL E 20 -27.08 -46.87 23.32
N SER E 21 -26.56 -46.47 24.50
CA SER E 21 -26.99 -45.27 25.23
C SER E 21 -26.10 -44.06 24.95
N CYS E 22 -26.65 -42.86 25.19
CA CYS E 22 -25.96 -41.57 25.03
C CYS E 22 -26.49 -40.59 26.07
N LYS E 23 -25.71 -40.36 27.14
CA LYS E 23 -26.08 -39.46 28.23
C LYS E 23 -25.66 -38.03 27.89
N ALA E 24 -26.59 -37.07 28.09
CA ALA E 24 -26.39 -35.65 27.81
C ALA E 24 -26.21 -34.82 29.08
N SER E 25 -25.37 -33.76 28.99
CA SER E 25 -25.06 -32.84 30.10
C SER E 25 -24.65 -31.44 29.61
N GLY E 26 -24.86 -30.44 30.47
CA GLY E 26 -24.49 -29.05 30.22
C GLY E 26 -25.42 -28.23 29.35
N TYR E 27 -26.58 -28.81 28.95
CA TYR E 27 -27.57 -28.11 28.12
C TYR E 27 -29.01 -28.60 28.34
N THR E 28 -30.01 -27.82 27.87
CA THR E 28 -31.44 -28.16 27.97
C THR E 28 -31.72 -29.32 27.00
N PHE E 29 -31.75 -30.55 27.55
CA PHE E 29 -31.93 -31.83 26.86
C PHE E 29 -33.16 -31.90 25.93
N THR E 30 -34.29 -31.35 26.38
CA THR E 30 -35.57 -31.41 25.66
C THR E 30 -35.66 -30.51 24.41
N THR E 31 -34.98 -29.36 24.38
CA THR E 31 -35.04 -28.40 23.26
C THR E 31 -34.02 -28.66 22.11
N TYR E 32 -33.22 -29.73 22.22
CA TYR E 32 -32.22 -30.09 21.21
C TYR E 32 -32.53 -31.44 20.57
N TRP E 33 -32.02 -31.67 19.34
CA TRP E 33 -32.17 -32.91 18.58
C TRP E 33 -30.99 -33.84 18.86
N MET E 34 -31.23 -35.16 18.84
CA MET E 34 -30.18 -36.17 19.00
C MET E 34 -30.14 -37.06 17.77
N HIS E 35 -29.02 -37.00 17.03
CA HIS E 35 -28.78 -37.75 15.80
C HIS E 35 -27.86 -38.94 16.01
N TRP E 36 -27.91 -39.92 15.10
CA TRP E 36 -27.06 -41.11 15.17
C TRP E 36 -26.36 -41.37 13.83
N VAL E 37 -25.02 -41.24 13.83
CA VAL E 37 -24.14 -41.42 12.66
C VAL E 37 -23.13 -42.54 12.93
N ARG E 38 -23.02 -43.51 11.98
CA ARG E 38 -22.08 -44.63 12.07
C ARG E 38 -20.84 -44.42 11.20
N GLN E 39 -19.78 -45.20 11.46
CA GLN E 39 -18.54 -45.18 10.69
C GLN E 39 -17.91 -46.58 10.62
N ALA E 40 -18.02 -47.21 9.44
CA ALA E 40 -17.46 -48.54 9.17
C ALA E 40 -16.05 -48.40 8.61
N PRO E 41 -15.11 -49.32 8.93
CA PRO E 41 -13.74 -49.20 8.39
C PRO E 41 -13.69 -49.32 6.87
N GLY E 42 -13.30 -48.23 6.21
CA GLY E 42 -13.21 -48.14 4.76
C GLY E 42 -14.53 -48.00 4.04
N GLN E 43 -15.53 -47.39 4.71
CA GLN E 43 -16.87 -47.16 4.15
C GLN E 43 -17.37 -45.72 4.34
N GLY E 44 -16.74 -44.99 5.26
CA GLY E 44 -17.06 -43.60 5.56
C GLY E 44 -18.14 -43.42 6.61
N LEU E 45 -18.74 -42.21 6.65
CA LEU E 45 -19.79 -41.86 7.61
C LEU E 45 -21.18 -41.98 7.01
N GLU E 46 -22.10 -42.61 7.76
CA GLU E 46 -23.47 -42.86 7.35
C GLU E 46 -24.48 -42.39 8.42
N TRP E 47 -25.43 -41.51 8.03
CA TRP E 47 -26.48 -40.99 8.90
C TRP E 47 -27.62 -42.01 9.03
N MET E 48 -28.07 -42.29 10.26
CA MET E 48 -29.11 -43.28 10.51
C MET E 48 -30.49 -42.71 10.82
N GLY E 49 -30.55 -41.80 11.79
CA GLY E 49 -31.80 -41.17 12.21
C GLY E 49 -31.65 -40.12 13.28
N ALA E 50 -32.80 -39.65 13.81
CA ALA E 50 -32.85 -38.60 14.83
C ALA E 50 -34.07 -38.68 15.77
N ILE E 51 -33.91 -38.12 16.99
CA ILE E 51 -34.96 -38.08 18.02
C ILE E 51 -34.98 -36.71 18.72
N TYR E 52 -36.20 -36.15 18.91
CA TYR E 52 -36.42 -34.90 19.62
C TYR E 52 -36.99 -35.31 20.97
N PRO E 53 -36.14 -35.39 22.04
CA PRO E 53 -36.63 -35.90 23.34
C PRO E 53 -37.83 -35.21 23.96
N GLY E 54 -37.95 -33.90 23.81
CA GLY E 54 -39.06 -33.12 24.36
C GLY E 54 -40.43 -33.42 23.80
N LEU E 55 -40.53 -34.41 22.87
CA LEU E 55 -41.76 -34.83 22.19
C LEU E 55 -41.77 -36.33 21.84
N SER E 56 -40.58 -36.96 21.84
CA SER E 56 -40.29 -38.35 21.45
C SER E 56 -40.62 -38.59 19.95
N ASP E 57 -40.40 -37.54 19.12
CA ASP E 57 -40.60 -37.56 17.67
C ASP E 57 -39.35 -38.17 17.04
N THR E 58 -39.55 -39.23 16.24
CA THR E 58 -38.46 -39.94 15.58
C THR E 58 -38.56 -39.86 14.06
N THR E 59 -37.40 -39.93 13.39
CA THR E 59 -37.24 -39.92 11.93
C THR E 59 -36.03 -40.78 11.57
N TYR E 60 -36.24 -41.80 10.73
CA TYR E 60 -35.17 -42.72 10.34
C TYR E 60 -34.96 -42.76 8.83
N ASN E 61 -33.73 -43.11 8.41
CA ASN E 61 -33.34 -43.27 7.00
C ASN E 61 -34.02 -44.54 6.45
N GLN E 62 -34.62 -44.44 5.24
CA GLN E 62 -35.34 -45.52 4.54
C GLN E 62 -34.61 -46.87 4.50
N LYS E 63 -33.26 -46.83 4.50
CA LYS E 63 -32.39 -48.01 4.50
C LYS E 63 -32.49 -48.75 5.84
N PHE E 64 -32.56 -48.00 6.95
CA PHE E 64 -32.64 -48.50 8.32
C PHE E 64 -34.06 -48.67 8.88
N LYS E 65 -35.11 -48.41 8.06
CA LYS E 65 -36.51 -48.54 8.47
C LYS E 65 -36.86 -49.98 8.87
N GLY E 66 -37.36 -50.13 10.09
CA GLY E 66 -37.72 -51.41 10.68
C GLY E 66 -36.56 -52.15 11.32
N LYS E 67 -35.35 -51.58 11.22
CA LYS E 67 -34.10 -52.13 11.76
C LYS E 67 -33.62 -51.32 12.97
N VAL E 68 -33.93 -50.01 13.00
CA VAL E 68 -33.52 -49.11 14.07
C VAL E 68 -34.73 -48.50 14.81
N THR E 69 -34.62 -48.37 16.15
CA THR E 69 -35.61 -47.79 17.04
C THR E 69 -34.91 -46.91 18.08
N MET E 70 -35.29 -45.63 18.13
CA MET E 70 -34.71 -44.66 19.04
C MET E 70 -35.65 -44.30 20.18
N THR E 71 -35.13 -44.34 21.41
CA THR E 71 -35.86 -44.03 22.64
C THR E 71 -35.14 -42.99 23.50
N ARG E 72 -35.86 -42.41 24.48
CA ARG E 72 -35.34 -41.38 25.38
C ARG E 72 -35.91 -41.46 26.81
N ASP E 73 -35.12 -40.97 27.80
CA ASP E 73 -35.49 -40.91 29.22
C ASP E 73 -35.12 -39.52 29.74
N THR E 74 -36.12 -38.62 29.81
CA THR E 74 -35.97 -37.22 30.25
C THR E 74 -35.48 -37.08 31.70
N SER E 75 -35.53 -38.17 32.47
CA SER E 75 -35.07 -38.22 33.86
C SER E 75 -33.54 -38.16 33.92
N THR E 76 -32.86 -39.15 33.33
CA THR E 76 -31.40 -39.27 33.31
C THR E 76 -30.76 -38.54 32.11
N SER E 77 -31.60 -37.93 31.24
CA SER E 77 -31.18 -37.23 30.00
C SER E 77 -30.36 -38.19 29.11
N THR E 78 -30.91 -39.39 28.88
CA THR E 78 -30.29 -40.44 28.10
C THR E 78 -31.12 -40.78 26.86
N VAL E 79 -30.42 -41.01 25.74
CA VAL E 79 -31.00 -41.38 24.45
C VAL E 79 -30.48 -42.78 24.11
N TYR E 80 -31.40 -43.71 23.79
CA TYR E 80 -31.05 -45.09 23.44
C TYR E 80 -31.34 -45.38 21.98
N MET E 81 -30.45 -46.15 21.33
CA MET E 81 -30.57 -46.54 19.93
C MET E 81 -30.49 -48.07 19.85
N LYS E 82 -31.55 -48.71 19.29
CA LYS E 82 -31.65 -50.17 19.16
C LYS E 82 -31.49 -50.64 17.71
N LEU E 83 -30.72 -51.72 17.50
CA LEU E 83 -30.50 -52.31 16.18
C LEU E 83 -30.86 -53.81 16.14
N SER E 84 -32.08 -54.11 15.65
CA SER E 84 -32.62 -55.46 15.54
C SER E 84 -32.06 -56.22 14.33
N SER E 85 -31.85 -57.54 14.50
CA SER E 85 -31.32 -58.46 13.49
C SER E 85 -30.06 -57.94 12.78
N LEU E 86 -28.92 -57.99 13.49
CA LEU E 86 -27.63 -57.53 13.01
C LEU E 86 -27.00 -58.43 11.93
N ARG E 87 -25.86 -57.97 11.36
CA ARG E 87 -25.07 -58.63 10.31
C ARG E 87 -23.62 -58.10 10.34
N SER E 88 -22.68 -58.79 9.63
CA SER E 88 -21.27 -58.40 9.57
C SER E 88 -21.07 -57.00 8.97
N GLU E 89 -22.05 -56.54 8.16
CA GLU E 89 -22.09 -55.23 7.52
C GLU E 89 -22.37 -54.13 8.54
N ASP E 90 -22.99 -54.50 9.68
CA ASP E 90 -23.33 -53.58 10.79
C ASP E 90 -22.17 -53.36 11.78
N THR E 91 -20.97 -53.88 11.45
CA THR E 91 -19.76 -53.71 12.27
C THR E 91 -19.21 -52.30 11.98
N ALA E 92 -19.49 -51.34 12.90
CA ALA E 92 -19.10 -49.94 12.77
C ALA E 92 -19.00 -49.21 14.12
N VAL E 93 -18.46 -47.97 14.11
CA VAL E 93 -18.34 -47.09 15.28
C VAL E 93 -19.57 -46.17 15.23
N TYR E 94 -20.44 -46.29 16.23
CA TYR E 94 -21.69 -45.54 16.33
C TYR E 94 -21.55 -44.31 17.21
N TYR E 95 -21.90 -43.12 16.67
CA TYR E 95 -21.81 -41.83 17.35
C TYR E 95 -23.20 -41.21 17.56
N CYS E 96 -23.37 -40.49 18.68
CA CYS E 96 -24.59 -39.73 18.97
C CYS E 96 -24.21 -38.25 18.89
N ALA E 97 -25.05 -37.44 18.23
CA ALA E 97 -24.74 -36.02 18.05
C ALA E 97 -25.88 -35.07 18.42
N ARG E 98 -25.52 -33.92 18.98
CA ARG E 98 -26.43 -32.86 19.39
C ARG E 98 -26.62 -31.88 18.21
N LEU E 99 -27.88 -31.48 17.93
CA LEU E 99 -28.23 -30.53 16.87
C LEU E 99 -29.31 -29.57 17.34
N LEU E 100 -29.17 -28.29 17.00
CA LEU E 100 -30.18 -27.28 17.33
C LEU E 100 -30.77 -26.72 16.05
N ASP E 101 -29.90 -26.22 15.18
CA ASP E 101 -30.25 -25.57 13.93
C ASP E 101 -29.79 -26.34 12.70
N TYR E 102 -28.65 -25.90 12.18
CA TYR E 102 -27.98 -26.28 10.95
C TYR E 102 -27.04 -27.48 11.02
N ALA E 103 -26.20 -27.56 12.08
CA ALA E 103 -25.22 -28.63 12.22
C ALA E 103 -25.23 -29.38 13.56
N MET E 104 -24.50 -30.52 13.58
CA MET E 104 -24.27 -31.38 14.74
C MET E 104 -22.98 -30.86 15.39
N ASP E 105 -23.11 -29.91 16.33
CA ASP E 105 -21.99 -29.23 16.99
C ASP E 105 -21.15 -30.11 17.93
N TYR E 106 -21.81 -30.96 18.74
CA TYR E 106 -21.09 -31.82 19.68
C TYR E 106 -21.42 -33.28 19.46
N TRP E 107 -20.36 -34.11 19.42
CA TRP E 107 -20.45 -35.55 19.20
C TRP E 107 -19.95 -36.34 20.42
N GLY E 108 -20.44 -37.56 20.56
CA GLY E 108 -20.03 -38.48 21.62
C GLY E 108 -18.79 -39.23 21.23
N GLN E 109 -18.06 -39.79 22.22
CA GLN E 109 -16.79 -40.53 22.03
C GLN E 109 -16.87 -41.71 21.02
N GLY E 110 -18.06 -42.30 20.89
CA GLY E 110 -18.31 -43.42 19.98
C GLY E 110 -18.40 -44.77 20.66
N THR E 111 -19.22 -45.67 20.09
CA THR E 111 -19.42 -47.02 20.59
C THR E 111 -19.18 -48.02 19.45
N LEU E 112 -18.24 -48.93 19.66
CA LEU E 112 -17.89 -49.94 18.67
C LEU E 112 -18.76 -51.17 18.82
N VAL E 113 -19.48 -51.52 17.74
CA VAL E 113 -20.34 -52.71 17.68
C VAL E 113 -19.68 -53.70 16.73
N THR E 114 -19.22 -54.83 17.27
CA THR E 114 -18.53 -55.89 16.50
C THR E 114 -19.49 -57.06 16.27
N VAL E 115 -19.89 -57.26 14.99
CA VAL E 115 -20.82 -58.32 14.58
C VAL E 115 -20.13 -59.30 13.61
N SER E 116 -20.09 -60.60 13.99
CA SER E 116 -19.49 -61.70 13.22
C SER E 116 -19.95 -63.06 13.76
N SER E 117 -20.12 -64.05 12.86
CA SER E 117 -20.49 -65.43 13.19
C SER E 117 -19.33 -66.20 13.86
N ALA E 118 -18.13 -65.58 13.89
CA ALA E 118 -16.90 -66.11 14.46
C ALA E 118 -17.01 -66.41 15.97
N SER E 119 -16.25 -67.43 16.41
CA SER E 119 -16.16 -67.89 17.80
C SER E 119 -14.85 -67.42 18.42
N THR E 120 -14.86 -67.13 19.75
CA THR E 120 -13.70 -66.64 20.51
C THR E 120 -12.59 -67.69 20.55
N LYS E 121 -11.39 -67.33 20.06
CA LYS E 121 -10.23 -68.22 20.05
C LYS E 121 -8.89 -67.48 20.23
N GLY E 122 -7.91 -68.18 20.79
CA GLY E 122 -6.58 -67.66 21.04
C GLY E 122 -5.70 -67.57 19.79
N PRO E 123 -4.76 -66.60 19.72
CA PRO E 123 -3.91 -66.49 18.53
C PRO E 123 -2.77 -67.49 18.50
N SER E 124 -2.20 -67.71 17.30
CA SER E 124 -1.06 -68.58 17.08
C SER E 124 0.14 -67.69 16.74
N VAL E 125 1.17 -67.69 17.61
CA VAL E 125 2.36 -66.86 17.45
C VAL E 125 3.50 -67.64 16.75
N PHE E 126 3.85 -67.20 15.53
CA PHE E 126 4.91 -67.79 14.71
C PHE E 126 6.07 -66.79 14.51
N PRO E 127 7.35 -67.21 14.69
CA PRO E 127 8.44 -66.24 14.55
C PRO E 127 8.86 -65.94 13.11
N LEU E 128 9.14 -64.66 12.82
CA LEU E 128 9.60 -64.17 11.52
C LEU E 128 11.13 -64.09 11.59
N ALA E 129 11.79 -65.21 11.24
CA ALA E 129 13.24 -65.41 11.28
C ALA E 129 14.07 -64.45 10.41
N PRO E 130 15.14 -63.86 10.97
CA PRO E 130 15.97 -62.95 10.18
C PRO E 130 17.01 -63.69 9.33
N SER E 131 17.66 -62.95 8.39
CA SER E 131 18.70 -63.49 7.51
C SER E 131 19.98 -62.67 7.57
N SER E 132 21.14 -63.35 7.68
CA SER E 132 22.46 -62.71 7.74
C SER E 132 22.92 -62.27 6.35
N THR E 139 21.76 -53.12 8.68
CA THR E 139 20.72 -53.44 9.66
C THR E 139 19.79 -54.53 9.11
N ALA E 140 19.47 -55.55 9.94
CA ALA E 140 18.56 -56.65 9.59
C ALA E 140 17.28 -56.61 10.44
N ALA E 141 16.13 -56.99 9.86
CA ALA E 141 14.83 -56.99 10.54
C ALA E 141 14.33 -58.38 10.92
N LEU E 142 13.58 -58.45 12.04
CA LEU E 142 12.97 -59.68 12.58
C LEU E 142 11.66 -59.35 13.29
N GLY E 143 10.75 -60.32 13.36
CA GLY E 143 9.46 -60.10 14.01
C GLY E 143 8.68 -61.32 14.44
N CYS E 144 7.38 -61.12 14.74
CA CYS E 144 6.42 -62.14 15.16
C CYS E 144 5.13 -62.02 14.36
N LEU E 145 4.53 -63.15 13.96
CA LEU E 145 3.29 -63.21 13.21
C LEU E 145 2.17 -63.75 14.12
N VAL E 146 1.23 -62.88 14.49
CA VAL E 146 0.08 -63.21 15.34
C VAL E 146 -1.09 -63.53 14.39
N LYS E 147 -1.34 -64.83 14.16
CA LYS E 147 -2.36 -65.29 13.21
C LYS E 147 -3.56 -65.99 13.83
N ASP E 148 -4.75 -65.78 13.22
CA ASP E 148 -6.06 -66.35 13.53
C ASP E 148 -6.49 -66.20 14.99
N TYR E 149 -7.22 -65.11 15.29
CA TYR E 149 -7.76 -64.79 16.62
C TYR E 149 -9.03 -63.94 16.50
N PHE E 150 -9.94 -64.04 17.48
CA PHE E 150 -11.20 -63.29 17.52
C PHE E 150 -11.68 -63.07 18.97
N PRO E 151 -11.97 -61.83 19.40
CA PRO E 151 -11.91 -60.54 18.70
C PRO E 151 -10.63 -59.76 18.99
N GLU E 152 -10.60 -58.46 18.60
CA GLU E 152 -9.48 -57.54 18.83
C GLU E 152 -9.53 -57.02 20.29
N PRO E 153 -8.43 -56.52 20.92
CA PRO E 153 -7.06 -56.31 20.42
C PRO E 153 -5.99 -57.28 20.95
N VAL E 154 -4.70 -56.98 20.68
CA VAL E 154 -3.51 -57.70 21.14
C VAL E 154 -2.42 -56.71 21.59
N THR E 155 -1.62 -57.10 22.60
CA THR E 155 -0.52 -56.27 23.12
C THR E 155 0.82 -56.99 22.95
N VAL E 156 1.67 -56.50 22.02
CA VAL E 156 2.99 -57.07 21.73
C VAL E 156 4.09 -56.10 22.17
N SER E 157 4.99 -56.58 23.07
CA SER E 157 6.13 -55.82 23.59
C SER E 157 7.41 -56.63 23.43
N TRP E 158 8.46 -56.01 22.89
CA TRP E 158 9.74 -56.68 22.66
C TRP E 158 10.66 -56.68 23.87
N ASN E 159 11.24 -57.86 24.18
CA ASN E 159 12.15 -58.16 25.30
C ASN E 159 11.59 -57.66 26.66
N SER E 160 10.28 -57.93 26.90
CA SER E 160 9.52 -57.58 28.10
C SER E 160 9.48 -56.06 28.37
N GLY E 161 9.32 -55.29 27.29
CA GLY E 161 9.24 -53.82 27.34
C GLY E 161 10.55 -53.09 27.15
N ALA E 162 11.70 -53.77 27.42
CA ALA E 162 13.07 -53.22 27.30
C ALA E 162 13.43 -52.72 25.90
N LEU E 163 12.94 -53.41 24.85
CA LEU E 163 13.17 -53.02 23.45
C LEU E 163 11.93 -52.32 22.88
N THR E 164 12.09 -51.05 22.52
CA THR E 164 11.04 -50.18 21.98
C THR E 164 11.47 -49.48 20.69
N SER E 165 12.78 -49.22 20.53
CA SER E 165 13.37 -48.54 19.37
C SER E 165 13.38 -49.45 18.13
N GLY E 166 12.87 -48.93 17.02
CA GLY E 166 12.79 -49.64 15.74
C GLY E 166 11.60 -50.57 15.59
N VAL E 167 10.78 -50.68 16.66
CA VAL E 167 9.59 -51.53 16.73
C VAL E 167 8.44 -50.92 15.92
N HIS E 168 7.76 -51.77 15.12
CA HIS E 168 6.60 -51.42 14.30
C HIS E 168 5.56 -52.54 14.41
N THR E 169 4.43 -52.27 15.10
CA THR E 169 3.34 -53.23 15.26
C THR E 169 2.20 -52.79 14.33
N PHE E 170 1.95 -53.57 13.29
CA PHE E 170 0.94 -53.30 12.26
C PHE E 170 -0.51 -53.47 12.76
N PRO E 171 -1.50 -52.72 12.21
CA PRO E 171 -2.89 -52.92 12.64
C PRO E 171 -3.46 -54.23 12.11
N ALA E 172 -4.36 -54.87 12.88
CA ALA E 172 -5.01 -56.15 12.54
C ALA E 172 -5.77 -56.11 11.22
N VAL E 173 -5.74 -57.23 10.49
CA VAL E 173 -6.42 -57.38 9.20
C VAL E 173 -7.41 -58.55 9.29
N LEU E 174 -8.72 -58.29 9.03
CA LEU E 174 -9.76 -59.31 9.07
C LEU E 174 -9.66 -60.19 7.81
N GLN E 175 -9.27 -61.45 8.01
CA GLN E 175 -9.09 -62.46 6.96
C GLN E 175 -10.45 -62.95 6.40
N SER E 176 -10.40 -63.80 5.35
CA SER E 176 -11.59 -64.40 4.73
C SER E 176 -12.32 -65.36 5.69
N SER E 177 -11.58 -65.89 6.69
CA SER E 177 -12.06 -66.81 7.73
C SER E 177 -12.84 -66.09 8.85
N GLY E 178 -12.81 -64.75 8.84
CA GLY E 178 -13.46 -63.93 9.85
C GLY E 178 -12.64 -63.75 11.11
N LEU E 179 -11.36 -64.19 11.06
CA LEU E 179 -10.40 -64.11 12.15
C LEU E 179 -9.35 -63.04 11.85
N TYR E 180 -8.91 -62.31 12.88
CA TYR E 180 -7.91 -61.26 12.72
C TYR E 180 -6.47 -61.80 12.66
N SER E 181 -5.56 -61.00 12.07
CA SER E 181 -4.14 -61.33 11.90
C SER E 181 -3.29 -60.06 11.74
N LEU E 182 -2.15 -60.01 12.45
CA LEU E 182 -1.21 -58.89 12.37
C LEU E 182 0.26 -59.33 12.57
N SER E 183 1.19 -58.41 12.30
CA SER E 183 2.63 -58.63 12.44
C SER E 183 3.26 -57.53 13.29
N SER E 184 4.28 -57.89 14.08
CA SER E 184 5.02 -56.96 14.93
C SER E 184 6.52 -57.13 14.65
N VAL E 185 7.12 -56.16 13.93
CA VAL E 185 8.53 -56.20 13.50
C VAL E 185 9.43 -55.25 14.31
N VAL E 186 10.76 -55.42 14.18
CA VAL E 186 11.81 -54.61 14.82
C VAL E 186 13.13 -54.67 14.01
N THR E 187 13.79 -53.51 13.83
CA THR E 187 15.06 -53.39 13.11
C THR E 187 16.20 -53.24 14.11
N VAL E 188 17.18 -54.16 14.06
CA VAL E 188 18.36 -54.20 14.93
C VAL E 188 19.66 -54.44 14.13
N PRO E 189 20.84 -53.90 14.56
CA PRO E 189 22.08 -54.15 13.80
C PRO E 189 22.52 -55.62 13.78
N SER E 190 23.02 -56.08 12.62
CA SER E 190 23.47 -57.45 12.37
C SER E 190 24.60 -57.90 13.31
N THR E 197 19.61 -61.81 22.15
CA THR E 197 18.39 -62.53 22.53
C THR E 197 17.16 -61.66 22.27
N TYR E 198 16.28 -62.11 21.35
CA TYR E 198 15.07 -61.39 20.96
C TYR E 198 13.79 -62.23 21.15
N ILE E 199 12.93 -61.81 22.10
CA ILE E 199 11.66 -62.47 22.45
C ILE E 199 10.50 -61.46 22.41
N CYS E 200 9.36 -61.84 21.77
CA CYS E 200 8.17 -60.98 21.68
C CYS E 200 7.11 -61.43 22.70
N ASN E 201 6.65 -60.48 23.53
CA ASN E 201 5.66 -60.73 24.58
C ASN E 201 4.25 -60.45 24.05
N VAL E 202 3.65 -61.46 23.40
CA VAL E 202 2.31 -61.38 22.83
C VAL E 202 1.29 -61.71 23.93
N ASN E 203 0.33 -60.79 24.14
CA ASN E 203 -0.72 -60.94 25.16
C ASN E 203 -2.09 -60.58 24.57
N HIS E 204 -2.99 -61.57 24.52
CA HIS E 204 -4.36 -61.43 24.00
C HIS E 204 -5.34 -61.52 25.17
N LYS E 205 -5.88 -60.35 25.59
CA LYS E 205 -6.83 -60.20 26.70
C LYS E 205 -8.17 -60.95 26.52
N PRO E 206 -8.88 -60.92 25.35
CA PRO E 206 -10.17 -61.61 25.24
C PRO E 206 -10.19 -63.13 25.42
N SER E 207 -9.03 -63.81 25.33
CA SER E 207 -8.95 -65.26 25.51
C SER E 207 -7.93 -65.70 26.57
N ASN E 208 -7.23 -64.72 27.20
CA ASN E 208 -6.20 -64.90 28.24
C ASN E 208 -5.02 -65.76 27.74
N THR E 209 -4.48 -65.40 26.56
CA THR E 209 -3.35 -66.09 25.94
C THR E 209 -2.09 -65.24 26.07
N LYS E 210 -1.05 -65.83 26.67
CA LYS E 210 0.25 -65.18 26.89
C LYS E 210 1.33 -66.05 26.26
N VAL E 211 1.93 -65.58 25.16
CA VAL E 211 2.97 -66.30 24.43
C VAL E 211 4.25 -65.44 24.38
N ASP E 212 5.39 -66.02 24.80
CA ASP E 212 6.70 -65.38 24.78
C ASP E 212 7.60 -66.11 23.78
N LYS E 213 7.33 -65.89 22.47
CA LYS E 213 8.06 -66.53 21.38
C LYS E 213 9.41 -65.87 21.09
N ARG E 214 10.47 -66.70 21.03
CA ARG E 214 11.86 -66.28 20.77
C ARG E 214 12.14 -66.34 19.26
N VAL E 215 12.78 -65.28 18.72
CA VAL E 215 13.12 -65.18 17.30
C VAL E 215 14.59 -65.58 17.10
N GLU E 216 14.84 -66.62 16.27
CA GLU E 216 16.17 -67.16 15.97
C GLU E 216 16.41 -67.24 14.44
N PRO E 217 17.65 -67.02 13.93
CA PRO E 217 17.86 -67.13 12.47
C PRO E 217 18.17 -68.56 12.03
N ASP F 1 -31.02 -39.39 -3.07
CA ASP F 1 -29.78 -39.49 -2.29
C ASP F 1 -28.65 -38.65 -2.90
N ILE F 2 -28.29 -37.55 -2.22
CA ILE F 2 -27.22 -36.64 -2.66
C ILE F 2 -25.85 -37.29 -2.43
N GLN F 3 -25.02 -37.33 -3.47
CA GLN F 3 -23.69 -37.90 -3.40
C GLN F 3 -22.65 -36.80 -3.18
N MET F 4 -21.77 -37.00 -2.19
CA MET F 4 -20.74 -36.03 -1.79
C MET F 4 -19.33 -36.44 -2.23
N THR F 5 -18.85 -35.83 -3.33
CA THR F 5 -17.53 -36.10 -3.91
C THR F 5 -16.50 -35.08 -3.40
N GLN F 6 -15.64 -35.52 -2.48
CA GLN F 6 -14.59 -34.71 -1.84
C GLN F 6 -13.21 -34.98 -2.45
N SER F 7 -12.50 -33.91 -2.87
CA SER F 7 -11.16 -34.01 -3.46
C SER F 7 -10.17 -32.97 -2.89
N PRO F 8 -8.90 -33.33 -2.61
CA PRO F 8 -8.26 -34.65 -2.79
C PRO F 8 -8.63 -35.63 -1.68
N SER F 9 -8.42 -36.93 -1.93
CA SER F 9 -8.70 -37.99 -0.95
C SER F 9 -7.62 -38.01 0.15
N SER F 10 -6.41 -37.52 -0.19
CA SER F 10 -5.24 -37.43 0.69
C SER F 10 -4.40 -36.21 0.28
N LEU F 11 -3.77 -35.53 1.26
CA LEU F 11 -2.95 -34.34 0.99
C LEU F 11 -1.70 -34.25 1.86
N SER F 12 -0.54 -34.04 1.20
CA SER F 12 0.77 -33.89 1.81
C SER F 12 1.19 -32.42 1.82
N ALA F 13 1.33 -31.84 3.03
CA ALA F 13 1.72 -30.44 3.25
C ALA F 13 2.62 -30.24 4.48
N SER F 14 3.20 -29.04 4.61
CA SER F 14 4.07 -28.65 5.72
C SER F 14 3.42 -27.55 6.55
N VAL F 15 3.94 -27.33 7.78
CA VAL F 15 3.45 -26.32 8.74
C VAL F 15 3.72 -24.91 8.18
N GLY F 16 2.65 -24.14 7.99
CA GLY F 16 2.70 -22.79 7.46
C GLY F 16 2.14 -22.62 6.07
N ASP F 17 1.91 -23.75 5.35
CA ASP F 17 1.37 -23.79 3.98
C ASP F 17 -0.15 -23.57 3.93
N ARG F 18 -0.67 -23.21 2.75
CA ARG F 18 -2.11 -23.02 2.50
C ARG F 18 -2.71 -24.35 2.06
N VAL F 19 -3.84 -24.74 2.68
CA VAL F 19 -4.53 -26.00 2.41
C VAL F 19 -5.90 -25.71 1.81
N THR F 20 -6.23 -26.37 0.68
CA THR F 20 -7.50 -26.22 -0.02
C THR F 20 -8.15 -27.59 -0.26
N ILE F 21 -9.30 -27.81 0.36
CA ILE F 21 -10.09 -29.04 0.22
C ILE F 21 -11.42 -28.65 -0.39
N THR F 22 -11.82 -29.34 -1.47
CA THR F 22 -13.09 -29.07 -2.16
C THR F 22 -14.08 -30.22 -1.95
N CYS F 23 -15.37 -29.87 -1.91
CA CYS F 23 -16.48 -30.80 -1.72
C CYS F 23 -17.55 -30.46 -2.76
N ARG F 24 -18.00 -31.46 -3.52
CA ARG F 24 -19.01 -31.25 -4.56
C ARG F 24 -20.22 -32.17 -4.35
N ALA F 25 -21.43 -31.61 -4.43
CA ALA F 25 -22.68 -32.34 -4.26
C ALA F 25 -23.38 -32.57 -5.58
N SER F 26 -24.11 -33.70 -5.69
CA SER F 26 -24.86 -34.09 -6.89
C SER F 26 -26.06 -33.19 -7.18
N GLN F 27 -26.56 -32.47 -6.14
CA GLN F 27 -27.69 -31.56 -6.22
C GLN F 27 -27.37 -30.25 -5.48
N ASP F 28 -28.10 -29.15 -5.79
CA ASP F 28 -27.93 -27.85 -5.11
C ASP F 28 -28.37 -28.02 -3.65
N ILE F 29 -27.40 -28.03 -2.72
CA ILE F 29 -27.64 -28.26 -1.29
C ILE F 29 -27.90 -26.95 -0.51
N ARG F 30 -28.33 -25.88 -1.23
CA ARG F 30 -28.72 -24.56 -0.72
C ARG F 30 -27.90 -24.03 0.50
N SER F 31 -26.55 -24.00 0.36
CA SER F 31 -25.59 -23.54 1.39
C SER F 31 -25.53 -24.39 2.68
N TYR F 32 -26.30 -25.50 2.77
CA TYR F 32 -26.28 -26.36 3.96
C TYR F 32 -25.07 -27.30 3.93
N LEU F 33 -23.85 -26.73 4.03
CA LEU F 33 -22.60 -27.49 4.02
C LEU F 33 -21.87 -27.33 5.35
N ASN F 34 -21.57 -28.48 6.00
CA ASN F 34 -20.87 -28.52 7.27
C ASN F 34 -19.54 -29.27 7.15
N TRP F 35 -18.45 -28.70 7.73
CA TRP F 35 -17.11 -29.28 7.73
C TRP F 35 -16.75 -29.81 9.13
N HIS F 36 -16.18 -31.02 9.19
CA HIS F 36 -15.79 -31.66 10.44
C HIS F 36 -14.32 -32.09 10.42
N GLN F 37 -13.67 -32.06 11.60
CA GLN F 37 -12.28 -32.48 11.78
C GLN F 37 -12.24 -33.73 12.69
N GLN F 38 -11.60 -34.80 12.21
CA GLN F 38 -11.50 -36.04 12.98
C GLN F 38 -10.06 -36.50 13.10
N LYS F 39 -9.58 -36.63 14.34
CA LYS F 39 -8.24 -37.10 14.65
C LYS F 39 -8.32 -38.64 14.86
N PRO F 40 -7.25 -39.41 14.54
CA PRO F 40 -7.35 -40.89 14.67
C PRO F 40 -7.72 -41.40 16.07
N GLY F 41 -8.72 -42.28 16.10
CA GLY F 41 -9.26 -42.89 17.33
C GLY F 41 -9.94 -41.90 18.24
N LYS F 42 -10.59 -40.87 17.66
CA LYS F 42 -11.27 -39.80 18.39
C LYS F 42 -12.54 -39.32 17.67
N ALA F 43 -13.47 -38.73 18.45
CA ALA F 43 -14.76 -38.21 17.98
C ALA F 43 -14.57 -37.04 16.99
N PRO F 44 -15.37 -36.96 15.89
CA PRO F 44 -15.22 -35.83 14.95
C PRO F 44 -15.80 -34.55 15.53
N LYS F 45 -15.01 -33.47 15.50
CA LYS F 45 -15.43 -32.16 16.01
C LYS F 45 -15.90 -31.29 14.85
N LEU F 46 -16.96 -30.47 15.06
CA LEU F 46 -17.46 -29.58 14.00
C LEU F 46 -16.51 -28.40 13.85
N LEU F 47 -16.20 -28.05 12.59
CA LEU F 47 -15.33 -26.91 12.27
C LEU F 47 -16.18 -25.73 11.80
N ILE F 48 -16.86 -25.89 10.66
CA ILE F 48 -17.67 -24.88 10.01
C ILE F 48 -19.09 -25.39 9.73
N TRP F 49 -20.10 -24.54 9.96
CA TRP F 49 -21.50 -24.83 9.71
C TRP F 49 -22.12 -23.79 8.78
N TYR F 50 -23.05 -24.22 7.90
CA TYR F 50 -23.73 -23.40 6.89
C TYR F 50 -22.72 -22.60 6.04
N THR F 51 -21.82 -23.33 5.36
CA THR F 51 -20.78 -22.88 4.43
C THR F 51 -19.61 -22.12 5.06
N SER F 52 -19.85 -21.01 5.80
CA SER F 52 -18.79 -20.15 6.31
C SER F 52 -18.68 -19.94 7.83
N ARG F 53 -19.79 -20.12 8.57
CA ARG F 53 -19.82 -19.87 10.01
C ARG F 53 -18.98 -20.85 10.82
N LEU F 54 -17.99 -20.33 11.54
CA LEU F 54 -17.05 -21.09 12.38
C LEU F 54 -17.69 -21.54 13.68
N HIS F 55 -17.30 -22.74 14.17
CA HIS F 55 -17.78 -23.29 15.43
C HIS F 55 -17.00 -22.62 16.58
N SER F 56 -17.53 -22.66 17.82
CA SER F 56 -16.91 -22.07 19.02
C SER F 56 -15.55 -22.71 19.30
N GLY F 57 -14.50 -21.88 19.40
CA GLY F 57 -13.15 -22.34 19.66
C GLY F 57 -12.30 -22.62 18.44
N VAL F 58 -12.90 -22.59 17.23
CA VAL F 58 -12.19 -22.82 15.96
C VAL F 58 -11.36 -21.56 15.61
N PRO F 59 -10.04 -21.69 15.34
CA PRO F 59 -9.22 -20.49 15.06
C PRO F 59 -9.52 -19.79 13.73
N SER F 60 -9.12 -18.50 13.63
CA SER F 60 -9.30 -17.62 12.47
C SER F 60 -8.69 -18.15 11.16
N ARG F 61 -7.61 -18.97 11.26
CA ARG F 61 -6.92 -19.57 10.12
C ARG F 61 -7.85 -20.47 9.26
N PHE F 62 -8.91 -21.04 9.88
CA PHE F 62 -9.90 -21.87 9.19
C PHE F 62 -10.95 -20.98 8.55
N SER F 63 -11.29 -21.25 7.29
CA SER F 63 -12.33 -20.50 6.55
C SER F 63 -13.03 -21.39 5.53
N GLY F 64 -14.33 -21.21 5.40
CA GLY F 64 -15.17 -21.95 4.47
C GLY F 64 -15.91 -21.06 3.50
N SER F 65 -16.02 -21.50 2.24
CA SER F 65 -16.72 -20.78 1.17
C SER F 65 -17.46 -21.77 0.26
N GLY F 66 -18.24 -21.23 -0.68
CA GLY F 66 -19.00 -22.04 -1.63
C GLY F 66 -20.46 -21.71 -1.71
N SER F 67 -21.12 -22.23 -2.75
CA SER F 67 -22.55 -22.03 -3.02
C SER F 67 -23.00 -23.11 -4.00
N GLY F 68 -24.31 -23.36 -4.04
CA GLY F 68 -24.93 -24.34 -4.91
C GLY F 68 -24.46 -25.76 -4.68
N THR F 69 -23.53 -26.23 -5.53
CA THR F 69 -22.97 -27.59 -5.48
C THR F 69 -21.50 -27.63 -5.07
N ASP F 70 -20.72 -26.60 -5.43
CA ASP F 70 -19.29 -26.52 -5.16
C ASP F 70 -18.94 -25.69 -3.90
N TYR F 71 -18.28 -26.34 -2.92
CA TYR F 71 -17.86 -25.77 -1.62
C TYR F 71 -16.36 -25.99 -1.37
N THR F 72 -15.74 -25.12 -0.54
CA THR F 72 -14.28 -25.15 -0.28
C THR F 72 -13.88 -24.79 1.16
N LEU F 73 -12.97 -25.60 1.75
CA LEU F 73 -12.38 -25.40 3.08
C LEU F 73 -10.93 -24.90 2.90
N THR F 74 -10.53 -23.88 3.69
CA THR F 74 -9.20 -23.26 3.59
C THR F 74 -8.55 -23.03 4.97
N ILE F 75 -7.29 -23.48 5.08
CA ILE F 75 -6.42 -23.30 6.25
C ILE F 75 -5.28 -22.41 5.74
N SER F 76 -5.28 -21.11 6.13
CA SER F 76 -4.30 -20.11 5.68
C SER F 76 -2.85 -20.48 6.00
N SER F 77 -2.52 -20.59 7.31
CA SER F 77 -1.18 -20.99 7.75
C SER F 77 -1.36 -22.22 8.63
N LEU F 78 -1.09 -23.39 8.04
CA LEU F 78 -1.22 -24.70 8.66
C LEU F 78 -0.41 -24.82 9.94
N GLN F 79 -0.99 -25.51 10.94
CA GLN F 79 -0.39 -25.73 12.26
C GLN F 79 -0.21 -27.24 12.56
N PRO F 80 0.69 -27.65 13.51
CA PRO F 80 0.85 -29.09 13.79
C PRO F 80 -0.41 -29.82 14.28
N GLU F 81 -1.31 -29.11 14.99
CA GLU F 81 -2.56 -29.65 15.51
C GLU F 81 -3.64 -29.83 14.42
N ASP F 82 -3.40 -29.24 13.24
CA ASP F 82 -4.33 -29.28 12.09
C ASP F 82 -4.16 -30.52 11.19
N PHE F 83 -3.24 -31.43 11.55
CA PHE F 83 -3.03 -32.67 10.79
C PHE F 83 -4.03 -33.72 11.26
N ALA F 84 -5.12 -33.90 10.49
CA ALA F 84 -6.22 -34.84 10.76
C ALA F 84 -7.00 -35.17 9.49
N THR F 85 -8.16 -35.85 9.63
CA THR F 85 -9.04 -36.19 8.51
C THR F 85 -10.17 -35.16 8.47
N TYR F 86 -10.55 -34.72 7.26
CA TYR F 86 -11.58 -33.70 7.08
C TYR F 86 -12.77 -34.22 6.26
N PHE F 87 -14.00 -34.06 6.79
CA PHE F 87 -15.22 -34.52 6.14
C PHE F 87 -16.24 -33.40 5.95
N CYS F 88 -16.87 -33.37 4.76
CA CYS F 88 -17.94 -32.43 4.47
C CYS F 88 -19.28 -33.17 4.62
N GLN F 89 -20.37 -32.45 4.86
CA GLN F 89 -21.69 -33.04 5.10
C GLN F 89 -22.80 -32.09 4.64
N GLN F 90 -23.83 -32.64 3.95
CA GLN F 90 -24.98 -31.86 3.51
C GLN F 90 -26.16 -32.03 4.46
N GLY F 91 -26.77 -30.91 4.83
CA GLY F 91 -27.93 -30.86 5.73
C GLY F 91 -29.17 -30.27 5.09
N GLU F 92 -29.25 -30.30 3.74
CA GLU F 92 -30.37 -29.76 2.99
C GLU F 92 -31.57 -30.71 2.98
N THR F 93 -31.36 -31.96 2.49
CA THR F 93 -32.40 -32.97 2.41
C THR F 93 -31.95 -34.31 2.97
N LEU F 94 -32.85 -34.99 3.68
CA LEU F 94 -32.59 -36.28 4.31
C LEU F 94 -32.74 -37.45 3.30
N PRO F 95 -31.95 -38.54 3.41
CA PRO F 95 -30.88 -38.80 4.41
C PRO F 95 -29.66 -37.92 4.18
N TRP F 96 -29.07 -37.41 5.28
CA TRP F 96 -27.88 -36.56 5.22
C TRP F 96 -26.67 -37.38 4.83
N THR F 97 -25.87 -36.87 3.90
CA THR F 97 -24.71 -37.59 3.40
C THR F 97 -23.38 -36.87 3.64
N PHE F 98 -22.32 -37.67 3.86
CA PHE F 98 -20.95 -37.21 4.12
C PHE F 98 -20.01 -37.48 2.94
N GLY F 99 -18.90 -36.72 2.90
CA GLY F 99 -17.86 -36.89 1.89
C GLY F 99 -16.95 -38.05 2.27
N GLN F 100 -16.14 -38.53 1.30
CA GLN F 100 -15.21 -39.64 1.52
C GLN F 100 -14.09 -39.33 2.52
N GLY F 101 -13.71 -38.06 2.62
CA GLY F 101 -12.67 -37.59 3.53
C GLY F 101 -11.38 -37.13 2.87
N THR F 102 -10.55 -36.41 3.64
CA THR F 102 -9.25 -35.87 3.21
C THR F 102 -8.26 -36.03 4.35
N LYS F 103 -7.28 -36.93 4.20
CA LYS F 103 -6.24 -37.17 5.20
C LYS F 103 -5.13 -36.14 5.01
N LEU F 104 -4.81 -35.38 6.08
CA LEU F 104 -3.77 -34.35 6.04
C LEU F 104 -2.48 -34.86 6.65
N GLU F 105 -1.54 -35.19 5.74
CA GLU F 105 -0.23 -35.80 5.96
C GLU F 105 0.92 -34.76 6.04
N ILE F 106 1.85 -34.96 7.00
CA ILE F 106 3.02 -34.08 7.19
C ILE F 106 4.11 -34.41 6.16
N LYS F 107 4.55 -33.39 5.41
CA LYS F 107 5.55 -33.49 4.36
C LYS F 107 6.97 -33.48 4.90
N ARG F 108 7.78 -34.41 4.41
CA ARG F 108 9.20 -34.61 4.73
C ARG F 108 9.97 -35.03 3.46
N THR F 109 11.30 -35.15 3.57
CA THR F 109 12.18 -35.55 2.45
C THR F 109 11.93 -37.00 2.03
N VAL F 110 11.97 -37.27 0.71
CA VAL F 110 11.75 -38.59 0.10
C VAL F 110 12.72 -39.64 0.66
N ALA F 111 12.19 -40.64 1.37
CA ALA F 111 12.97 -41.70 2.01
C ALA F 111 12.68 -43.08 1.40
N ALA F 112 13.74 -43.77 0.96
CA ALA F 112 13.66 -45.10 0.34
C ALA F 112 13.36 -46.19 1.39
N PRO F 113 12.52 -47.21 1.06
CA PRO F 113 12.24 -48.25 2.07
C PRO F 113 13.32 -49.32 2.21
N SER F 114 13.40 -49.94 3.39
CA SER F 114 14.31 -51.04 3.69
C SER F 114 13.48 -52.33 3.60
N VAL F 115 13.65 -53.07 2.48
CA VAL F 115 12.89 -54.29 2.17
C VAL F 115 13.49 -55.55 2.82
N PHE F 116 12.63 -56.36 3.46
CA PHE F 116 12.99 -57.61 4.16
C PHE F 116 11.96 -58.72 3.90
N ILE F 117 12.44 -59.93 3.53
CA ILE F 117 11.61 -61.10 3.24
C ILE F 117 11.67 -62.11 4.42
N PHE F 118 10.52 -62.73 4.77
CA PHE F 118 10.42 -63.70 5.86
C PHE F 118 9.74 -65.01 5.43
N PRO F 119 10.45 -66.15 5.49
CA PRO F 119 9.80 -67.42 5.11
C PRO F 119 8.90 -67.96 6.22
N PRO F 120 7.90 -68.84 5.92
CA PRO F 120 7.05 -69.36 7.00
C PRO F 120 7.80 -70.32 7.93
N SER F 121 7.52 -70.20 9.26
CA SER F 121 8.16 -71.01 10.30
C SER F 121 7.78 -72.50 10.24
N ASP F 122 8.57 -73.36 10.91
CA ASP F 122 8.33 -74.80 10.96
C ASP F 122 7.08 -75.18 11.79
N GLU F 123 6.69 -74.30 12.73
CA GLU F 123 5.50 -74.44 13.58
C GLU F 123 4.23 -74.17 12.76
N GLN F 124 4.34 -73.23 11.80
CA GLN F 124 3.26 -72.78 10.91
C GLN F 124 2.85 -73.85 9.90
N LEU F 125 3.83 -74.54 9.29
CA LEU F 125 3.61 -75.60 8.29
C LEU F 125 2.87 -76.80 8.88
N LYS F 126 3.04 -77.06 10.19
CA LYS F 126 2.41 -78.14 10.93
C LYS F 126 0.88 -77.99 10.99
N SER F 127 0.38 -76.73 10.89
CA SER F 127 -1.06 -76.41 10.88
C SER F 127 -1.65 -76.33 9.46
N GLY F 128 -0.82 -76.67 8.47
CA GLY F 128 -1.19 -76.69 7.05
C GLY F 128 -1.44 -75.34 6.39
N THR F 129 -0.76 -74.29 6.89
CA THR F 129 -0.88 -72.92 6.36
C THR F 129 0.50 -72.25 6.30
N ALA F 130 0.78 -71.53 5.21
CA ALA F 130 2.04 -70.82 5.00
C ALA F 130 1.83 -69.35 4.67
N SER F 131 2.62 -68.46 5.30
CA SER F 131 2.55 -67.02 5.09
C SER F 131 3.95 -66.43 4.93
N VAL F 132 4.17 -65.68 3.82
CA VAL F 132 5.43 -65.01 3.52
C VAL F 132 5.19 -63.50 3.65
N VAL F 133 5.86 -62.88 4.64
CA VAL F 133 5.73 -61.45 4.95
C VAL F 133 6.86 -60.64 4.30
N CYS F 134 6.49 -59.60 3.54
CA CYS F 134 7.43 -58.69 2.90
C CYS F 134 7.36 -57.34 3.61
N LEU F 135 8.51 -56.84 4.07
CA LEU F 135 8.61 -55.59 4.84
C LEU F 135 9.05 -54.39 3.99
N LEU F 136 8.64 -53.19 4.42
CA LEU F 136 8.97 -51.89 3.83
C LEU F 136 9.13 -50.92 4.99
N ASN F 137 10.27 -51.02 5.69
CA ASN F 137 10.59 -50.25 6.89
C ASN F 137 10.95 -48.79 6.62
N ASN F 138 10.28 -47.88 7.37
CA ASN F 138 10.42 -46.42 7.41
C ASN F 138 10.71 -45.74 6.06
N PHE F 139 9.63 -45.37 5.34
CA PHE F 139 9.71 -44.72 4.02
C PHE F 139 8.78 -43.52 3.85
N TYR F 140 9.01 -42.74 2.78
CA TYR F 140 8.21 -41.57 2.39
C TYR F 140 8.33 -41.32 0.86
N PRO F 141 7.21 -41.08 0.13
CA PRO F 141 5.80 -41.00 0.58
C PRO F 141 5.10 -42.36 0.68
N ARG F 142 3.77 -42.34 0.87
CA ARG F 142 2.91 -43.52 0.98
C ARG F 142 2.90 -44.38 -0.29
N GLU F 143 2.94 -43.74 -1.48
CA GLU F 143 2.91 -44.36 -2.81
C GLU F 143 3.95 -45.46 -3.00
N ALA F 144 3.51 -46.73 -2.88
CA ALA F 144 4.35 -47.93 -3.02
C ALA F 144 3.52 -49.15 -3.43
N LYS F 145 3.96 -49.86 -4.48
CA LYS F 145 3.31 -51.07 -4.99
C LYS F 145 4.16 -52.31 -4.73
N VAL F 146 3.52 -53.38 -4.20
CA VAL F 146 4.18 -54.65 -3.88
C VAL F 146 3.70 -55.76 -4.82
N GLN F 147 4.65 -56.43 -5.49
CA GLN F 147 4.41 -57.54 -6.41
C GLN F 147 4.99 -58.82 -5.83
N TRP F 148 4.49 -59.99 -6.29
CA TRP F 148 4.96 -61.30 -5.80
C TRP F 148 5.38 -62.20 -6.96
N LYS F 149 6.61 -62.74 -6.90
CA LYS F 149 7.15 -63.61 -7.95
C LYS F 149 7.45 -65.04 -7.45
N VAL F 150 6.39 -65.88 -7.37
CA VAL F 150 6.46 -67.29 -6.97
C VAL F 150 6.92 -68.05 -8.21
N ASP F 151 8.23 -68.45 -8.23
CA ASP F 151 8.91 -69.12 -9.36
C ASP F 151 8.80 -68.27 -10.65
N ASN F 152 8.87 -66.92 -10.49
CA ASN F 152 8.78 -65.89 -11.53
C ASN F 152 7.37 -65.86 -12.18
N ALA F 153 6.32 -65.81 -11.33
CA ALA F 153 4.91 -65.74 -11.72
C ALA F 153 4.11 -64.87 -10.73
N LEU F 154 3.32 -63.93 -11.27
CA LEU F 154 2.51 -62.95 -10.51
C LEU F 154 1.35 -63.57 -9.72
N GLN F 155 0.99 -62.93 -8.58
CA GLN F 155 -0.12 -63.33 -7.69
C GLN F 155 -1.15 -62.21 -7.68
N SER F 156 -2.45 -62.58 -7.65
CA SER F 156 -3.54 -61.60 -7.69
C SER F 156 -4.26 -61.36 -6.35
N GLY F 157 -4.95 -62.37 -5.83
CA GLY F 157 -5.70 -62.28 -4.58
C GLY F 157 -5.24 -63.24 -3.50
N ASN F 158 -3.95 -63.14 -3.12
CA ASN F 158 -3.34 -63.98 -2.08
C ASN F 158 -2.75 -63.11 -0.97
N SER F 159 -2.33 -61.88 -1.32
CA SER F 159 -1.71 -60.93 -0.40
C SER F 159 -2.65 -59.84 0.09
N GLN F 160 -2.44 -59.39 1.34
CA GLN F 160 -3.18 -58.30 2.00
C GLN F 160 -2.14 -57.34 2.60
N GLU F 161 -2.17 -56.06 2.18
CA GLU F 161 -1.21 -55.04 2.62
C GLU F 161 -1.70 -54.24 3.82
N SER F 162 -0.93 -54.28 4.93
CA SER F 162 -1.23 -53.58 6.18
C SER F 162 -0.22 -52.46 6.40
N VAL F 163 -0.69 -51.21 6.49
CA VAL F 163 0.16 -50.03 6.69
C VAL F 163 -0.13 -49.35 8.06
N THR F 164 0.92 -48.75 8.67
CA THR F 164 0.81 -48.04 9.95
C THR F 164 0.70 -46.53 9.71
N GLU F 165 0.25 -45.79 10.72
CA GLU F 165 0.15 -44.32 10.64
C GLU F 165 1.55 -43.72 10.78
N GLN F 166 1.72 -42.46 10.36
CA GLN F 166 3.01 -41.73 10.45
C GLN F 166 3.51 -41.65 11.89
N ASP F 167 4.77 -42.03 12.11
CA ASP F 167 5.40 -42.01 13.44
C ASP F 167 5.55 -40.57 13.94
N SER F 168 5.25 -40.36 15.24
CA SER F 168 5.28 -39.06 15.93
C SER F 168 6.61 -38.32 15.83
N LYS F 169 7.70 -39.05 15.54
CA LYS F 169 9.06 -38.50 15.45
C LYS F 169 9.55 -38.28 14.01
N ASP F 170 9.82 -39.37 13.25
CA ASP F 170 10.37 -39.36 11.90
C ASP F 170 9.40 -39.00 10.78
N SER F 171 8.09 -39.28 10.96
CA SER F 171 7.00 -39.06 10.00
C SER F 171 7.13 -39.95 8.75
N THR F 172 7.45 -41.25 8.98
CA THR F 172 7.62 -42.25 7.92
C THR F 172 6.58 -43.38 8.02
N TYR F 173 6.39 -44.13 6.92
CA TYR F 173 5.46 -45.25 6.81
C TYR F 173 6.15 -46.61 6.92
N SER F 174 5.36 -47.67 7.17
CA SER F 174 5.79 -49.06 7.25
C SER F 174 4.69 -49.96 6.70
N LEU F 175 5.02 -50.83 5.72
CA LEU F 175 4.07 -51.71 5.04
C LEU F 175 4.27 -53.19 5.39
N SER F 176 3.17 -53.97 5.34
CA SER F 176 3.14 -55.41 5.66
C SER F 176 2.31 -56.19 4.63
N SER F 177 2.97 -56.68 3.56
CA SER F 177 2.35 -57.47 2.50
C SER F 177 2.51 -58.96 2.83
N THR F 178 1.44 -59.60 3.33
CA THR F 178 1.45 -60.99 3.74
C THR F 178 0.76 -61.91 2.70
N LEU F 179 1.56 -62.67 1.93
CA LEU F 179 1.07 -63.61 0.93
C LEU F 179 0.79 -64.95 1.62
N THR F 180 -0.49 -65.34 1.68
CA THR F 180 -0.95 -66.57 2.34
C THR F 180 -1.28 -67.67 1.33
N LEU F 181 -0.73 -68.88 1.56
CA LEU F 181 -0.93 -70.07 0.73
C LEU F 181 -0.97 -71.35 1.58
N SER F 182 -1.47 -72.46 1.01
CA SER F 182 -1.54 -73.77 1.67
C SER F 182 -0.15 -74.41 1.80
N LYS F 183 -0.03 -75.44 2.68
CA LYS F 183 1.20 -76.19 2.91
C LYS F 183 1.62 -76.97 1.66
N ALA F 184 0.63 -77.38 0.84
CA ALA F 184 0.83 -78.11 -0.41
C ALA F 184 1.47 -77.25 -1.49
N ASP F 185 0.90 -76.04 -1.73
CA ASP F 185 1.34 -75.06 -2.74
C ASP F 185 2.73 -74.51 -2.44
N TYR F 186 3.08 -74.39 -1.14
CA TYR F 186 4.38 -73.90 -0.68
C TYR F 186 5.51 -74.89 -0.99
N GLU F 187 5.26 -76.20 -0.79
CA GLU F 187 6.24 -77.27 -1.03
C GLU F 187 6.46 -77.54 -2.52
N LYS F 188 5.49 -77.17 -3.38
CA LYS F 188 5.54 -77.34 -4.84
C LYS F 188 6.64 -76.49 -5.50
N HIS F 189 6.76 -75.21 -5.07
CA HIS F 189 7.72 -74.24 -5.59
C HIS F 189 8.91 -74.02 -4.65
N LYS F 190 10.01 -73.45 -5.18
CA LYS F 190 11.25 -73.20 -4.41
C LYS F 190 11.67 -71.73 -4.35
N VAL F 191 11.55 -70.98 -5.46
CA VAL F 191 11.92 -69.56 -5.52
C VAL F 191 10.73 -68.64 -5.17
N TYR F 192 10.87 -67.87 -4.09
CA TYR F 192 9.85 -66.93 -3.60
C TYR F 192 10.43 -65.51 -3.48
N ALA F 193 9.99 -64.61 -4.38
CA ALA F 193 10.46 -63.23 -4.46
C ALA F 193 9.39 -62.18 -4.17
N CYS F 194 9.86 -60.99 -3.75
CA CYS F 194 9.04 -59.82 -3.45
C CYS F 194 9.66 -58.58 -4.12
N GLU F 195 8.90 -57.92 -5.01
CA GLU F 195 9.35 -56.73 -5.73
C GLU F 195 8.69 -55.47 -5.17
N VAL F 196 9.52 -54.45 -4.85
CA VAL F 196 9.09 -53.17 -4.29
C VAL F 196 9.39 -52.03 -5.27
N THR F 197 8.34 -51.29 -5.68
CA THR F 197 8.44 -50.17 -6.61
C THR F 197 8.01 -48.87 -5.89
N HIS F 198 9.02 -48.15 -5.34
CA HIS F 198 8.83 -46.90 -4.60
C HIS F 198 9.47 -45.70 -5.30
N GLN F 199 8.91 -44.50 -5.07
CA GLN F 199 9.35 -43.21 -5.63
C GLN F 199 10.82 -42.89 -5.27
N GLY F 200 11.23 -43.24 -4.05
CA GLY F 200 12.58 -43.02 -3.54
C GLY F 200 13.62 -44.02 -4.03
N LEU F 201 13.22 -44.97 -4.88
CA LEU F 201 14.09 -45.99 -5.45
C LEU F 201 14.25 -45.78 -6.96
N SER F 202 15.50 -45.73 -7.44
CA SER F 202 15.84 -45.56 -8.85
C SER F 202 15.50 -46.82 -9.64
N SER F 203 16.00 -47.98 -9.16
CA SER F 203 15.76 -49.30 -9.75
C SER F 203 14.92 -50.12 -8.74
N PRO F 204 13.64 -50.47 -9.06
CA PRO F 204 12.82 -51.23 -8.10
C PRO F 204 13.49 -52.51 -7.57
N VAL F 205 13.84 -52.48 -6.27
CA VAL F 205 14.53 -53.55 -5.54
C VAL F 205 13.67 -54.80 -5.39
N THR F 206 14.29 -55.99 -5.62
CA THR F 206 13.65 -57.30 -5.49
C THR F 206 14.39 -58.12 -4.42
N LYS F 207 13.64 -58.66 -3.45
CA LYS F 207 14.17 -59.47 -2.35
C LYS F 207 13.59 -60.89 -2.45
N SER F 208 14.47 -61.91 -2.45
CA SER F 208 14.08 -63.31 -2.62
C SER F 208 14.72 -64.31 -1.64
N PHE F 209 14.24 -65.57 -1.67
CA PHE F 209 14.72 -66.72 -0.88
C PHE F 209 14.44 -68.05 -1.59
N ASN F 210 15.20 -69.10 -1.25
CA ASN F 210 15.03 -70.44 -1.82
C ASN F 210 14.71 -71.47 -0.75
N ARG F 211 13.54 -72.12 -0.85
CA ARG F 211 13.04 -73.15 0.06
C ARG F 211 13.92 -74.40 -0.01
ZN ZN G . 6.58 20.11 -27.22
ZN ZN H . 7.19 22.62 -25.39
MG MG I . 33.04 32.67 -26.38
ZN ZN J . -35.27 3.61 7.33
ZN ZN K . -35.76 1.15 5.39
MG MG L . -46.73 -21.15 17.59
#